data_8JN2
#
_entry.id   8JN2
#
_cell.length_a   1.00
_cell.length_b   1.00
_cell.length_c   1.00
_cell.angle_alpha   90.00
_cell.angle_beta   90.00
_cell.angle_gamma   90.00
#
_symmetry.space_group_name_H-M   'P 1'
#
loop_
_entity.id
_entity.type
_entity.pdbx_description
1 polymer 'Envelope protein'
2 polymer 'Membrane protein'
3 polymer 'Human antibody DENV-115 heavy chain'
4 polymer 'Human antibody DENV-115 light chain'
5 branched beta-D-mannopyranose-(1-4)-2-acetamido-2-deoxy-beta-D-glucopyranose-(1-4)-2-acetamido-2-deoxy-beta-D-glucopyranose
6 branched 2-acetamido-2-deoxy-beta-D-glucopyranose-(1-4)-2-acetamido-2-deoxy-beta-D-glucopyranose
#
loop_
_entity_poly.entity_id
_entity_poly.type
_entity_poly.pdbx_seq_one_letter_code
_entity_poly.pdbx_strand_id
1 'polypeptide(L)'
;MRCVGVGNRDFVEGLSGATWVDVVLEHGGCVTTMAKNKPTLDIELQKTEATQLATLRKLCIEGKITNITTDSRCPTQGEA
VLPEEQDQNYVCKHTYVDRGWGNGCGLFGKGSLVTCAKFQCLEPIEGKVVQYENLKYTVIITVHTGDQHQVGNETQGVTA
EITPQASTTEAILPEYGTLGLECSPRTGLDFNEMILLTMKNKAWMVHRQWFFDLPLPWASGATTETPTWNRKELLVTFKN
AHAKKQEVVVLGSQEGAMHTALTGATEIQNSGGTSIFAGHLKCRLKMDKLELKGMSYAMCTNTFVLKKEVSETQHGTILI
KVEYKGEDAPCKIPFSTEDGQGKAHNGRLITANPVVTKKEEPVNIEAEPPFGESNIVIGIGDNALKINWYKKGSSIGKMF
EATARGARRMAILGDTAWDFGSVGGVLNSLGKMVHQIFGSAYTALFSGVSWVMKIGIGVLLTWIGLNSKNTSMSFSCIAI
GIITLYLGAVVQA
;
A,C,E
2 'polypeptide(L)' SVALAPHVGMGLDTRTQTWMSAEGAWRQVEKVETWALRHPGFTILALFLAHYIGTSLTQKVVIFILLMLVTPSMT B,D,F
3 'polypeptide(L)'
;QVQLVQSGAEVKKPGAPVKVSCEASGYTFTDYFIHWVRQAPGQGLEWMGWINPISGGTNYHPRFHGGVTMTRDTSMKVAY
MELKRLTSDDTAVYFCARGRDFRGGYSQLDYWGQGTLVTVSS
;
H
4 'polypeptide(L)'
;QSVLTQPPSASGTPGQRVTISCSGGSSNIAINTVNWYQQVPGTAPKLLMYSNNQRPSGVPDRFSGSKSGTSASLAISGLQ
SEDEADYYCATWDDSLKDVLFGGGTKLTVL
;
L
#
loop_
_chem_comp.id
_chem_comp.type
_chem_comp.name
_chem_comp.formula
BMA D-saccharide, beta linking beta-D-mannopyranose 'C6 H12 O6'
NAG D-saccharide, beta linking 2-acetamido-2-deoxy-beta-D-glucopyranose 'C8 H15 N O6'
#
# COMPACT_ATOMS: atom_id res chain seq x y z
N MET A 1 53.16 1.14 -40.08
CA MET A 1 54.37 1.27 -39.27
C MET A 1 54.04 1.06 -37.80
N ARG A 2 53.02 1.79 -37.32
CA ARG A 2 52.50 1.52 -35.98
C ARG A 2 51.91 0.12 -35.91
N CYS A 3 51.62 -0.47 -37.07
CA CYS A 3 50.98 -1.77 -37.13
C CYS A 3 51.17 -2.37 -38.51
N VAL A 4 51.71 -3.59 -38.54
CA VAL A 4 51.77 -4.39 -39.75
C VAL A 4 51.44 -5.83 -39.39
N GLY A 5 50.57 -6.45 -40.18
CA GLY A 5 50.20 -7.82 -39.94
C GLY A 5 49.33 -8.05 -38.73
N VAL A 6 48.66 -7.01 -38.22
CA VAL A 6 47.80 -7.20 -37.06
C VAL A 6 46.62 -8.11 -37.41
N GLY A 7 46.22 -8.13 -38.68
CA GLY A 7 45.13 -8.96 -39.14
C GLY A 7 43.89 -8.20 -39.57
N ASN A 8 43.54 -7.13 -38.89
CA ASN A 8 42.40 -6.31 -39.28
C ASN A 8 42.80 -4.97 -39.86
N ARG A 9 44.09 -4.67 -39.98
CA ARG A 9 44.50 -3.41 -40.57
C ARG A 9 43.98 -3.32 -41.99
N ASP A 10 43.38 -2.19 -42.33
CA ASP A 10 42.75 -2.04 -43.64
C ASP A 10 42.93 -0.63 -44.17
N PHE A 11 43.35 -0.53 -45.42
CA PHE A 11 43.63 0.76 -46.05
C PHE A 11 42.35 1.53 -46.28
N VAL A 12 42.49 2.86 -46.30
CA VAL A 12 41.40 3.76 -46.70
C VAL A 12 41.96 4.86 -47.58
N GLU A 13 41.64 4.80 -48.88
CA GLU A 13 42.12 5.77 -49.86
C GLU A 13 41.00 6.74 -50.20
N GLY A 14 40.81 7.71 -49.31
CA GLY A 14 39.71 8.64 -49.45
C GLY A 14 40.22 10.06 -49.61
N LEU A 15 39.74 10.72 -50.66
CA LEU A 15 40.04 12.13 -50.92
C LEU A 15 38.73 12.81 -51.26
N SER A 16 38.02 13.27 -50.23
CA SER A 16 36.73 13.92 -50.45
C SER A 16 36.92 15.43 -50.64
N GLY A 17 35.81 16.11 -50.92
CA GLY A 17 35.83 17.56 -51.00
C GLY A 17 36.26 18.15 -49.69
N ALA A 18 37.20 19.11 -49.74
CA ALA A 18 37.88 19.70 -48.59
C ALA A 18 38.77 18.68 -47.88
N THR A 19 38.93 17.48 -48.45
CA THR A 19 39.88 16.48 -47.98
C THR A 19 39.64 16.09 -46.51
N TRP A 20 38.45 15.58 -46.24
CA TRP A 20 38.13 14.98 -44.96
C TRP A 20 37.53 13.60 -45.23
N VAL A 21 38.09 12.58 -44.58
CA VAL A 21 37.64 11.20 -44.76
C VAL A 21 37.25 10.67 -43.39
N ASP A 22 36.12 9.96 -43.34
CA ASP A 22 35.60 9.46 -42.07
C ASP A 22 35.99 8.01 -41.91
N VAL A 23 36.73 7.71 -40.84
CA VAL A 23 37.10 6.35 -40.49
C VAL A 23 36.62 6.09 -39.07
N VAL A 24 35.99 4.94 -38.87
CA VAL A 24 35.58 4.52 -37.53
C VAL A 24 36.57 3.50 -36.99
N LEU A 25 37.59 3.99 -36.30
CA LEU A 25 38.71 3.15 -35.88
C LEU A 25 38.31 2.37 -34.63
N GLU A 26 38.20 1.06 -34.78
CA GLU A 26 37.87 0.21 -33.65
C GLU A 26 39.12 -0.10 -32.84
N HIS A 27 38.91 -0.55 -31.60
CA HIS A 27 40.03 -0.76 -30.69
C HIS A 27 40.87 -1.96 -31.08
N GLY A 28 40.30 -2.93 -31.76
CA GLY A 28 41.04 -4.15 -32.05
C GLY A 28 42.23 -3.90 -32.94
N GLY A 29 42.09 -3.00 -33.91
CA GLY A 29 43.15 -2.83 -34.87
C GLY A 29 43.15 -1.44 -35.49
N CYS A 30 44.24 -1.15 -36.18
CA CYS A 30 44.49 0.18 -36.69
C CYS A 30 43.85 0.37 -38.05
N VAL A 31 44.03 1.56 -38.60
CA VAL A 31 43.73 1.84 -39.99
C VAL A 31 44.96 2.50 -40.62
N THR A 32 45.09 2.35 -41.94
CA THR A 32 46.14 3.00 -42.70
C THR A 32 45.50 3.90 -43.75
N THR A 33 45.96 5.14 -43.82
CA THR A 33 45.33 6.15 -44.67
C THR A 33 46.32 6.55 -45.76
N MET A 34 46.26 5.83 -46.88
CA MET A 34 47.01 6.26 -48.05
C MET A 34 46.24 7.35 -48.78
N ALA A 35 46.93 8.44 -49.11
CA ALA A 35 46.31 9.57 -49.78
C ALA A 35 47.24 10.08 -50.86
N LYS A 36 46.65 10.76 -51.84
CA LYS A 36 47.42 11.30 -52.96
C LYS A 36 48.13 12.58 -52.53
N ASN A 37 49.45 12.59 -52.68
CA ASN A 37 50.28 13.74 -52.33
C ASN A 37 50.12 14.15 -50.87
N LYS A 38 49.96 13.17 -49.99
CA LYS A 38 49.86 13.36 -48.55
C LYS A 38 50.69 12.29 -47.86
N PRO A 39 51.17 12.55 -46.65
CA PRO A 39 51.89 11.50 -45.93
C PRO A 39 50.93 10.45 -45.43
N THR A 40 51.23 9.18 -45.71
CA THR A 40 50.30 8.09 -45.41
C THR A 40 50.24 7.90 -43.91
N LEU A 41 49.14 8.32 -43.31
CA LEU A 41 49.02 8.33 -41.86
C LEU A 41 48.53 6.98 -41.36
N ASP A 42 49.14 6.50 -40.28
CA ASP A 42 48.75 5.25 -39.66
C ASP A 42 48.23 5.55 -38.25
N ILE A 43 47.01 5.12 -37.97
CA ILE A 43 46.29 5.48 -36.75
C ILE A 43 45.79 4.21 -36.09
N GLU A 44 46.10 4.05 -34.80
CA GLU A 44 45.58 2.95 -34.01
C GLU A 44 45.06 3.49 -32.69
N LEU A 45 43.97 2.91 -32.20
CA LEU A 45 43.42 3.34 -30.92
C LEU A 45 44.26 2.79 -29.78
N GLN A 46 44.56 3.64 -28.80
CA GLN A 46 45.31 3.24 -27.63
C GLN A 46 44.36 3.10 -26.43
N LYS A 47 44.95 2.99 -25.24
CA LYS A 47 44.19 2.79 -24.02
C LYS A 47 43.07 3.83 -23.87
N THR A 48 41.89 3.37 -23.47
CA THR A 48 40.73 4.23 -23.30
C THR A 48 40.34 4.27 -21.83
N GLU A 49 41.00 5.14 -21.08
CA GLU A 49 40.72 5.23 -19.65
C GLU A 49 39.38 5.92 -19.40
N ALA A 50 38.86 5.72 -18.19
CA ALA A 50 37.65 6.40 -17.70
C ALA A 50 37.72 6.36 -16.17
N THR A 51 38.08 7.49 -15.58
CA THR A 51 38.37 7.50 -14.15
C THR A 51 37.23 8.12 -13.36
N GLN A 52 37.39 8.09 -12.03
CA GLN A 52 36.44 8.67 -11.09
C GLN A 52 35.06 8.03 -11.23
N LEU A 53 34.99 6.75 -10.88
CA LEU A 53 33.77 5.98 -11.05
C LEU A 53 32.84 6.14 -9.85
N ALA A 54 31.54 6.00 -10.12
CA ALA A 54 30.51 6.06 -9.09
C ALA A 54 30.00 4.66 -8.80
N THR A 55 29.86 4.32 -7.52
CA THR A 55 29.64 2.94 -7.11
C THR A 55 28.31 2.40 -7.60
N LEU A 56 27.25 3.21 -7.52
CA LEU A 56 25.87 2.75 -7.78
C LEU A 56 25.64 1.60 -6.80
N ARG A 57 25.13 0.46 -7.21
CA ARG A 57 24.77 -0.61 -6.29
C ARG A 57 25.84 -1.70 -6.31
N LYS A 58 26.13 -2.26 -5.15
CA LYS A 58 27.02 -3.40 -4.99
C LYS A 58 26.24 -4.59 -4.49
N LEU A 59 26.75 -5.79 -4.78
CA LEU A 59 26.10 -7.02 -4.36
C LEU A 59 27.15 -8.05 -3.98
N CYS A 60 26.81 -8.88 -3.00
CA CYS A 60 27.76 -9.76 -2.33
C CYS A 60 27.67 -11.17 -2.88
N ILE A 61 28.73 -11.95 -2.66
CA ILE A 61 28.78 -13.32 -3.15
C ILE A 61 28.94 -14.32 -2.02
N GLU A 62 29.80 -14.04 -1.04
CA GLU A 62 29.93 -14.94 0.09
C GLU A 62 29.29 -14.32 1.34
N GLY A 63 28.60 -15.15 2.11
CA GLY A 63 27.90 -14.68 3.29
C GLY A 63 28.29 -15.48 4.52
N LYS A 64 27.98 -14.91 5.67
CA LYS A 64 28.26 -15.53 6.95
C LYS A 64 27.05 -15.36 7.84
N ILE A 65 26.77 -16.36 8.67
CA ILE A 65 25.56 -16.42 9.48
C ILE A 65 25.94 -16.55 10.95
N THR A 66 25.35 -15.72 11.81
CA THR A 66 25.59 -15.77 13.24
C THR A 66 24.28 -15.51 13.98
N ASN A 67 24.28 -15.80 15.28
CA ASN A 67 23.19 -15.47 16.19
C ASN A 67 21.88 -16.11 15.76
N ILE A 68 21.84 -17.44 15.86
CA ILE A 68 20.62 -18.16 15.54
C ILE A 68 19.61 -18.01 16.66
N THR A 69 18.36 -17.74 16.29
CA THR A 69 17.27 -17.64 17.24
C THR A 69 16.06 -18.37 16.67
N THR A 70 15.14 -18.75 17.55
CA THR A 70 14.01 -19.59 17.14
C THR A 70 12.95 -19.61 18.22
N ASP A 71 11.69 -19.42 17.81
CA ASP A 71 10.55 -19.67 18.68
C ASP A 71 9.49 -20.44 17.92
N SER A 72 8.57 -21.05 18.66
CA SER A 72 7.53 -21.87 18.06
C SER A 72 6.24 -21.72 18.85
N ARG A 73 5.13 -22.07 18.21
CA ARG A 73 3.82 -21.95 18.81
C ARG A 73 3.12 -23.31 18.77
N CYS A 74 2.11 -23.45 19.62
CA CYS A 74 1.27 -24.63 19.56
C CYS A 74 0.47 -24.62 18.26
N PRO A 75 0.03 -25.78 17.78
CA PRO A 75 -0.46 -25.89 16.41
C PRO A 75 -1.54 -24.90 16.01
N THR A 76 -2.50 -24.61 16.89
CA THR A 76 -3.58 -23.72 16.52
C THR A 76 -3.34 -22.26 16.92
N GLN A 77 -2.20 -21.95 17.53
CA GLN A 77 -1.94 -20.58 17.97
C GLN A 77 -1.66 -19.63 16.82
N GLY A 78 -1.37 -20.14 15.63
CA GLY A 78 -1.06 -19.30 14.49
C GLY A 78 0.42 -19.21 14.22
N GLU A 79 0.80 -18.09 13.61
CA GLU A 79 2.19 -17.85 13.27
C GLU A 79 3.02 -17.58 14.53
N ALA A 80 4.34 -17.58 14.34
CA ALA A 80 5.29 -17.23 15.38
C ALA A 80 6.17 -16.10 14.88
N VAL A 81 6.45 -15.14 15.76
CA VAL A 81 7.25 -13.98 15.41
C VAL A 81 8.36 -13.82 16.44
N LEU A 82 9.57 -13.60 15.96
CA LEU A 82 10.64 -13.27 16.87
C LEU A 82 10.82 -11.76 16.94
N PRO A 83 11.16 -11.23 18.12
CA PRO A 83 11.25 -9.77 18.26
C PRO A 83 12.31 -9.15 17.37
N GLU A 84 13.24 -9.94 16.85
CA GLU A 84 14.32 -9.42 16.03
C GLU A 84 14.04 -9.55 14.54
N GLU A 85 12.80 -9.85 14.14
CA GLU A 85 12.52 -10.07 12.72
C GLU A 85 12.58 -8.77 11.93
N GLN A 86 12.21 -7.64 12.52
CA GLN A 86 12.15 -6.40 11.77
C GLN A 86 13.51 -5.86 11.37
N ASP A 87 14.59 -6.35 11.98
CA ASP A 87 15.92 -5.91 11.60
C ASP A 87 16.20 -6.31 10.16
N GLN A 88 16.73 -5.36 9.38
CA GLN A 88 17.08 -5.67 7.99
C GLN A 88 18.26 -6.62 7.90
N ASN A 89 18.99 -6.83 8.99
CA ASN A 89 20.13 -7.75 8.97
C ASN A 89 19.73 -9.19 9.21
N TYR A 90 18.47 -9.46 9.49
CA TYR A 90 18.03 -10.79 9.84
C TYR A 90 17.21 -11.41 8.71
N VAL A 91 17.50 -12.68 8.42
CA VAL A 91 16.77 -13.42 7.41
C VAL A 91 15.78 -14.35 8.10
N CYS A 92 14.52 -14.29 7.69
CA CYS A 92 13.48 -15.06 8.36
C CYS A 92 12.72 -15.93 7.37
N LYS A 93 12.18 -17.04 7.87
CA LYS A 93 11.38 -17.93 7.05
C LYS A 93 10.45 -18.72 7.96
N HIS A 94 9.22 -18.93 7.49
CA HIS A 94 8.21 -19.62 8.26
C HIS A 94 8.03 -21.03 7.70
N THR A 95 7.99 -22.00 8.61
CA THR A 95 7.78 -23.39 8.23
C THR A 95 6.93 -24.06 9.28
N TYR A 96 6.26 -25.13 8.88
CA TYR A 96 5.35 -25.80 9.79
C TYR A 96 6.00 -27.04 10.38
N VAL A 97 5.99 -27.12 11.70
CA VAL A 97 6.64 -28.18 12.45
C VAL A 97 5.61 -28.82 13.37
N ASP A 98 5.65 -30.14 13.47
CA ASP A 98 4.72 -30.87 14.31
C ASP A 98 5.16 -30.80 15.77
N ARG A 99 4.26 -30.33 16.62
CA ARG A 99 4.54 -30.17 18.04
C ARG A 99 3.63 -31.07 18.86
N GLY A 100 4.08 -31.39 20.07
CA GLY A 100 3.31 -32.28 20.91
C GLY A 100 3.84 -32.29 22.33
N TRP A 101 3.32 -33.24 23.11
CA TRP A 101 3.69 -33.31 24.53
C TRP A 101 5.18 -33.57 24.70
N GLY A 102 5.82 -34.21 23.71
CA GLY A 102 7.26 -34.33 23.74
C GLY A 102 7.97 -33.01 23.50
N ASN A 103 7.29 -32.05 22.87
CA ASN A 103 7.83 -30.72 22.65
C ASN A 103 7.25 -29.69 23.61
N GLY A 104 6.59 -30.14 24.68
CA GLY A 104 6.04 -29.22 25.67
C GLY A 104 4.90 -28.37 25.17
N CYS A 105 4.00 -28.94 24.38
CA CYS A 105 2.78 -28.27 23.95
C CYS A 105 1.59 -29.17 24.21
N GLY A 106 0.56 -28.62 24.84
CA GLY A 106 -0.56 -29.44 25.27
C GLY A 106 -1.36 -30.02 24.11
N LEU A 107 -1.48 -29.28 23.02
CA LEU A 107 -2.33 -29.65 21.89
C LEU A 107 -1.45 -30.22 20.79
N PHE A 108 -1.76 -31.42 20.33
CA PHE A 108 -1.00 -32.04 19.26
C PHE A 108 -1.37 -31.42 17.92
N GLY A 109 -0.45 -31.49 16.97
CA GLY A 109 -0.69 -30.95 15.64
C GLY A 109 0.58 -30.33 15.08
N LYS A 110 0.39 -29.47 14.09
CA LYS A 110 1.48 -28.79 13.40
C LYS A 110 1.43 -27.31 13.72
N GLY A 111 2.48 -26.79 14.33
CA GLY A 111 2.60 -25.37 14.64
C GLY A 111 3.66 -24.72 13.77
N SER A 112 3.57 -23.41 13.62
CA SER A 112 4.52 -22.70 12.79
C SER A 112 5.87 -22.56 13.50
N LEU A 113 6.92 -22.41 12.70
CA LEU A 113 8.27 -22.26 13.19
C LEU A 113 8.98 -21.19 12.37
N VAL A 114 9.91 -20.48 13.00
CA VAL A 114 10.65 -19.42 12.33
C VAL A 114 12.08 -19.39 12.87
N THR A 115 13.00 -18.95 12.02
CA THR A 115 14.41 -18.82 12.39
C THR A 115 14.93 -17.47 11.90
N CYS A 116 16.00 -17.02 12.56
CA CYS A 116 16.61 -15.74 12.22
C CYS A 116 18.11 -15.93 12.12
N ALA A 117 18.78 -14.95 11.52
CA ALA A 117 20.23 -15.04 11.33
C ALA A 117 20.77 -13.68 10.95
N LYS A 118 21.78 -13.21 11.70
CA LYS A 118 22.50 -12.01 11.31
C LYS A 118 23.31 -12.29 10.06
N PHE A 119 23.43 -11.30 9.18
CA PHE A 119 23.96 -11.51 7.84
C PHE A 119 24.93 -10.39 7.50
N GLN A 120 26.17 -10.76 7.20
CA GLN A 120 27.19 -9.77 6.83
C GLN A 120 28.05 -10.38 5.72
N CYS A 121 27.81 -9.96 4.49
CA CYS A 121 28.46 -10.58 3.35
C CYS A 121 29.95 -10.22 3.33
N LEU A 122 30.73 -11.14 2.76
CA LEU A 122 32.17 -10.99 2.66
C LEU A 122 32.57 -11.00 1.19
N GLU A 123 33.63 -10.24 0.89
CA GLU A 123 34.07 -10.01 -0.48
C GLU A 123 32.91 -9.56 -1.39
N PRO A 124 32.25 -8.45 -1.06
CA PRO A 124 31.18 -7.97 -1.94
C PRO A 124 31.76 -7.43 -3.23
N ILE A 125 31.18 -7.84 -4.35
CA ILE A 125 31.55 -7.29 -5.65
C ILE A 125 30.72 -6.04 -5.88
N GLU A 126 31.33 -5.01 -6.46
CA GLU A 126 30.64 -3.75 -6.65
C GLU A 126 30.60 -3.39 -8.12
N GLY A 127 29.43 -2.95 -8.58
CA GLY A 127 29.29 -2.58 -9.97
C GLY A 127 29.19 -1.09 -10.18
N LYS A 128 30.29 -0.48 -10.62
CA LYS A 128 30.35 0.97 -10.79
C LYS A 128 29.87 1.35 -12.19
N VAL A 129 29.56 2.63 -12.37
CA VAL A 129 29.17 3.16 -13.67
C VAL A 129 30.09 4.33 -13.99
N VAL A 130 30.28 4.57 -15.28
CA VAL A 130 31.11 5.66 -15.77
C VAL A 130 30.20 6.67 -16.46
N GLN A 131 30.16 7.88 -15.93
CA GLN A 131 29.47 8.97 -16.61
C GLN A 131 30.36 9.55 -17.70
N TYR A 132 29.72 10.10 -18.73
CA TYR A 132 30.42 10.54 -19.92
C TYR A 132 31.49 11.61 -19.66
N GLU A 133 31.32 12.44 -18.63
CA GLU A 133 32.19 13.60 -18.45
C GLU A 133 33.53 13.25 -17.81
N ASN A 134 33.93 11.97 -17.83
CA ASN A 134 35.24 11.57 -17.34
C ASN A 134 35.98 10.64 -18.28
N LEU A 135 35.55 10.51 -19.53
CA LEU A 135 36.23 9.61 -20.46
C LEU A 135 37.61 10.14 -20.83
N LYS A 136 38.50 9.22 -21.21
CA LYS A 136 39.89 9.49 -21.48
C LYS A 136 40.30 8.76 -22.76
N TYR A 137 39.48 8.90 -23.80
CA TYR A 137 39.87 8.37 -25.11
C TYR A 137 41.16 9.04 -25.57
N THR A 138 42.11 8.23 -26.02
CA THR A 138 43.34 8.75 -26.60
C THR A 138 43.64 7.98 -27.88
N VAL A 139 44.27 8.66 -28.83
CA VAL A 139 44.62 8.08 -30.12
C VAL A 139 46.06 8.45 -30.43
N ILE A 140 46.86 7.45 -30.78
CA ILE A 140 48.25 7.67 -31.18
C ILE A 140 48.36 7.43 -32.67
N ILE A 141 48.91 8.39 -33.39
CA ILE A 141 49.07 8.33 -34.83
C ILE A 141 50.56 8.39 -35.14
N THR A 142 50.95 7.74 -36.23
CA THR A 142 52.33 7.76 -36.68
C THR A 142 52.36 8.03 -38.17
N VAL A 143 53.47 8.57 -38.63
CA VAL A 143 53.69 8.82 -40.04
C VAL A 143 54.65 7.77 -40.59
N HIS A 144 54.49 7.44 -41.87
CA HIS A 144 55.34 6.44 -42.50
C HIS A 144 56.72 7.03 -42.80
N THR A 145 57.42 7.40 -41.72
CA THR A 145 58.79 7.85 -41.85
C THR A 145 59.66 6.71 -42.35
N GLY A 146 60.58 7.04 -43.26
CA GLY A 146 61.69 6.16 -43.52
C GLY A 146 62.53 6.05 -42.27
N ASP A 147 62.47 4.92 -41.58
CA ASP A 147 63.19 4.76 -40.33
C ASP A 147 63.27 3.27 -40.02
N GLN A 148 64.43 2.85 -39.51
CA GLN A 148 64.67 1.45 -39.26
C GLN A 148 63.91 0.96 -38.04
N HIS A 149 63.70 1.82 -37.05
CA HIS A 149 62.99 1.44 -35.84
C HIS A 149 61.50 1.81 -35.93
N GLN A 150 60.89 1.42 -37.04
CA GLN A 150 59.49 1.75 -37.27
C GLN A 150 58.70 0.60 -37.87
N VAL A 151 59.30 -0.59 -38.04
CA VAL A 151 58.66 -1.65 -38.80
C VAL A 151 57.37 -2.11 -38.13
N GLY A 152 57.40 -2.32 -36.83
CA GLY A 152 56.21 -2.76 -36.10
C GLY A 152 56.15 -2.15 -34.72
N ASN A 153 56.77 -0.99 -34.58
CA ASN A 153 56.97 -0.40 -33.26
C ASN A 153 55.64 -0.03 -32.62
N GLU A 154 55.58 -0.15 -31.30
CA GLU A 154 54.36 0.13 -30.55
C GLU A 154 54.50 1.30 -29.59
N THR A 155 55.70 1.84 -29.44
CA THR A 155 55.95 2.92 -28.48
C THR A 155 56.50 4.17 -29.16
N GLN A 156 56.12 4.41 -30.41
CA GLN A 156 56.53 5.61 -31.12
C GLN A 156 55.33 6.19 -31.86
N GLY A 157 54.96 7.42 -31.51
CA GLY A 157 53.85 8.07 -32.17
C GLY A 157 53.52 9.37 -31.47
N VAL A 158 52.47 10.03 -31.95
CA VAL A 158 51.98 11.28 -31.39
C VAL A 158 50.64 11.02 -30.72
N THR A 159 50.52 11.39 -29.46
CA THR A 159 49.35 11.09 -28.66
C THR A 159 48.31 12.20 -28.83
N ALA A 160 47.11 11.82 -29.23
CA ALA A 160 45.99 12.74 -29.35
C ALA A 160 44.89 12.30 -28.39
N GLU A 161 44.76 13.03 -27.29
CA GLU A 161 43.78 12.71 -26.26
C GLU A 161 42.49 13.46 -26.54
N ILE A 162 41.38 12.72 -26.66
CA ILE A 162 40.12 13.32 -27.06
C ILE A 162 39.00 12.92 -26.10
N THR A 163 38.77 13.75 -25.10
CA THR A 163 37.65 13.56 -24.19
C THR A 163 36.37 14.11 -24.80
N PRO A 164 35.21 13.69 -24.31
CA PRO A 164 33.96 14.32 -24.77
C PRO A 164 33.87 15.78 -24.43
N GLN A 165 34.65 16.26 -23.46
CA GLN A 165 34.73 17.69 -23.21
C GLN A 165 35.32 18.42 -24.42
N ALA A 166 36.48 17.95 -24.89
CA ALA A 166 37.12 18.50 -26.08
C ALA A 166 36.82 17.53 -27.23
N SER A 167 35.65 17.69 -27.85
CA SER A 167 35.18 16.72 -28.81
C SER A 167 36.11 16.63 -30.02
N THR A 168 36.61 17.78 -30.49
CA THR A 168 37.47 17.81 -31.66
C THR A 168 38.81 18.40 -31.28
N THR A 169 39.88 17.73 -31.68
CA THR A 169 41.23 18.13 -31.34
C THR A 169 42.13 17.93 -32.55
N GLU A 170 43.20 18.70 -32.60
CA GLU A 170 44.21 18.55 -33.64
C GLU A 170 45.53 18.17 -33.01
N ALA A 171 46.25 17.26 -33.66
CA ALA A 171 47.55 16.80 -33.21
C ALA A 171 48.60 17.30 -34.19
N ILE A 172 49.69 17.86 -33.68
CA ILE A 172 50.72 18.47 -34.51
C ILE A 172 51.82 17.44 -34.70
N LEU A 173 51.92 16.90 -35.91
CA LEU A 173 53.04 16.04 -36.24
C LEU A 173 54.32 16.88 -36.27
N PRO A 174 55.46 16.31 -35.86
CA PRO A 174 56.63 17.16 -35.58
C PRO A 174 57.12 17.96 -36.77
N GLU A 175 57.10 17.40 -37.98
CA GLU A 175 57.50 18.14 -39.17
C GLU A 175 56.63 17.87 -40.38
N TYR A 176 55.47 17.25 -40.20
CA TYR A 176 54.58 16.89 -41.30
C TYR A 176 53.32 17.75 -41.32
N GLY A 177 53.35 18.91 -40.67
CA GLY A 177 52.16 19.72 -40.58
C GLY A 177 51.36 19.37 -39.34
N THR A 178 50.06 19.16 -39.53
CA THR A 178 49.19 18.76 -38.43
C THR A 178 47.97 18.04 -38.99
N LEU A 179 47.31 17.29 -38.12
CA LEU A 179 46.10 16.57 -38.45
C LEU A 179 44.97 17.13 -37.59
N GLY A 180 43.78 17.25 -38.17
CA GLY A 180 42.62 17.67 -37.42
C GLY A 180 41.61 16.55 -37.17
N LEU A 181 41.53 16.09 -35.93
CA LEU A 181 40.58 15.04 -35.57
C LEU A 181 39.26 15.68 -35.18
N GLU A 182 38.22 15.41 -35.96
CA GLU A 182 36.86 15.82 -35.64
C GLU A 182 36.12 14.55 -35.22
N CYS A 183 36.24 14.21 -33.94
CA CYS A 183 35.72 12.95 -33.45
C CYS A 183 34.29 13.13 -32.94
N SER A 184 33.74 12.03 -32.41
CA SER A 184 32.40 12.03 -31.84
C SER A 184 32.34 10.95 -30.78
N PRO A 185 33.03 11.14 -29.66
CA PRO A 185 33.06 10.09 -28.63
C PRO A 185 31.71 9.83 -28.01
N ARG A 186 30.78 10.77 -28.09
CA ARG A 186 29.48 10.58 -27.45
C ARG A 186 28.66 9.49 -28.12
N THR A 187 28.91 9.23 -29.41
CA THR A 187 28.18 8.21 -30.15
C THR A 187 28.93 6.89 -30.25
N GLY A 188 30.02 6.75 -29.52
CA GLY A 188 30.78 5.51 -29.53
C GLY A 188 30.03 4.39 -28.84
N LEU A 189 30.80 3.39 -28.40
CA LEU A 189 30.20 2.30 -27.65
C LEU A 189 29.50 2.85 -26.42
N ASP A 190 28.30 2.33 -26.15
CA ASP A 190 27.47 2.89 -25.09
C ASP A 190 28.18 2.82 -23.75
N PHE A 191 28.21 3.94 -23.03
CA PHE A 191 28.80 3.99 -21.71
C PHE A 191 27.88 4.62 -20.67
N ASN A 192 26.57 4.64 -20.91
CA ASN A 192 25.62 5.00 -19.86
C ASN A 192 24.81 3.82 -19.37
N GLU A 193 24.73 2.75 -20.15
CA GLU A 193 24.04 1.54 -19.72
C GLU A 193 24.99 0.46 -19.25
N MET A 194 26.21 0.41 -19.77
CA MET A 194 27.18 -0.56 -19.28
C MET A 194 27.52 -0.27 -17.83
N ILE A 195 27.81 -1.32 -17.07
CA ILE A 195 28.20 -1.20 -15.66
C ILE A 195 29.47 -2.00 -15.46
N LEU A 196 30.55 -1.33 -15.07
CA LEU A 196 31.77 -2.03 -14.70
C LEU A 196 31.51 -2.90 -13.48
N LEU A 197 32.04 -4.13 -13.51
CA LEU A 197 31.68 -5.16 -12.54
C LEU A 197 32.96 -5.67 -11.86
N THR A 198 33.77 -4.75 -11.38
CA THR A 198 35.06 -5.10 -10.80
C THR A 198 34.86 -5.98 -9.57
N MET A 199 35.42 -7.18 -9.60
CA MET A 199 35.43 -8.07 -8.44
C MET A 199 36.82 -8.66 -8.28
N LYS A 200 37.19 -8.91 -7.02
CA LYS A 200 38.50 -9.43 -6.67
C LYS A 200 39.54 -8.52 -7.32
N ASN A 201 40.16 -8.89 -8.43
CA ASN A 201 41.07 -8.01 -9.14
C ASN A 201 40.72 -7.84 -10.62
N LYS A 202 39.69 -8.52 -11.10
CA LYS A 202 39.30 -8.48 -12.50
C LYS A 202 37.99 -7.71 -12.67
N ALA A 203 37.91 -6.94 -13.75
CA ALA A 203 36.72 -6.16 -14.05
C ALA A 203 35.97 -6.78 -15.22
N TRP A 204 34.78 -6.23 -15.49
CA TRP A 204 33.92 -6.75 -16.54
C TRP A 204 32.95 -5.66 -16.98
N MET A 205 32.37 -5.84 -18.15
CA MET A 205 31.33 -4.96 -18.67
C MET A 205 30.04 -5.73 -18.85
N VAL A 206 28.95 -5.20 -18.30
CA VAL A 206 27.67 -5.90 -18.33
C VAL A 206 26.54 -4.93 -18.67
N HIS A 207 25.44 -5.50 -19.13
CA HIS A 207 24.25 -4.71 -19.46
C HIS A 207 23.59 -4.19 -18.19
N ARG A 208 22.90 -3.06 -18.31
CA ARG A 208 22.27 -2.44 -17.15
C ARG A 208 21.18 -3.33 -16.57
N GLN A 209 20.23 -3.75 -17.41
CA GLN A 209 19.13 -4.58 -16.92
C GLN A 209 19.65 -5.92 -16.42
N TRP A 210 20.62 -6.50 -17.12
CA TRP A 210 21.18 -7.77 -16.68
C TRP A 210 21.80 -7.64 -15.29
N PHE A 211 22.55 -6.56 -15.05
CA PHE A 211 23.12 -6.37 -13.73
C PHE A 211 22.05 -6.13 -12.69
N PHE A 212 20.94 -5.49 -13.07
CA PHE A 212 19.85 -5.30 -12.14
C PHE A 212 19.01 -6.56 -11.96
N ASP A 213 19.26 -7.60 -12.74
CA ASP A 213 18.59 -8.88 -12.54
C ASP A 213 19.51 -10.02 -12.12
N LEU A 214 20.71 -9.72 -11.65
CA LEU A 214 21.53 -10.77 -11.08
C LEU A 214 20.92 -11.26 -9.77
N PRO A 215 20.65 -12.54 -9.63
CA PRO A 215 19.97 -13.04 -8.42
C PRO A 215 20.91 -13.22 -7.23
N LEU A 216 21.45 -12.11 -6.75
CA LEU A 216 22.21 -12.07 -5.51
C LEU A 216 21.79 -10.84 -4.72
N PRO A 217 21.88 -10.90 -3.39
CA PRO A 217 21.47 -9.75 -2.59
C PRO A 217 22.37 -8.55 -2.86
N TRP A 218 21.76 -7.37 -2.95
CA TRP A 218 22.48 -6.15 -3.26
C TRP A 218 22.44 -5.19 -2.06
N ALA A 219 23.25 -4.15 -2.17
CA ALA A 219 23.24 -3.03 -1.25
C ALA A 219 23.02 -1.75 -2.05
N SER A 220 22.97 -0.63 -1.35
CA SER A 220 22.75 0.64 -2.03
C SER A 220 24.00 1.11 -2.74
N GLY A 221 25.16 1.00 -2.10
CA GLY A 221 26.37 1.59 -2.61
C GLY A 221 26.57 3.03 -2.22
N ALA A 222 25.97 3.49 -1.13
CA ALA A 222 26.10 4.86 -0.66
C ALA A 222 27.32 5.06 0.23
N THR A 223 28.34 4.21 0.06
CA THR A 223 29.57 4.20 0.87
C THR A 223 29.28 4.46 2.35
N THR A 224 28.21 3.85 2.82
CA THR A 224 27.82 3.96 4.22
C THR A 224 28.74 3.12 5.10
N GLU A 225 28.65 3.33 6.40
CA GLU A 225 29.45 2.56 7.35
C GLU A 225 29.08 1.08 7.29
N THR A 226 27.78 0.79 7.24
CA THR A 226 27.30 -0.58 7.18
C THR A 226 26.15 -0.67 6.18
N PRO A 227 26.16 -1.67 5.30
CA PRO A 227 25.11 -1.79 4.29
C PRO A 227 23.84 -2.40 4.85
N THR A 228 22.77 -2.30 4.05
CA THR A 228 21.45 -2.81 4.42
C THR A 228 20.95 -3.66 3.26
N TRP A 229 21.14 -4.98 3.37
CA TRP A 229 21.07 -5.87 2.23
C TRP A 229 19.63 -6.19 1.86
N ASN A 230 19.29 -5.98 0.58
CA ASN A 230 18.00 -6.39 0.06
C ASN A 230 18.06 -7.82 -0.46
N ARG A 231 16.98 -8.56 -0.22
CA ARG A 231 16.82 -9.91 -0.74
C ARG A 231 17.97 -10.82 -0.30
N LYS A 232 18.17 -10.89 1.02
CA LYS A 232 19.15 -11.78 1.60
C LYS A 232 18.76 -13.24 1.48
N GLU A 233 17.47 -13.53 1.43
CA GLU A 233 16.99 -14.91 1.52
C GLU A 233 17.54 -15.78 0.42
N LEU A 234 17.93 -15.16 -0.70
CA LEU A 234 18.29 -15.92 -1.89
C LEU A 234 19.69 -16.52 -1.81
N LEU A 235 20.50 -16.08 -0.85
CA LEU A 235 21.85 -16.61 -0.73
C LEU A 235 21.98 -17.71 0.32
N VAL A 236 21.00 -17.87 1.21
CA VAL A 236 21.10 -18.84 2.29
C VAL A 236 19.88 -19.75 2.24
N THR A 237 20.09 -21.05 2.40
CA THR A 237 18.98 -21.98 2.43
C THR A 237 18.73 -22.50 3.83
N PHE A 238 17.53 -23.06 4.02
CA PHE A 238 17.06 -23.49 5.33
C PHE A 238 16.63 -24.95 5.23
N LYS A 239 17.55 -25.87 5.48
CA LYS A 239 17.22 -27.28 5.44
C LYS A 239 16.22 -27.59 6.54
N ASN A 240 15.20 -28.36 6.21
CA ASN A 240 14.16 -28.78 7.14
C ASN A 240 14.23 -30.30 7.21
N ALA A 241 15.10 -30.80 8.07
CA ALA A 241 15.24 -32.24 8.23
C ALA A 241 13.93 -32.84 8.72
N HIS A 242 13.32 -33.67 7.87
CA HIS A 242 12.00 -34.20 8.13
C HIS A 242 11.04 -33.07 8.46
N ALA A 243 10.39 -33.18 9.62
CA ALA A 243 9.57 -32.11 10.16
C ALA A 243 9.87 -31.81 11.62
N LYS A 244 11.01 -32.25 12.16
CA LYS A 244 11.31 -32.03 13.56
C LYS A 244 11.77 -30.60 13.83
N LYS A 245 12.73 -30.12 13.05
CA LYS A 245 13.27 -28.78 13.25
C LYS A 245 14.03 -28.38 12.01
N GLN A 246 14.36 -27.09 11.92
CA GLN A 246 15.12 -26.57 10.80
C GLN A 246 16.27 -25.72 11.32
N GLU A 247 17.38 -25.72 10.59
CA GLU A 247 18.50 -24.84 10.85
C GLU A 247 18.92 -24.16 9.55
N VAL A 248 19.83 -23.20 9.68
CA VAL A 248 20.21 -22.34 8.58
C VAL A 248 21.62 -22.68 8.13
N VAL A 249 21.86 -22.62 6.83
CA VAL A 249 23.18 -22.86 6.26
C VAL A 249 23.42 -21.86 5.14
N VAL A 250 24.62 -21.27 5.13
CA VAL A 250 24.99 -20.36 4.04
C VAL A 250 25.47 -21.17 2.85
N LEU A 251 25.47 -20.54 1.68
CA LEU A 251 25.90 -21.19 0.44
C LEU A 251 27.33 -20.87 0.06
N GLY A 252 28.18 -20.53 1.02
CA GLY A 252 29.59 -20.35 0.72
C GLY A 252 29.83 -19.18 -0.21
N SER A 253 30.94 -19.24 -0.94
CA SER A 253 31.25 -18.19 -1.90
C SER A 253 30.52 -18.44 -3.21
N GLN A 254 30.70 -17.52 -4.16
CA GLN A 254 30.03 -17.61 -5.45
C GLN A 254 30.91 -17.22 -6.63
N GLU A 255 32.19 -16.91 -6.39
CA GLU A 255 33.01 -16.32 -7.44
C GLU A 255 33.12 -17.22 -8.66
N GLY A 256 33.16 -18.54 -8.46
CA GLY A 256 33.16 -19.43 -9.60
C GLY A 256 31.86 -19.35 -10.40
N ALA A 257 30.73 -19.39 -9.69
CA ALA A 257 29.45 -19.31 -10.38
C ALA A 257 29.28 -17.95 -11.03
N MET A 258 29.82 -16.89 -10.42
CA MET A 258 29.78 -15.58 -11.04
C MET A 258 30.60 -15.55 -12.32
N HIS A 259 31.87 -16.00 -12.25
CA HIS A 259 32.71 -16.03 -13.43
C HIS A 259 32.07 -16.81 -14.55
N THR A 260 31.41 -17.92 -14.23
CA THR A 260 30.64 -18.63 -15.24
C THR A 260 29.44 -17.83 -15.71
N ALA A 261 28.84 -17.02 -14.84
CA ALA A 261 27.57 -16.39 -15.14
C ALA A 261 27.69 -15.34 -16.23
N LEU A 262 28.90 -14.87 -16.50
CA LEU A 262 29.11 -13.90 -17.57
C LEU A 262 30.23 -14.40 -18.48
N THR A 263 29.84 -14.93 -19.63
CA THR A 263 30.83 -15.33 -20.63
C THR A 263 30.87 -14.34 -21.78
N GLY A 264 29.71 -13.99 -22.33
CA GLY A 264 29.68 -13.07 -23.45
C GLY A 264 30.21 -11.69 -23.10
N ALA A 265 30.29 -11.39 -21.81
CA ALA A 265 30.78 -10.08 -21.38
C ALA A 265 32.23 -9.88 -21.79
N THR A 266 32.56 -8.65 -22.19
CA THR A 266 33.93 -8.30 -22.52
C THR A 266 34.67 -7.97 -21.23
N GLU A 267 35.94 -8.35 -21.16
CA GLU A 267 36.72 -8.07 -19.97
C GLU A 267 37.53 -6.78 -20.16
N ILE A 268 37.85 -6.16 -19.03
CA ILE A 268 38.56 -4.87 -19.02
C ILE A 268 39.57 -4.89 -17.88
N GLN A 269 40.79 -4.46 -18.17
CA GLN A 269 41.80 -4.35 -17.13
C GLN A 269 41.47 -3.18 -16.21
N ASN A 270 41.59 -3.40 -14.90
CA ASN A 270 41.28 -2.38 -13.89
C ASN A 270 42.39 -2.38 -12.85
N SER A 271 43.30 -1.41 -12.97
CA SER A 271 44.36 -1.19 -11.98
C SER A 271 44.33 0.28 -11.57
N GLY A 272 43.96 0.53 -10.31
CA GLY A 272 43.78 1.91 -9.88
C GLY A 272 42.67 2.55 -10.69
N GLY A 273 43.00 3.65 -11.37
CA GLY A 273 42.08 4.21 -12.35
C GLY A 273 41.84 3.21 -13.47
N THR A 274 40.57 2.98 -13.78
CA THR A 274 40.22 1.97 -14.77
C THR A 274 40.77 2.34 -16.14
N SER A 275 41.28 1.33 -16.85
CA SER A 275 41.93 1.55 -18.14
C SER A 275 41.28 0.66 -19.19
N ILE A 276 39.95 0.68 -19.26
CA ILE A 276 39.21 -0.28 -20.07
C ILE A 276 39.63 -0.19 -21.52
N PHE A 277 39.75 -1.36 -22.17
CA PHE A 277 40.05 -1.45 -23.58
C PHE A 277 38.78 -1.79 -24.35
N ALA A 278 38.94 -2.06 -25.64
CA ALA A 278 37.94 -2.67 -26.54
C ALA A 278 36.82 -1.72 -26.98
N GLY A 279 36.90 -0.43 -26.70
CA GLY A 279 35.89 0.49 -27.18
C GLY A 279 36.23 1.06 -28.55
N HIS A 280 35.19 1.48 -29.28
CA HIS A 280 35.38 2.00 -30.62
C HIS A 280 34.72 3.37 -30.75
N LEU A 281 35.38 4.27 -31.46
CA LEU A 281 34.85 5.62 -31.71
C LEU A 281 35.07 5.97 -33.17
N LYS A 282 34.15 6.72 -33.76
CA LYS A 282 34.33 7.20 -35.11
C LYS A 282 35.01 8.57 -35.09
N CYS A 283 35.66 8.92 -36.20
CA CYS A 283 36.39 10.17 -36.26
C CYS A 283 36.43 10.67 -37.69
N ARG A 284 36.69 11.96 -37.84
CA ARG A 284 36.83 12.61 -39.12
C ARG A 284 38.22 13.21 -39.22
N LEU A 285 38.89 12.98 -40.33
CA LEU A 285 40.29 13.36 -40.48
C LEU A 285 40.39 14.64 -41.30
N LYS A 286 40.83 15.72 -40.66
CA LYS A 286 41.14 16.97 -41.35
C LYS A 286 42.58 16.90 -41.79
N MET A 287 42.78 16.44 -43.03
CA MET A 287 44.11 16.24 -43.58
C MET A 287 44.58 17.40 -44.45
N ASP A 288 43.90 18.55 -44.38
CA ASP A 288 44.18 19.67 -45.27
C ASP A 288 45.32 20.55 -44.78
N LYS A 289 45.95 20.22 -43.66
CA LYS A 289 47.10 20.98 -43.17
C LYS A 289 48.32 20.09 -43.02
N LEU A 290 48.63 19.31 -44.05
CA LEU A 290 49.75 18.38 -44.02
C LEU A 290 50.86 18.79 -44.98
N GLU A 291 52.08 18.38 -44.65
CA GLU A 291 53.23 18.49 -45.54
C GLU A 291 53.94 17.14 -45.55
N LEU A 292 54.69 16.88 -46.62
CA LEU A 292 55.26 15.55 -46.85
C LEU A 292 56.77 15.60 -46.66
N LYS A 293 57.20 15.49 -45.40
CA LYS A 293 58.62 15.48 -45.02
C LYS A 293 59.31 16.62 -45.76
N GLY A 294 60.27 16.35 -46.63
CA GLY A 294 60.82 17.37 -47.49
C GLY A 294 60.57 17.05 -48.96
N MET A 295 59.70 17.83 -49.58
CA MET A 295 59.38 17.63 -50.99
C MET A 295 60.37 18.34 -51.92
N SER A 296 61.31 19.10 -51.36
CA SER A 296 62.27 19.86 -52.14
C SER A 296 63.64 19.19 -52.20
N TYR A 297 63.73 17.93 -51.77
CA TYR A 297 64.97 17.18 -51.87
C TYR A 297 65.23 16.78 -53.32
N ALA A 298 66.47 16.40 -53.59
CA ALA A 298 66.85 15.88 -54.90
C ALA A 298 66.76 14.37 -54.89
N MET A 299 66.74 13.78 -56.08
CA MET A 299 66.69 12.33 -56.19
C MET A 299 68.10 11.74 -56.15
N CYS A 300 68.18 10.53 -55.61
CA CYS A 300 69.48 9.91 -55.38
C CYS A 300 70.17 9.57 -56.70
N THR A 301 71.50 9.49 -56.65
CA THR A 301 72.27 9.14 -57.84
C THR A 301 73.32 8.06 -57.55
N ASN A 302 73.16 7.29 -56.47
CA ASN A 302 74.11 6.25 -56.13
C ASN A 302 73.40 4.91 -55.96
N THR A 303 74.11 3.91 -55.46
CA THR A 303 73.55 2.56 -55.38
C THR A 303 72.83 2.33 -54.05
N PHE A 304 72.08 1.24 -54.01
CA PHE A 304 71.41 0.77 -52.80
C PHE A 304 71.85 -0.65 -52.53
N VAL A 305 71.51 -1.18 -51.36
CA VAL A 305 71.84 -2.55 -51.00
C VAL A 305 70.85 -3.02 -49.92
N LEU A 306 70.44 -4.28 -50.03
CA LEU A 306 69.49 -4.87 -49.08
C LEU A 306 70.21 -5.38 -47.85
N LYS A 307 69.91 -4.77 -46.69
CA LYS A 307 70.45 -5.31 -45.44
C LYS A 307 69.69 -6.55 -45.02
N LYS A 308 68.37 -6.56 -45.23
CA LYS A 308 67.53 -7.67 -44.82
C LYS A 308 66.52 -7.95 -45.92
N GLU A 309 66.11 -9.21 -46.02
CA GLU A 309 65.28 -9.65 -47.13
C GLU A 309 63.90 -8.99 -47.09
N VAL A 310 63.16 -9.19 -48.17
CA VAL A 310 61.78 -8.71 -48.23
C VAL A 310 60.84 -9.79 -47.72
N SER A 311 59.61 -9.39 -47.39
CA SER A 311 58.63 -10.32 -46.86
C SER A 311 57.24 -9.73 -47.03
N GLU A 312 56.26 -10.63 -47.16
CA GLU A 312 54.87 -10.22 -47.31
C GLU A 312 54.27 -9.83 -45.97
N THR A 313 53.00 -9.44 -46.00
CA THR A 313 52.27 -9.06 -44.80
C THR A 313 50.83 -9.55 -44.80
N GLN A 314 50.54 -10.68 -45.43
CA GLN A 314 49.20 -11.29 -45.52
C GLN A 314 48.15 -10.31 -46.01
N HIS A 315 48.55 -9.15 -46.54
CA HIS A 315 47.65 -8.19 -47.14
C HIS A 315 48.06 -7.84 -48.56
N GLY A 316 49.09 -8.52 -49.08
CA GLY A 316 49.58 -8.20 -50.40
C GLY A 316 50.61 -7.10 -50.45
N THR A 317 51.27 -6.79 -49.34
CA THR A 317 52.24 -5.70 -49.27
C THR A 317 53.59 -6.22 -48.83
N ILE A 318 54.64 -5.47 -49.20
CA ILE A 318 56.03 -5.83 -48.96
C ILE A 318 56.64 -4.81 -48.00
N LEU A 319 57.62 -5.24 -47.22
CA LEU A 319 58.49 -4.33 -46.46
C LEU A 319 59.92 -4.52 -46.92
N ILE A 320 60.40 -3.58 -47.73
CA ILE A 320 61.78 -3.57 -48.21
C ILE A 320 62.57 -2.60 -47.35
N LYS A 321 63.61 -3.11 -46.68
CA LYS A 321 64.51 -2.30 -45.89
C LYS A 321 65.80 -2.12 -46.68
N VAL A 322 66.16 -0.87 -46.96
CA VAL A 322 67.28 -0.56 -47.83
C VAL A 322 68.25 0.35 -47.10
N GLU A 323 69.55 0.04 -47.20
CA GLU A 323 70.60 0.91 -46.70
C GLU A 323 71.26 1.62 -47.89
N TYR A 324 71.50 2.92 -47.73
CA TYR A 324 72.09 3.74 -48.78
C TYR A 324 73.54 4.01 -48.43
N LYS A 325 74.46 3.35 -49.14
CA LYS A 325 75.88 3.50 -48.84
C LYS A 325 76.45 4.78 -49.43
N GLY A 326 75.77 5.36 -50.41
CA GLY A 326 76.26 6.58 -51.03
C GLY A 326 76.38 7.73 -50.06
N GLU A 327 77.57 8.33 -50.00
CA GLU A 327 77.92 9.34 -49.01
C GLU A 327 77.16 10.65 -49.20
N ASP A 328 76.49 10.83 -50.34
CA ASP A 328 75.93 12.12 -50.70
C ASP A 328 74.77 12.51 -49.77
N ALA A 329 74.19 13.67 -50.04
CA ALA A 329 73.23 14.29 -49.16
C ALA A 329 71.94 13.47 -49.09
N PRO A 330 71.11 13.70 -48.05
CA PRO A 330 69.81 13.04 -48.01
C PRO A 330 69.01 13.29 -49.28
N CYS A 331 68.59 12.21 -49.94
CA CYS A 331 67.93 12.30 -51.24
C CYS A 331 66.69 11.42 -51.25
N LYS A 332 65.66 11.87 -51.97
CA LYS A 332 64.47 11.07 -52.16
C LYS A 332 64.82 9.75 -52.82
N ILE A 333 64.23 8.66 -52.33
CA ILE A 333 64.52 7.35 -52.90
C ILE A 333 63.76 7.20 -54.21
N PRO A 334 64.44 7.02 -55.33
CA PRO A 334 63.73 6.72 -56.57
C PRO A 334 63.08 5.36 -56.50
N PHE A 335 61.95 5.22 -57.19
CA PHE A 335 61.19 3.98 -57.16
C PHE A 335 60.47 3.80 -58.47
N SER A 336 60.43 2.56 -58.95
CA SER A 336 59.62 2.19 -60.10
C SER A 336 59.32 0.70 -60.01
N THR A 337 58.22 0.29 -60.62
CA THR A 337 57.82 -1.11 -60.63
C THR A 337 57.88 -1.64 -62.06
N GLU A 338 58.58 -2.74 -62.25
CA GLU A 338 58.72 -3.38 -63.55
C GLU A 338 57.85 -4.63 -63.58
N ASP A 339 56.77 -4.58 -64.37
CA ASP A 339 55.93 -5.75 -64.52
C ASP A 339 56.62 -6.81 -65.36
N GLY A 340 56.05 -8.01 -65.35
CA GLY A 340 56.59 -9.09 -66.16
C GLY A 340 56.66 -8.73 -67.63
N GLN A 341 57.84 -8.92 -68.23
CA GLN A 341 58.10 -8.60 -69.64
C GLN A 341 57.46 -7.28 -70.06
N GLY A 342 57.53 -6.29 -69.18
CA GLY A 342 56.95 -5.00 -69.48
C GLY A 342 57.52 -3.91 -68.59
N LYS A 343 57.51 -2.69 -69.11
CA LYS A 343 58.00 -1.52 -68.41
C LYS A 343 56.89 -0.76 -67.70
N ALA A 344 55.68 -1.30 -67.68
CA ALA A 344 54.53 -0.55 -67.18
C ALA A 344 54.66 -0.26 -65.69
N HIS A 345 54.00 0.82 -65.27
CA HIS A 345 53.97 1.22 -63.87
C HIS A 345 52.69 0.70 -63.23
N ASN A 346 52.83 -0.33 -62.39
CA ASN A 346 51.72 -0.87 -61.61
C ASN A 346 52.12 -0.90 -60.15
N GLY A 347 51.16 -0.68 -59.27
CA GLY A 347 51.51 -0.61 -57.86
C GLY A 347 51.93 0.78 -57.45
N ARG A 348 51.92 1.01 -56.13
CA ARG A 348 52.17 2.32 -55.58
C ARG A 348 52.95 2.19 -54.28
N LEU A 349 53.46 3.32 -53.81
CA LEU A 349 54.27 3.36 -52.60
C LEU A 349 53.37 3.67 -51.41
N ILE A 350 53.24 2.70 -50.50
CA ILE A 350 52.49 2.96 -49.27
C ILE A 350 53.24 3.98 -48.41
N THR A 351 54.56 3.93 -48.44
CA THR A 351 55.33 4.96 -47.74
C THR A 351 55.10 6.33 -48.35
N ALA A 352 54.99 6.39 -49.68
CA ALA A 352 54.56 7.55 -50.44
C ALA A 352 55.60 8.67 -50.49
N ASN A 353 56.65 8.58 -49.68
CA ASN A 353 57.74 9.55 -49.77
C ASN A 353 59.00 9.03 -49.10
N PRO A 354 59.59 7.94 -49.59
CA PRO A 354 60.76 7.37 -48.91
C PRO A 354 61.99 8.24 -49.13
N VAL A 355 62.59 8.69 -48.03
CA VAL A 355 63.76 9.56 -48.10
C VAL A 355 64.77 9.09 -47.06
N VAL A 356 66.05 9.06 -47.45
CA VAL A 356 67.13 8.69 -46.55
C VAL A 356 67.38 9.89 -45.64
N THR A 357 67.77 9.61 -44.39
CA THR A 357 67.92 10.69 -43.42
C THR A 357 69.39 11.01 -43.17
N LYS A 358 70.20 9.99 -42.85
CA LYS A 358 71.57 10.27 -42.44
C LYS A 358 72.60 9.34 -43.09
N LYS A 359 72.26 8.66 -44.19
CA LYS A 359 73.20 7.86 -44.97
C LYS A 359 73.59 6.59 -44.22
N GLU A 360 73.16 6.49 -42.96
CA GLU A 360 73.46 5.34 -42.12
C GLU A 360 72.21 4.66 -41.58
N GLU A 361 71.04 5.27 -41.78
CA GLU A 361 69.78 4.70 -41.33
C GLU A 361 69.18 3.88 -42.45
N PRO A 362 69.04 2.57 -42.29
CA PRO A 362 68.44 1.77 -43.36
C PRO A 362 66.95 2.02 -43.49
N VAL A 363 66.58 3.16 -44.06
CA VAL A 363 65.17 3.52 -44.21
C VAL A 363 64.51 2.49 -45.11
N ASN A 364 63.26 2.16 -44.82
CA ASN A 364 62.58 1.02 -45.41
C ASN A 364 61.36 1.47 -46.21
N ILE A 365 61.17 0.86 -47.38
CA ILE A 365 60.05 1.18 -48.25
C ILE A 365 59.03 0.06 -48.19
N GLU A 366 57.74 0.42 -48.22
CA GLU A 366 56.65 -0.53 -48.13
C GLU A 366 55.70 -0.31 -49.31
N ALA A 367 55.42 -1.38 -50.05
CA ALA A 367 54.67 -1.25 -51.28
C ALA A 367 53.98 -2.57 -51.59
N GLU A 368 53.18 -2.56 -52.65
CA GLU A 368 52.48 -3.75 -53.11
C GLU A 368 52.67 -3.89 -54.61
N PRO A 369 53.02 -5.07 -55.12
CA PRO A 369 53.17 -5.26 -56.55
C PRO A 369 51.89 -5.80 -57.15
N PRO A 370 51.81 -5.91 -58.47
CA PRO A 370 50.70 -6.64 -59.09
C PRO A 370 50.76 -8.12 -58.75
N PHE A 371 49.59 -8.77 -58.82
CA PHE A 371 49.46 -10.15 -58.37
C PHE A 371 50.25 -11.14 -59.20
N GLY A 372 50.74 -10.75 -60.37
CA GLY A 372 51.60 -11.62 -61.13
C GLY A 372 53.02 -11.57 -60.60
N GLU A 373 53.96 -12.01 -61.42
CA GLU A 373 55.37 -11.89 -61.08
C GLU A 373 55.84 -10.47 -61.36
N SER A 374 56.57 -9.90 -60.40
CA SER A 374 56.91 -8.49 -60.42
C SER A 374 58.40 -8.30 -60.27
N ASN A 375 58.86 -7.10 -60.66
CA ASN A 375 60.25 -6.71 -60.50
C ASN A 375 60.24 -5.29 -59.93
N ILE A 376 60.85 -5.13 -58.76
CA ILE A 376 60.88 -3.83 -58.09
C ILE A 376 62.26 -3.22 -58.23
N VAL A 377 62.42 -2.27 -59.16
CA VAL A 377 63.67 -1.55 -59.25
C VAL A 377 63.66 -0.42 -58.22
N ILE A 378 64.80 -0.21 -57.57
CA ILE A 378 64.86 0.62 -56.37
C ILE A 378 65.77 1.83 -56.53
N GLY A 379 66.46 1.96 -57.66
CA GLY A 379 67.39 3.07 -57.78
C GLY A 379 67.57 3.51 -59.21
N ILE A 380 68.18 4.69 -59.37
CA ILE A 380 68.52 5.19 -60.69
C ILE A 380 69.81 4.52 -61.17
N GLY A 381 70.01 4.54 -62.48
CA GLY A 381 71.24 4.00 -63.02
C GLY A 381 71.14 2.52 -63.36
N ASP A 382 72.03 2.09 -64.25
CA ASP A 382 72.03 0.69 -64.66
C ASP A 382 72.40 -0.24 -63.51
N ASN A 383 73.31 0.20 -62.64
CA ASN A 383 73.71 -0.58 -61.47
C ASN A 383 72.75 -0.26 -60.33
N ALA A 384 71.47 -0.59 -60.52
CA ALA A 384 70.47 -0.41 -59.48
C ALA A 384 69.82 -1.76 -59.24
N LEU A 385 70.09 -2.33 -58.07
CA LEU A 385 69.70 -3.71 -57.80
C LEU A 385 68.19 -3.86 -57.84
N LYS A 386 67.74 -4.96 -58.41
CA LYS A 386 66.33 -5.21 -58.65
C LYS A 386 65.85 -6.25 -57.65
N ILE A 387 64.98 -5.83 -56.73
CA ILE A 387 64.31 -6.77 -55.84
C ILE A 387 63.13 -7.38 -56.58
N ASN A 388 63.11 -8.71 -56.66
CA ASN A 388 62.05 -9.42 -57.37
C ASN A 388 61.24 -10.15 -56.31
N TRP A 389 59.93 -9.93 -56.31
CA TRP A 389 59.01 -10.63 -55.43
C TRP A 389 57.82 -11.14 -56.23
N TYR A 390 57.37 -12.35 -55.92
CA TYR A 390 56.27 -13.00 -56.62
C TYR A 390 55.11 -13.13 -55.63
N LYS A 391 54.12 -12.25 -55.76
CA LYS A 391 53.03 -12.22 -54.79
C LYS A 391 51.91 -13.14 -55.22
N LYS A 392 51.71 -14.22 -54.48
CA LYS A 392 50.76 -15.27 -54.83
C LYS A 392 49.33 -14.77 -54.66
N GLY A 393 48.44 -15.26 -55.50
CA GLY A 393 47.05 -14.88 -55.49
C GLY A 393 46.66 -14.06 -56.71
N SER A 394 45.36 -13.80 -56.82
CA SER A 394 44.80 -13.06 -57.93
C SER A 394 43.95 -11.92 -57.40
N SER A 395 43.48 -11.08 -58.33
CA SER A 395 42.67 -9.92 -57.95
C SER A 395 41.35 -10.36 -57.36
N ILE A 396 40.73 -11.41 -57.91
CA ILE A 396 39.44 -11.86 -57.40
C ILE A 396 39.57 -12.42 -56.00
N GLY A 397 40.71 -13.02 -55.67
CA GLY A 397 40.97 -13.38 -54.29
C GLY A 397 40.96 -12.18 -53.37
N LYS A 398 41.55 -11.07 -53.83
CA LYS A 398 41.49 -9.83 -53.07
C LYS A 398 40.05 -9.35 -52.92
N MET A 399 39.24 -9.48 -53.98
CA MET A 399 37.84 -9.09 -53.89
C MET A 399 37.10 -9.91 -52.84
N PHE A 400 37.32 -11.22 -52.83
CA PHE A 400 36.64 -12.07 -51.85
C PHE A 400 37.09 -11.75 -50.43
N GLU A 401 38.39 -11.52 -50.25
CA GLU A 401 38.87 -11.16 -48.92
C GLU A 401 38.27 -9.85 -48.46
N ALA A 402 38.15 -8.89 -49.38
CA ALA A 402 37.52 -7.61 -49.04
C ALA A 402 36.05 -7.79 -48.67
N THR A 403 35.35 -8.66 -49.40
CA THR A 403 33.96 -8.94 -49.04
C THR A 403 33.86 -9.53 -47.64
N ALA A 404 34.74 -10.49 -47.33
CA ALA A 404 34.72 -11.08 -45.99
C ALA A 404 35.01 -10.03 -44.93
N ARG A 405 36.01 -9.18 -45.15
CA ARG A 405 36.33 -8.15 -44.18
C ARG A 405 35.18 -7.19 -43.99
N GLY A 406 34.53 -6.77 -45.08
CA GLY A 406 33.42 -5.85 -44.97
C GLY A 406 32.26 -6.43 -44.21
N ALA A 407 31.91 -7.70 -44.51
CA ALA A 407 30.83 -8.33 -43.79
C ALA A 407 31.16 -8.47 -42.31
N ARG A 408 32.38 -8.88 -41.99
CA ARG A 408 32.75 -9.04 -40.58
C ARG A 408 32.72 -7.70 -39.86
N ARG A 409 33.17 -6.63 -40.53
CA ARG A 409 33.12 -5.31 -39.92
C ARG A 409 31.68 -4.86 -39.69
N MET A 410 30.79 -5.16 -40.63
CA MET A 410 29.38 -4.80 -40.42
C MET A 410 28.76 -5.62 -39.31
N ALA A 411 29.23 -6.85 -39.09
CA ALA A 411 28.64 -7.71 -38.07
C ALA A 411 28.84 -7.17 -36.66
N ILE A 412 29.80 -6.27 -36.46
CA ILE A 412 30.08 -5.72 -35.14
C ILE A 412 29.49 -4.33 -34.98
N LEU A 413 29.87 -3.40 -35.86
CA LEU A 413 29.47 -2.01 -35.69
C LEU A 413 28.04 -1.73 -36.13
N GLY A 414 27.38 -2.69 -36.77
CA GLY A 414 26.00 -2.47 -37.16
C GLY A 414 25.89 -1.38 -38.21
N ASP A 415 25.10 -0.35 -37.90
CA ASP A 415 24.93 0.74 -38.86
C ASP A 415 26.15 1.66 -38.90
N THR A 416 26.88 1.78 -37.79
CA THR A 416 28.01 2.69 -37.77
C THR A 416 29.09 2.26 -38.75
N ALA A 417 29.19 0.96 -39.02
CA ALA A 417 30.17 0.51 -40.00
C ALA A 417 29.78 0.86 -41.39
N TRP A 418 28.57 1.37 -41.62
CA TRP A 418 28.17 1.68 -42.98
C TRP A 418 29.03 2.78 -43.57
N ASP A 419 29.44 3.74 -42.74
CA ASP A 419 30.39 4.77 -43.15
C ASP A 419 31.76 4.43 -42.58
N PHE A 420 32.66 3.97 -43.43
CA PHE A 420 34.03 3.68 -43.03
C PHE A 420 35.06 4.20 -44.01
N GLY A 421 34.65 4.54 -45.24
CA GLY A 421 35.57 5.08 -46.21
C GLY A 421 35.33 6.55 -46.46
N SER A 422 35.16 6.92 -47.72
CA SER A 422 34.90 8.32 -48.04
C SER A 422 33.58 8.77 -47.43
N VAL A 423 33.43 10.09 -47.31
CA VAL A 423 32.21 10.65 -46.72
C VAL A 423 31.02 10.40 -47.65
N GLY A 424 31.24 10.48 -48.95
CA GLY A 424 30.17 10.22 -49.91
C GLY A 424 28.99 11.13 -49.68
N GLY A 425 27.92 10.56 -49.14
CA GLY A 425 26.69 11.26 -48.87
C GLY A 425 25.64 11.13 -49.94
N VAL A 426 26.04 11.04 -51.21
CA VAL A 426 25.10 10.97 -52.32
C VAL A 426 24.32 9.66 -52.24
N LEU A 427 25.01 8.57 -51.90
CA LEU A 427 24.40 7.26 -51.84
C LEU A 427 24.72 6.51 -50.56
N ASN A 428 25.83 6.83 -49.90
CA ASN A 428 26.19 6.13 -48.67
C ASN A 428 25.16 6.38 -47.57
N SER A 429 24.67 7.62 -47.47
CA SER A 429 23.77 7.98 -46.38
C SER A 429 22.46 7.20 -46.47
N LEU A 430 21.91 7.04 -47.67
CA LEU A 430 20.65 6.33 -47.81
C LEU A 430 20.80 4.87 -47.42
N GLY A 431 21.90 4.24 -47.85
CA GLY A 431 22.15 2.87 -47.43
C GLY A 431 22.31 2.75 -45.94
N LYS A 432 23.03 3.69 -45.31
CA LYS A 432 23.16 3.67 -43.87
C LYS A 432 21.81 3.79 -43.20
N MET A 433 20.95 4.69 -43.69
CA MET A 433 19.65 4.87 -43.08
C MET A 433 18.80 3.62 -43.18
N VAL A 434 18.75 3.00 -44.37
CA VAL A 434 17.89 1.83 -44.54
C VAL A 434 18.42 0.65 -43.73
N HIS A 435 19.73 0.46 -43.73
CA HIS A 435 20.29 -0.64 -42.94
C HIS A 435 20.06 -0.42 -41.46
N GLN A 436 20.17 0.82 -40.98
CA GLN A 436 19.89 1.11 -39.58
C GLN A 436 18.43 0.83 -39.26
N ILE A 437 17.52 1.24 -40.14
CA ILE A 437 16.10 1.02 -39.90
C ILE A 437 15.80 -0.47 -39.75
N PHE A 438 16.38 -1.29 -40.62
CA PHE A 438 16.13 -2.74 -40.49
C PHE A 438 16.88 -3.33 -39.30
N GLY A 439 18.11 -2.88 -39.05
CA GLY A 439 18.96 -3.54 -38.08
C GLY A 439 18.58 -3.24 -36.64
N SER A 440 18.05 -2.05 -36.38
CA SER A 440 17.57 -1.76 -35.03
C SER A 440 16.46 -2.72 -34.63
N ALA A 441 15.51 -2.94 -35.54
CA ALA A 441 14.46 -3.92 -35.28
C ALA A 441 15.03 -5.33 -35.20
N TYR A 442 15.97 -5.67 -36.08
CA TYR A 442 16.54 -7.02 -36.07
C TYR A 442 17.23 -7.33 -34.74
N THR A 443 18.15 -6.47 -34.32
CA THR A 443 18.87 -6.67 -33.07
C THR A 443 17.99 -6.46 -31.86
N ALA A 444 16.90 -5.73 -32.00
CA ALA A 444 15.88 -5.68 -30.97
C ALA A 444 15.03 -6.93 -30.95
N LEU A 445 15.17 -7.80 -31.95
CA LEU A 445 14.32 -8.99 -32.02
C LEU A 445 15.03 -10.21 -31.45
N PHE A 446 16.29 -10.44 -31.85
CA PHE A 446 17.03 -11.62 -31.44
C PHE A 446 17.87 -11.39 -30.19
N SER A 447 17.67 -10.29 -29.48
CA SER A 447 18.49 -9.99 -28.32
C SER A 447 18.32 -11.06 -27.25
N GLY A 448 19.36 -11.86 -27.04
CA GLY A 448 19.31 -12.87 -26.02
C GLY A 448 19.28 -14.29 -26.55
N VAL A 449 19.68 -14.48 -27.80
CA VAL A 449 19.67 -15.80 -28.42
C VAL A 449 21.10 -16.27 -28.57
N SER A 450 21.31 -17.55 -28.24
CA SER A 450 22.65 -18.10 -28.11
C SER A 450 23.30 -18.35 -29.47
N TRP A 451 24.47 -18.99 -29.42
CA TRP A 451 25.16 -19.44 -30.62
C TRP A 451 24.32 -20.45 -31.40
N VAL A 452 24.14 -21.64 -30.83
CA VAL A 452 23.50 -22.74 -31.53
C VAL A 452 22.03 -22.47 -31.79
N MET A 453 21.35 -21.80 -30.88
CA MET A 453 19.95 -21.46 -31.12
C MET A 453 19.75 -20.44 -32.22
N LYS A 454 20.63 -19.44 -32.32
CA LYS A 454 20.52 -18.53 -33.45
C LYS A 454 20.77 -19.27 -34.75
N ILE A 455 21.77 -20.17 -34.77
CA ILE A 455 21.99 -20.99 -35.95
C ILE A 455 20.75 -21.81 -36.28
N GLY A 456 20.17 -22.45 -35.26
CA GLY A 456 19.02 -23.31 -35.49
C GLY A 456 17.80 -22.54 -35.99
N ILE A 457 17.51 -21.39 -35.39
CA ILE A 457 16.36 -20.61 -35.83
C ILE A 457 16.60 -20.08 -37.24
N GLY A 458 17.84 -19.70 -37.56
CA GLY A 458 18.13 -19.29 -38.92
C GLY A 458 17.87 -20.39 -39.93
N VAL A 459 18.34 -21.61 -39.61
CA VAL A 459 18.14 -22.70 -40.58
C VAL A 459 16.68 -23.09 -40.65
N LEU A 460 15.94 -22.96 -39.55
CA LEU A 460 14.52 -23.24 -39.58
C LEU A 460 13.78 -22.23 -40.47
N LEU A 461 14.15 -20.95 -40.36
CA LEU A 461 13.54 -19.93 -41.21
C LEU A 461 13.90 -20.17 -42.67
N THR A 462 15.14 -20.57 -42.94
CA THR A 462 15.51 -20.90 -44.33
C THR A 462 14.69 -22.07 -44.86
N TRP A 463 14.53 -23.12 -44.06
CA TRP A 463 13.75 -24.28 -44.50
C TRP A 463 12.31 -23.89 -44.76
N ILE A 464 11.75 -23.01 -43.92
CA ILE A 464 10.42 -22.47 -44.21
C ILE A 464 10.44 -21.72 -45.54
N GLY A 465 11.50 -20.97 -45.80
CA GLY A 465 11.57 -20.19 -47.02
C GLY A 465 11.64 -21.03 -48.28
N LEU A 466 12.20 -22.24 -48.17
CA LEU A 466 12.26 -23.15 -49.32
C LEU A 466 11.02 -24.03 -49.45
N ASN A 467 9.95 -23.72 -48.74
CA ASN A 467 8.73 -24.52 -48.82
C ASN A 467 7.49 -23.64 -48.81
N SER A 468 7.49 -22.56 -49.59
CA SER A 468 6.31 -21.72 -49.68
C SER A 468 6.13 -21.23 -51.11
N LYS A 469 4.88 -21.12 -51.52
CA LYS A 469 4.52 -20.72 -52.89
C LYS A 469 4.24 -19.21 -52.96
N ASN A 470 5.18 -18.44 -52.43
CA ASN A 470 5.08 -16.99 -52.43
C ASN A 470 6.46 -16.39 -52.61
N THR A 471 6.60 -15.50 -53.59
CA THR A 471 7.89 -14.85 -53.80
C THR A 471 8.29 -14.04 -52.57
N SER A 472 7.34 -13.27 -52.01
CA SER A 472 7.66 -12.44 -50.86
C SER A 472 8.09 -13.28 -49.66
N MET A 473 7.27 -14.28 -49.31
CA MET A 473 7.60 -15.11 -48.16
C MET A 473 8.90 -15.88 -48.38
N SER A 474 9.06 -16.46 -49.57
CA SER A 474 10.26 -17.23 -49.85
C SER A 474 11.51 -16.37 -49.74
N PHE A 475 11.54 -15.24 -50.45
CA PHE A 475 12.73 -14.39 -50.41
C PHE A 475 12.99 -13.84 -49.01
N SER A 476 11.96 -13.36 -48.32
CA SER A 476 12.16 -12.81 -46.99
C SER A 476 12.71 -13.86 -46.04
N CYS A 477 12.09 -15.04 -46.01
CA CYS A 477 12.53 -16.08 -45.09
C CYS A 477 13.95 -16.56 -45.42
N ILE A 478 14.26 -16.77 -46.70
CA ILE A 478 15.60 -17.28 -47.02
C ILE A 478 16.66 -16.23 -46.74
N ALA A 479 16.38 -14.96 -47.05
CA ALA A 479 17.35 -13.92 -46.76
C ALA A 479 17.59 -13.80 -45.25
N ILE A 480 16.50 -13.79 -44.47
CA ILE A 480 16.65 -13.70 -43.02
C ILE A 480 17.42 -14.89 -42.49
N GLY A 481 17.13 -16.08 -43.00
CA GLY A 481 17.82 -17.26 -42.52
C GLY A 481 19.30 -17.23 -42.82
N ILE A 482 19.67 -16.90 -44.06
CA ILE A 482 21.07 -16.90 -44.41
C ILE A 482 21.82 -15.82 -43.64
N ILE A 483 21.20 -14.64 -43.50
CA ILE A 483 21.82 -13.58 -42.70
C ILE A 483 21.98 -14.04 -41.26
N THR A 484 21.00 -14.75 -40.73
CA THR A 484 21.08 -15.22 -39.35
C THR A 484 22.21 -16.23 -39.17
N LEU A 485 22.34 -17.19 -40.10
CA LEU A 485 23.45 -18.12 -40.01
C LEU A 485 24.79 -17.40 -40.07
N TYR A 486 24.92 -16.46 -41.01
CA TYR A 486 26.20 -15.75 -41.08
C TYR A 486 26.49 -14.95 -39.82
N LEU A 487 25.49 -14.29 -39.25
CA LEU A 487 25.67 -13.56 -38.01
C LEU A 487 26.01 -14.49 -36.85
N GLY A 488 25.38 -15.66 -36.80
CA GLY A 488 25.67 -16.61 -35.74
C GLY A 488 27.06 -17.18 -35.83
N ALA A 489 27.57 -17.36 -37.05
CA ALA A 489 28.94 -17.85 -37.21
C ALA A 489 29.98 -16.82 -36.79
N VAL A 490 29.57 -15.56 -36.58
CA VAL A 490 30.49 -14.51 -36.15
C VAL A 490 30.16 -13.96 -34.78
N VAL A 491 28.96 -14.22 -34.28
CA VAL A 491 28.51 -13.66 -33.00
C VAL A 491 29.37 -14.25 -31.89
N GLN A 492 29.36 -13.61 -30.72
CA GLN A 492 30.16 -14.02 -29.57
C GLN A 492 31.63 -14.09 -29.93
N ALA A 493 32.09 -13.05 -30.64
CA ALA A 493 33.47 -12.95 -31.05
C ALA A 493 34.41 -12.95 -29.85
N SER B 1 23.22 -20.56 -8.35
CA SER B 1 21.99 -20.25 -9.09
C SER B 1 22.26 -19.22 -10.17
N VAL B 2 23.30 -18.41 -9.97
CA VAL B 2 23.60 -17.33 -10.89
C VAL B 2 24.10 -17.85 -12.23
N ALA B 3 24.58 -19.09 -12.29
CA ALA B 3 25.11 -19.63 -13.53
C ALA B 3 24.05 -19.72 -14.62
N LEU B 4 22.79 -19.86 -14.25
CA LEU B 4 21.72 -19.81 -15.23
C LEU B 4 21.59 -18.39 -15.75
N ALA B 5 21.00 -18.28 -16.94
CA ALA B 5 20.93 -17.01 -17.67
C ALA B 5 22.32 -16.35 -17.77
N PRO B 6 23.29 -17.01 -18.41
CA PRO B 6 24.59 -16.37 -18.57
C PRO B 6 24.49 -15.14 -19.47
N HIS B 7 25.38 -14.19 -19.24
CA HIS B 7 25.39 -12.98 -20.04
C HIS B 7 25.81 -13.30 -21.46
N VAL B 8 24.83 -13.48 -22.33
CA VAL B 8 25.07 -13.83 -23.73
C VAL B 8 23.87 -13.40 -24.54
N GLY B 9 24.09 -12.97 -25.78
CA GLY B 9 23.06 -12.44 -26.62
C GLY B 9 22.81 -10.96 -26.44
N MET B 10 23.05 -10.43 -25.25
CA MET B 10 22.99 -8.99 -25.05
C MET B 10 23.93 -8.30 -26.01
N GLY B 11 23.47 -7.25 -26.67
CA GLY B 11 24.34 -6.60 -27.62
C GLY B 11 25.19 -5.55 -26.96
N LEU B 12 26.38 -5.96 -26.51
CA LEU B 12 27.40 -5.06 -26.02
C LEU B 12 28.75 -5.73 -26.18
N ASP B 13 29.44 -5.49 -27.30
CA ASP B 13 30.66 -6.22 -27.61
C ASP B 13 31.30 -5.59 -28.85
N THR B 14 32.42 -6.18 -29.26
CA THR B 14 33.14 -5.76 -30.44
C THR B 14 33.98 -6.94 -30.92
N ARG B 15 34.95 -6.67 -31.80
CA ARG B 15 35.78 -7.74 -32.34
C ARG B 15 36.83 -8.24 -31.37
N THR B 16 37.01 -7.59 -30.22
CA THR B 16 37.90 -8.13 -29.20
C THR B 16 37.29 -9.37 -28.58
N GLN B 17 38.08 -10.43 -28.47
CA GLN B 17 37.57 -11.71 -27.98
C GLN B 17 37.11 -11.57 -26.54
N THR B 18 35.95 -12.15 -26.23
CA THR B 18 35.32 -11.98 -24.94
C THR B 18 35.78 -13.04 -23.94
N TRP B 19 35.06 -13.11 -22.84
CA TRP B 19 35.39 -14.04 -21.75
C TRP B 19 35.00 -15.46 -22.13
N MET B 20 35.93 -16.40 -21.94
CA MET B 20 35.69 -17.83 -22.06
C MET B 20 34.99 -18.20 -23.37
N SER B 21 35.53 -17.74 -24.50
CA SER B 21 34.81 -17.85 -25.78
C SER B 21 34.48 -19.30 -26.12
N ALA B 22 35.51 -20.11 -26.36
CA ALA B 22 35.27 -21.47 -26.84
C ALA B 22 34.59 -22.33 -25.79
N GLU B 23 35.11 -22.29 -24.57
CA GLU B 23 34.54 -23.11 -23.49
C GLU B 23 33.09 -22.75 -23.25
N GLY B 24 32.79 -21.45 -23.08
CA GLY B 24 31.43 -21.05 -22.84
C GLY B 24 30.51 -21.32 -24.01
N ALA B 25 31.05 -21.20 -25.22
CA ALA B 25 30.24 -21.44 -26.41
C ALA B 25 29.80 -22.89 -26.50
N TRP B 26 30.71 -23.83 -26.23
CA TRP B 26 30.36 -25.24 -26.39
C TRP B 26 29.83 -25.86 -25.11
N ARG B 27 29.84 -25.12 -24.01
CA ARG B 27 29.44 -25.65 -22.71
C ARG B 27 28.00 -26.16 -22.73
N GLN B 28 27.07 -25.36 -23.23
CA GLN B 28 25.66 -25.71 -23.14
C GLN B 28 25.36 -26.98 -23.94
N VAL B 29 25.85 -27.06 -25.17
CA VAL B 29 25.57 -28.23 -25.99
C VAL B 29 26.28 -29.46 -25.45
N GLU B 30 27.49 -29.30 -24.90
CA GLU B 30 28.13 -30.45 -24.29
C GLU B 30 27.31 -30.98 -23.12
N LYS B 31 26.77 -30.08 -22.30
CA LYS B 31 25.96 -30.51 -21.18
C LYS B 31 24.70 -31.21 -21.65
N VAL B 32 24.06 -30.68 -22.70
CA VAL B 32 22.87 -31.33 -23.23
C VAL B 32 23.20 -32.72 -23.74
N GLU B 33 24.32 -32.85 -24.46
CA GLU B 33 24.69 -34.15 -25.00
C GLU B 33 25.01 -35.15 -23.90
N THR B 34 25.72 -34.71 -22.85
CA THR B 34 26.05 -35.66 -21.79
C THR B 34 24.81 -36.07 -21.01
N TRP B 35 23.86 -35.14 -20.80
CA TRP B 35 22.62 -35.53 -20.16
C TRP B 35 21.85 -36.53 -21.01
N ALA B 36 21.85 -36.32 -22.33
CA ALA B 36 21.18 -37.28 -23.22
C ALA B 36 21.84 -38.64 -23.11
N LEU B 37 23.18 -38.66 -23.04
CA LEU B 37 23.88 -39.94 -22.94
C LEU B 37 23.58 -40.62 -21.61
N ARG B 38 23.33 -39.83 -20.56
CA ARG B 38 22.99 -40.43 -19.26
C ARG B 38 21.66 -41.17 -19.31
N HIS B 39 20.66 -40.60 -19.99
CA HIS B 39 19.29 -41.12 -19.95
C HIS B 39 18.75 -41.34 -21.35
N PRO B 40 18.98 -42.51 -21.95
CA PRO B 40 18.49 -42.73 -23.32
C PRO B 40 16.99 -42.98 -23.40
N GLY B 41 16.32 -43.26 -22.29
CA GLY B 41 14.90 -43.56 -22.36
C GLY B 41 14.07 -42.40 -22.87
N PHE B 42 14.45 -41.18 -22.48
CA PHE B 42 13.71 -40.02 -22.93
C PHE B 42 13.78 -39.88 -24.45
N THR B 43 14.80 -40.47 -25.09
CA THR B 43 14.82 -40.51 -26.53
C THR B 43 13.64 -41.31 -27.07
N ILE B 44 13.35 -42.46 -26.46
CA ILE B 44 12.18 -43.23 -26.85
C ILE B 44 10.92 -42.43 -26.60
N LEU B 45 10.84 -41.76 -25.44
CA LEU B 45 9.64 -40.99 -25.15
C LEU B 45 9.42 -39.87 -26.17
N ALA B 46 10.48 -39.14 -26.51
CA ALA B 46 10.38 -38.05 -27.47
C ALA B 46 10.05 -38.58 -28.86
N LEU B 47 10.59 -39.75 -29.22
CA LEU B 47 10.21 -40.34 -30.49
C LEU B 47 8.72 -40.67 -30.52
N PHE B 48 8.19 -41.21 -29.43
CA PHE B 48 6.76 -41.49 -29.40
C PHE B 48 5.95 -40.21 -29.52
N LEU B 49 6.32 -39.17 -28.78
CA LEU B 49 5.59 -37.91 -28.84
C LEU B 49 5.65 -37.32 -30.25
N ALA B 50 6.83 -37.33 -30.86
CA ALA B 50 6.96 -36.79 -32.21
C ALA B 50 6.15 -37.60 -33.21
N HIS B 51 6.15 -38.93 -33.07
CA HIS B 51 5.41 -39.76 -34.00
C HIS B 51 3.91 -39.56 -33.90
N TYR B 52 3.37 -39.42 -32.69
CA TYR B 52 1.92 -39.40 -32.52
C TYR B 52 1.33 -37.99 -32.64
N ILE B 53 2.16 -36.96 -32.79
CA ILE B 53 1.67 -35.60 -33.02
C ILE B 53 2.48 -34.99 -34.16
N GLY B 54 1.91 -33.98 -34.81
CA GLY B 54 2.57 -33.29 -35.88
C GLY B 54 1.87 -33.39 -37.22
N THR B 55 1.40 -34.58 -37.59
CA THR B 55 0.63 -34.80 -38.82
C THR B 55 1.41 -34.32 -40.05
N SER B 56 2.72 -34.45 -39.99
CA SER B 56 3.62 -34.09 -41.08
C SER B 56 4.96 -34.75 -40.78
N LEU B 57 5.99 -34.40 -41.54
CA LEU B 57 7.33 -34.92 -41.29
C LEU B 57 8.29 -33.85 -40.78
N THR B 58 8.33 -32.69 -41.45
CA THR B 58 9.15 -31.59 -40.94
C THR B 58 8.70 -31.18 -39.55
N GLN B 59 7.39 -31.16 -39.32
CA GLN B 59 6.89 -30.86 -37.98
C GLN B 59 7.33 -31.92 -36.99
N LYS B 60 7.26 -33.20 -37.39
CA LYS B 60 7.76 -34.26 -36.51
C LYS B 60 9.19 -34.00 -36.11
N VAL B 61 10.04 -33.64 -37.08
CA VAL B 61 11.44 -33.36 -36.78
C VAL B 61 11.56 -32.18 -35.83
N VAL B 62 10.76 -31.13 -36.06
CA VAL B 62 10.88 -29.93 -35.24
C VAL B 62 10.55 -30.23 -33.78
N ILE B 63 9.38 -30.85 -33.53
CA ILE B 63 9.04 -31.19 -32.15
C ILE B 63 10.06 -32.15 -31.57
N PHE B 64 10.48 -33.18 -32.31
CA PHE B 64 11.42 -34.14 -31.73
C PHE B 64 12.71 -33.45 -31.30
N ILE B 65 13.36 -32.74 -32.22
CA ILE B 65 14.67 -32.17 -31.90
C ILE B 65 14.55 -31.10 -30.83
N LEU B 66 13.53 -30.25 -30.91
CA LEU B 66 13.45 -29.17 -29.95
C LEU B 66 13.09 -29.70 -28.57
N LEU B 67 12.13 -30.63 -28.50
CA LEU B 67 11.79 -31.29 -27.24
C LEU B 67 13.00 -31.96 -26.62
N MET B 68 13.78 -32.68 -27.43
CA MET B 68 14.99 -33.31 -26.90
C MET B 68 15.98 -32.27 -26.42
N LEU B 69 15.94 -31.07 -27.01
CA LEU B 69 16.82 -30.02 -26.53
C LEU B 69 16.29 -29.38 -25.25
N VAL B 70 15.00 -29.53 -24.95
CA VAL B 70 14.45 -28.83 -23.79
C VAL B 70 14.91 -29.46 -22.49
N THR B 71 14.58 -30.73 -22.30
CA THR B 71 14.63 -31.36 -20.98
C THR B 71 16.01 -31.32 -20.34
N PRO B 72 17.10 -31.64 -21.03
CA PRO B 72 18.41 -31.50 -20.38
C PRO B 72 18.69 -30.07 -19.98
N SER B 73 18.09 -29.12 -20.66
CA SER B 73 18.31 -27.72 -20.35
C SER B 73 17.36 -27.21 -19.26
N MET B 74 16.12 -27.68 -19.25
CA MET B 74 15.23 -27.40 -18.13
C MET B 74 15.58 -28.18 -16.88
N THR B 75 16.48 -29.14 -16.99
CA THR B 75 16.92 -29.88 -15.81
C THR B 75 17.83 -28.99 -15.00
N MET C 1 -40.36 -23.10 38.32
CA MET C 1 -40.47 -22.14 39.42
C MET C 1 -39.50 -20.99 39.21
N ARG C 2 -38.22 -21.30 38.99
CA ARG C 2 -37.30 -20.26 38.56
C ARG C 2 -37.63 -19.79 37.16
N CYS C 3 -38.04 -20.72 36.30
CA CYS C 3 -38.34 -20.42 34.90
C CYS C 3 -39.84 -20.22 34.76
N VAL C 4 -40.31 -19.00 35.03
CA VAL C 4 -41.71 -18.65 34.82
C VAL C 4 -41.75 -17.39 33.97
N GLY C 5 -42.28 -17.51 32.76
CA GLY C 5 -42.43 -16.37 31.88
C GLY C 5 -41.15 -15.68 31.53
N VAL C 6 -40.08 -16.43 31.30
CA VAL C 6 -38.77 -15.88 30.99
C VAL C 6 -38.23 -16.57 29.75
N GLY C 7 -37.71 -15.78 28.81
CA GLY C 7 -37.01 -16.27 27.63
C GLY C 7 -37.61 -17.49 26.99
N ASN C 8 -38.89 -17.40 26.61
CA ASN C 8 -39.66 -18.46 25.94
C ASN C 8 -39.27 -19.85 26.43
N ARG C 9 -39.22 -20.00 27.76
CA ARG C 9 -38.90 -21.29 28.35
C ARG C 9 -39.95 -22.32 27.93
N ASP C 10 -39.51 -23.53 27.62
CA ASP C 10 -40.44 -24.59 27.27
C ASP C 10 -40.38 -25.69 28.32
N PHE C 11 -41.27 -26.66 28.17
CA PHE C 11 -41.36 -27.80 29.07
C PHE C 11 -41.22 -29.08 28.27
N VAL C 12 -40.14 -29.82 28.53
CA VAL C 12 -39.87 -31.07 27.80
C VAL C 12 -40.31 -32.19 28.74
N GLU C 13 -41.34 -32.91 28.30
CA GLU C 13 -41.90 -34.01 29.10
C GLU C 13 -41.46 -35.35 28.52
N GLY C 14 -41.73 -36.41 29.28
CA GLY C 14 -41.39 -37.75 28.87
C GLY C 14 -40.01 -38.18 29.36
N LEU C 15 -39.88 -39.48 29.58
CA LEU C 15 -38.60 -40.06 29.96
C LEU C 15 -38.38 -41.36 29.19
N SER C 16 -37.13 -41.63 28.86
CA SER C 16 -36.79 -42.85 28.14
C SER C 16 -36.79 -44.04 29.08
N GLY C 17 -36.38 -45.19 28.54
CA GLY C 17 -36.09 -46.35 29.36
C GLY C 17 -34.94 -46.04 30.29
N ALA C 18 -35.03 -46.53 31.53
CA ALA C 18 -34.12 -46.22 32.64
C ALA C 18 -34.16 -44.75 33.02
N THR C 19 -35.05 -43.95 32.41
CA THR C 19 -35.26 -42.56 32.78
C THR C 19 -34.01 -41.69 32.63
N TRP C 20 -33.44 -41.67 31.43
CA TRP C 20 -32.59 -40.56 31.04
C TRP C 20 -33.35 -39.74 30.02
N VAL C 21 -33.33 -38.42 30.17
CA VAL C 21 -33.88 -37.51 29.19
C VAL C 21 -32.77 -36.58 28.72
N ASP C 22 -32.62 -36.47 27.41
CA ASP C 22 -31.58 -35.61 26.87
C ASP C 22 -32.11 -34.19 26.74
N VAL C 23 -31.28 -33.22 27.11
CA VAL C 23 -31.67 -31.82 27.00
C VAL C 23 -30.45 -30.97 26.68
N VAL C 24 -30.60 -30.06 25.73
CA VAL C 24 -29.56 -29.08 25.44
C VAL C 24 -29.97 -27.77 26.08
N LEU C 25 -29.08 -27.20 26.89
CA LEU C 25 -29.43 -26.04 27.71
C LEU C 25 -28.93 -24.78 27.01
N GLU C 26 -29.80 -24.19 26.20
CA GLU C 26 -29.50 -22.92 25.60
C GLU C 26 -29.36 -21.85 26.68
N HIS C 27 -28.29 -21.06 26.59
CA HIS C 27 -28.07 -20.02 27.57
C HIS C 27 -28.93 -18.81 27.23
N GLY C 28 -29.30 -18.05 28.25
CA GLY C 28 -30.30 -17.02 28.06
C GLY C 28 -31.70 -17.55 27.98
N GLY C 29 -31.88 -18.84 28.24
CA GLY C 29 -33.17 -19.50 28.29
C GLY C 29 -33.04 -20.71 29.19
N CYS C 30 -34.15 -21.39 29.39
CA CYS C 30 -34.14 -22.53 30.29
C CYS C 30 -35.33 -23.44 30.00
N VAL C 31 -35.28 -24.63 30.58
CA VAL C 31 -36.30 -25.65 30.34
C VAL C 31 -36.83 -26.13 31.68
N THR C 32 -38.04 -26.68 31.64
CA THR C 32 -38.66 -27.37 32.77
C THR C 32 -39.05 -28.77 32.30
N THR C 33 -39.15 -29.69 33.25
CA THR C 33 -39.40 -31.09 32.89
C THR C 33 -40.36 -31.73 33.87
N MET C 34 -41.56 -32.02 33.41
CA MET C 34 -42.46 -32.86 34.18
C MET C 34 -42.09 -34.33 33.98
N ALA C 35 -42.65 -35.20 34.80
CA ALA C 35 -42.34 -36.61 34.76
C ALA C 35 -43.61 -37.43 34.95
N LYS C 36 -43.46 -38.75 34.84
CA LYS C 36 -44.57 -39.65 35.11
C LYS C 36 -45.02 -39.53 36.56
N ASN C 37 -44.08 -39.66 37.50
CA ASN C 37 -44.38 -39.53 38.91
C ASN C 37 -43.39 -38.66 39.67
N LYS C 38 -42.21 -38.40 39.09
CA LYS C 38 -41.18 -37.69 39.81
C LYS C 38 -41.44 -36.18 39.77
N PRO C 39 -41.01 -35.45 40.79
CA PRO C 39 -41.27 -34.01 40.82
C PRO C 39 -40.61 -33.29 39.66
N THR C 40 -41.30 -32.27 39.16
CA THR C 40 -40.76 -31.49 38.06
C THR C 40 -39.65 -30.57 38.54
N LEU C 41 -38.80 -30.18 37.61
CA LEU C 41 -37.65 -29.34 37.93
C LEU C 41 -37.27 -28.54 36.70
N ASP C 42 -36.71 -27.35 36.93
CA ASP C 42 -36.26 -26.48 35.87
C ASP C 42 -34.77 -26.24 36.00
N ILE C 43 -34.08 -26.25 34.86
CA ILE C 43 -32.63 -26.12 34.80
C ILE C 43 -32.30 -24.93 33.93
N GLU C 44 -31.44 -24.04 34.44
CA GLU C 44 -30.98 -22.88 33.68
C GLU C 44 -29.47 -22.79 33.78
N LEU C 45 -28.81 -22.64 32.65
CA LEU C 45 -27.37 -22.42 32.60
C LEU C 45 -27.08 -20.94 32.73
N GLN C 46 -25.96 -20.62 33.38
CA GLN C 46 -25.58 -19.24 33.63
C GLN C 46 -24.17 -19.19 34.20
N LYS C 47 -23.44 -18.14 33.84
CA LYS C 47 -22.07 -17.90 34.31
C LYS C 47 -21.13 -19.05 33.92
N THR C 48 -20.91 -19.17 32.60
CA THR C 48 -19.88 -20.06 32.08
C THR C 48 -18.53 -19.35 32.15
N GLU C 49 -18.01 -19.24 33.38
CA GLU C 49 -16.73 -18.58 33.59
C GLU C 49 -15.60 -19.31 32.89
N ALA C 50 -14.62 -18.53 32.41
CA ALA C 50 -13.39 -19.06 31.84
C ALA C 50 -12.23 -18.32 32.47
N THR C 51 -11.35 -19.04 33.15
CA THR C 51 -10.28 -18.45 33.92
C THR C 51 -8.92 -18.93 33.43
N GLN C 52 -7.87 -18.29 33.94
CA GLN C 52 -6.48 -18.62 33.61
C GLN C 52 -6.23 -18.50 32.10
N LEU C 53 -6.34 -17.27 31.61
CA LEU C 53 -6.22 -17.00 30.19
C LEU C 53 -4.76 -16.88 29.78
N ALA C 54 -4.54 -16.92 28.47
CA ALA C 54 -3.23 -16.73 27.87
C ALA C 54 -3.32 -15.68 26.77
N THR C 55 -2.31 -14.80 26.69
CA THR C 55 -2.34 -13.67 25.78
C THR C 55 -1.39 -13.93 24.62
N LEU C 56 -1.90 -13.74 23.40
CA LEU C 56 -1.08 -13.85 22.20
C LEU C 56 -1.65 -12.90 21.14
N ARG C 57 -0.73 -12.33 20.36
CA ARG C 57 -1.07 -11.36 19.32
C ARG C 57 -1.89 -10.19 19.86
N LYS C 58 -1.25 -9.39 20.70
CA LYS C 58 -1.79 -8.10 21.08
C LYS C 58 -1.57 -7.14 19.92
N LEU C 59 -2.66 -6.53 19.44
CA LEU C 59 -2.54 -5.61 18.32
C LEU C 59 -2.37 -4.19 18.82
N CYS C 60 -2.24 -3.26 17.88
CA CYS C 60 -2.06 -1.85 18.19
C CYS C 60 -3.03 -1.02 17.35
N ILE C 61 -3.86 -0.22 18.01
CA ILE C 61 -4.91 0.53 17.33
C ILE C 61 -4.64 2.03 17.37
N GLU C 62 -3.39 2.43 17.63
CA GLU C 62 -3.01 3.82 17.53
C GLU C 62 -1.50 3.90 17.32
N GLY C 63 -1.05 5.05 16.83
CA GLY C 63 0.37 5.27 16.64
C GLY C 63 0.74 6.66 17.13
N LYS C 64 2.05 6.88 17.28
CA LYS C 64 2.59 8.19 17.59
C LYS C 64 3.98 8.26 16.98
N ILE C 65 4.06 8.77 15.74
CA ILE C 65 5.34 8.92 15.09
C ILE C 65 6.10 10.07 15.75
N THR C 66 7.09 9.73 16.56
CA THR C 66 7.82 10.73 17.33
C THR C 66 9.02 11.28 16.55
N ASN C 67 9.92 10.43 16.09
CA ASN C 67 11.14 10.89 15.42
C ASN C 67 11.04 10.61 13.94
N ILE C 68 11.43 11.59 13.13
CA ILE C 68 11.38 11.50 11.68
C ILE C 68 12.74 11.87 11.11
N THR C 69 13.17 11.14 10.08
CA THR C 69 14.46 11.38 9.45
C THR C 69 14.29 11.18 7.95
N THR C 70 15.22 11.73 7.17
CA THR C 70 15.13 11.68 5.72
C THR C 70 16.53 11.69 5.13
N ASP C 71 16.61 11.36 3.84
CA ASP C 71 17.88 11.38 3.12
C ASP C 71 17.58 11.33 1.63
N SER C 72 18.47 11.93 0.85
CA SER C 72 18.32 11.98 -0.60
C SER C 72 19.63 11.65 -1.27
N ARG C 73 19.54 11.25 -2.54
CA ARG C 73 20.72 10.94 -3.34
C ARG C 73 20.48 11.35 -4.77
N CYS C 74 21.53 11.83 -5.43
CA CYS C 74 21.42 12.35 -6.79
C CYS C 74 21.03 11.24 -7.76
N PRO C 75 20.41 11.59 -8.88
CA PRO C 75 19.97 10.56 -9.83
C PRO C 75 21.14 9.74 -10.35
N THR C 76 20.85 8.48 -10.66
CA THR C 76 21.84 7.50 -11.11
C THR C 76 23.00 7.41 -10.11
N GLN C 77 22.65 7.35 -8.82
CA GLN C 77 23.66 7.22 -7.78
C GLN C 77 23.21 6.21 -6.72
N GLY C 78 22.25 5.35 -7.05
CA GLY C 78 21.78 4.33 -6.14
C GLY C 78 20.74 4.87 -5.16
N GLU C 79 20.17 3.95 -4.39
CA GLU C 79 19.14 4.28 -3.43
C GLU C 79 19.79 4.85 -2.16
N ALA C 80 19.30 6.00 -1.71
CA ALA C 80 19.88 6.62 -0.52
C ALA C 80 19.45 5.86 0.72
N VAL C 81 20.44 5.31 1.44
CA VAL C 81 20.15 4.65 2.71
C VAL C 81 20.12 5.67 3.83
N LEU C 82 19.56 5.24 4.96
CA LEU C 82 19.48 6.04 6.17
C LEU C 82 20.02 5.20 7.32
N PRO C 83 20.84 5.78 8.20
CA PRO C 83 21.39 4.98 9.30
C PRO C 83 20.33 4.40 10.21
N GLU C 84 19.19 5.07 10.35
CA GLU C 84 18.11 4.60 11.21
C GLU C 84 17.17 3.67 10.42
N GLU C 85 17.78 2.66 9.80
CA GLU C 85 17.05 1.72 8.97
C GLU C 85 17.01 0.32 9.56
N GLN C 86 18.05 -0.11 10.25
CA GLN C 86 18.13 -1.48 10.72
C GLN C 86 17.60 -1.65 12.14
N ASP C 87 17.10 -0.59 12.76
CA ASP C 87 16.53 -0.72 14.09
C ASP C 87 15.19 -1.43 14.03
N GLN C 88 14.80 -2.01 15.16
CA GLN C 88 13.59 -2.81 15.24
C GLN C 88 12.34 -1.97 15.48
N ASN C 89 12.40 -0.67 15.24
CA ASN C 89 11.27 0.21 15.51
C ASN C 89 11.01 1.23 14.41
N TYR C 90 11.68 1.14 13.27
CA TYR C 90 11.53 2.12 12.21
C TYR C 90 10.88 1.48 10.99
N VAL C 91 9.98 2.23 10.37
CA VAL C 91 9.25 1.78 9.19
C VAL C 91 9.37 2.86 8.13
N CYS C 92 9.64 2.46 6.89
CA CYS C 92 9.74 3.42 5.80
C CYS C 92 9.84 2.70 4.46
N LYS C 93 9.63 3.47 3.40
CA LYS C 93 9.72 3.00 2.03
C LYS C 93 10.51 4.01 1.21
N HIS C 94 10.93 3.57 0.04
CA HIS C 94 11.69 4.41 -0.87
C HIS C 94 10.77 4.99 -1.94
N THR C 95 10.98 6.27 -2.23
CA THR C 95 10.23 6.93 -3.29
C THR C 95 11.22 7.69 -4.17
N TYR C 96 10.74 8.14 -5.32
CA TYR C 96 11.57 8.79 -6.30
C TYR C 96 11.22 10.28 -6.37
N VAL C 97 12.26 11.11 -6.42
CA VAL C 97 12.10 12.55 -6.52
C VAL C 97 12.98 13.04 -7.68
N ASP C 98 12.60 14.18 -8.23
CA ASP C 98 13.33 14.80 -9.32
C ASP C 98 14.28 15.85 -8.74
N ARG C 99 15.54 15.78 -9.14
CA ARG C 99 16.58 16.65 -8.60
C ARG C 99 17.25 17.40 -9.74
N GLY C 100 17.68 18.63 -9.46
CA GLY C 100 18.31 19.46 -10.46
C GLY C 100 19.44 20.28 -9.87
N TRP C 101 19.93 21.22 -10.68
CA TRP C 101 20.98 22.14 -10.25
C TRP C 101 20.50 22.99 -9.09
N GLY C 102 19.20 23.21 -8.99
CA GLY C 102 18.64 23.94 -7.88
C GLY C 102 18.51 23.16 -6.61
N ASN C 103 18.84 21.87 -6.63
CA ASN C 103 18.75 21.02 -5.44
C ASN C 103 20.11 20.47 -5.03
N GLY C 104 21.18 20.82 -5.74
CA GLY C 104 22.52 20.44 -5.37
C GLY C 104 23.13 19.27 -6.13
N CYS C 105 22.43 18.71 -7.11
CA CYS C 105 22.93 17.58 -7.88
C CYS C 105 23.12 17.98 -9.33
N GLY C 106 24.32 17.71 -9.85
CA GLY C 106 24.65 18.15 -11.20
C GLY C 106 23.85 17.47 -12.28
N LEU C 107 23.65 16.16 -12.16
CA LEU C 107 22.90 15.40 -13.16
C LEU C 107 21.40 15.56 -12.92
N PHE C 108 20.68 15.87 -13.99
CA PHE C 108 19.24 16.02 -13.94
C PHE C 108 18.57 14.67 -14.08
N GLY C 109 17.41 14.52 -13.46
CA GLY C 109 16.67 13.27 -13.57
C GLY C 109 15.90 12.99 -12.30
N LYS C 110 15.65 11.70 -12.07
CA LYS C 110 14.91 11.24 -10.90
C LYS C 110 15.88 10.59 -9.92
N GLY C 111 15.80 10.99 -8.67
CA GLY C 111 16.70 10.49 -7.64
C GLY C 111 15.95 9.79 -6.52
N SER C 112 16.67 8.97 -5.77
CA SER C 112 16.09 8.21 -4.68
C SER C 112 15.98 9.06 -3.42
N LEU C 113 15.04 8.68 -2.55
CA LEU C 113 14.80 9.41 -1.32
C LEU C 113 14.08 8.49 -0.35
N VAL C 114 14.40 8.61 0.94
CA VAL C 114 13.79 7.79 1.98
C VAL C 114 13.34 8.69 3.13
N THR C 115 12.37 8.19 3.90
CA THR C 115 11.83 8.94 5.03
C THR C 115 11.41 7.93 6.09
N CYS C 116 12.28 7.67 7.06
CA CYS C 116 12.03 6.64 8.06
C CYS C 116 11.72 7.27 9.42
N ALA C 117 10.90 6.59 10.20
CA ALA C 117 10.38 7.16 11.42
C ALA C 117 10.12 6.07 12.47
N LYS C 118 10.39 6.42 13.73
CA LYS C 118 10.07 5.52 14.83
C LYS C 118 8.57 5.48 15.05
N PHE C 119 8.09 4.35 15.57
CA PHE C 119 6.66 4.07 15.68
C PHE C 119 6.33 3.57 17.08
N GLN C 120 6.04 4.50 17.99
CA GLN C 120 5.50 4.12 19.29
C GLN C 120 4.10 3.54 19.13
N CYS C 121 3.77 2.57 19.98
CA CYS C 121 2.41 2.06 19.99
C CYS C 121 1.63 2.63 21.18
N LEU C 122 0.32 2.71 21.00
CA LEU C 122 -0.57 3.21 22.03
C LEU C 122 -1.85 2.39 22.01
N GLU C 123 -2.44 2.20 23.18
CA GLU C 123 -3.70 1.48 23.34
C GLU C 123 -3.68 0.09 22.69
N PRO C 124 -2.81 -0.82 23.17
CA PRO C 124 -2.81 -2.18 22.62
C PRO C 124 -4.11 -2.90 22.96
N ILE C 125 -4.55 -3.77 22.05
CA ILE C 125 -5.78 -4.54 22.25
C ILE C 125 -5.36 -6.00 22.32
N GLU C 126 -5.13 -6.46 23.54
CA GLU C 126 -4.61 -7.81 23.72
C GLU C 126 -5.63 -8.85 23.31
N GLY C 127 -5.14 -9.94 22.71
CA GLY C 127 -5.97 -11.07 22.34
C GLY C 127 -5.70 -12.25 23.26
N LYS C 128 -6.77 -12.80 23.82
CA LYS C 128 -6.67 -13.86 24.81
C LYS C 128 -7.29 -15.15 24.29
N VAL C 129 -6.55 -16.23 24.40
CA VAL C 129 -7.03 -17.57 24.10
C VAL C 129 -7.41 -18.26 25.39
N VAL C 130 -8.44 -19.09 25.34
CA VAL C 130 -8.92 -19.84 26.48
C VAL C 130 -8.65 -21.32 26.25
N GLN C 131 -8.22 -22.02 27.29
CA GLN C 131 -7.92 -23.43 27.22
C GLN C 131 -8.95 -24.23 28.00
N TYR C 132 -9.28 -25.43 27.51
CA TYR C 132 -10.31 -26.26 28.12
C TYR C 132 -9.94 -26.77 29.51
N GLU C 133 -8.68 -26.65 29.93
CA GLU C 133 -8.32 -27.12 31.26
C GLU C 133 -9.05 -26.35 32.35
N ASN C 134 -9.17 -25.04 32.20
CA ASN C 134 -9.70 -24.17 33.24
C ASN C 134 -11.13 -23.72 33.00
N LEU C 135 -11.77 -24.20 31.94
CA LEU C 135 -13.14 -23.77 31.66
C LEU C 135 -14.10 -24.35 32.69
N LYS C 136 -15.14 -23.58 33.02
CA LYS C 136 -16.13 -24.00 34.01
C LYS C 136 -17.50 -23.50 33.62
N TYR C 137 -18.45 -24.41 33.52
CA TYR C 137 -19.85 -24.07 33.35
C TYR C 137 -20.54 -24.04 34.71
N THR C 138 -21.80 -23.64 34.70
CA THR C 138 -22.59 -23.60 35.93
C THR C 138 -24.07 -23.67 35.58
N VAL C 139 -24.74 -24.72 36.05
CA VAL C 139 -26.17 -24.88 35.85
C VAL C 139 -26.86 -24.97 37.20
N ILE C 140 -27.97 -24.27 37.34
CA ILE C 140 -28.71 -24.19 38.59
C ILE C 140 -30.01 -24.98 38.42
N ILE C 141 -30.21 -25.97 39.28
CA ILE C 141 -31.39 -26.81 39.25
C ILE C 141 -32.28 -26.40 40.41
N THR C 142 -33.55 -26.15 40.12
CA THR C 142 -34.52 -25.76 41.13
C THR C 142 -35.70 -26.73 41.11
N VAL C 143 -36.08 -27.19 42.30
CA VAL C 143 -37.25 -28.04 42.40
C VAL C 143 -38.49 -27.18 42.59
N HIS C 144 -39.65 -27.75 42.26
CA HIS C 144 -40.91 -27.03 42.37
C HIS C 144 -41.54 -27.25 43.75
N THR C 145 -40.83 -26.78 44.77
CA THR C 145 -41.33 -26.91 46.13
C THR C 145 -42.54 -26.01 46.40
N GLY C 146 -42.84 -25.08 45.49
CA GLY C 146 -43.95 -24.17 45.71
C GLY C 146 -43.74 -23.21 46.86
N ASP C 147 -42.52 -22.72 47.02
CA ASP C 147 -42.23 -21.76 48.07
C ASP C 147 -42.89 -20.41 47.76
N GLN C 148 -43.03 -19.60 48.82
CA GLN C 148 -43.64 -18.29 48.65
C GLN C 148 -42.80 -17.39 47.74
N HIS C 149 -41.48 -17.45 47.90
CA HIS C 149 -40.56 -16.57 47.17
C HIS C 149 -39.79 -17.34 46.10
N GLN C 150 -40.48 -18.24 45.40
CA GLN C 150 -39.86 -19.09 44.41
C GLN C 150 -40.14 -18.69 42.97
N VAL C 151 -41.22 -17.95 42.73
CA VAL C 151 -41.59 -17.63 41.35
C VAL C 151 -40.62 -16.61 40.78
N GLY C 152 -40.04 -16.94 39.63
CA GLY C 152 -39.17 -16.01 38.93
C GLY C 152 -37.98 -15.54 39.73
N ASN C 153 -37.47 -16.36 40.64
CA ASN C 153 -36.37 -15.96 41.51
C ASN C 153 -35.07 -16.55 40.99
N GLU C 154 -34.11 -15.68 40.67
CA GLU C 154 -32.82 -16.13 40.17
C GLU C 154 -31.89 -16.61 41.28
N THR C 155 -32.24 -16.40 42.54
CA THR C 155 -31.35 -16.78 43.64
C THR C 155 -31.55 -18.22 44.09
N GLN C 156 -32.80 -18.66 44.21
CA GLN C 156 -33.07 -19.99 44.73
C GLN C 156 -32.58 -21.07 43.77
N GLY C 157 -32.19 -22.19 44.34
CA GLY C 157 -31.68 -23.29 43.56
C GLY C 157 -30.42 -23.84 44.17
N VAL C 158 -29.87 -24.85 43.52
CA VAL C 158 -28.61 -25.47 43.92
C VAL C 158 -27.68 -25.44 42.72
N THR C 159 -26.49 -24.90 42.90
CA THR C 159 -25.51 -24.87 41.81
C THR C 159 -24.87 -26.23 41.64
N ALA C 160 -24.78 -26.69 40.39
CA ALA C 160 -24.07 -27.91 40.04
C ALA C 160 -23.12 -27.60 38.89
N GLU C 161 -21.93 -27.12 39.24
CA GLU C 161 -20.95 -26.73 38.23
C GLU C 161 -20.36 -27.97 37.55
N ILE C 162 -19.96 -27.79 36.30
CA ILE C 162 -19.42 -28.87 35.48
C ILE C 162 -18.20 -28.36 34.73
N THR C 163 -17.18 -29.23 34.59
CA THR C 163 -15.92 -28.94 33.92
C THR C 163 -15.59 -29.99 32.86
N PRO C 164 -14.89 -29.60 31.80
CA PRO C 164 -14.56 -30.55 30.73
C PRO C 164 -13.73 -31.75 31.18
N GLN C 165 -13.10 -31.70 32.35
CA GLN C 165 -12.43 -32.88 32.89
C GLN C 165 -13.45 -33.79 33.55
N ALA C 166 -14.11 -33.28 34.60
CA ALA C 166 -15.13 -34.04 35.31
C ALA C 166 -16.50 -33.75 34.69
N SER C 167 -16.80 -34.51 33.62
CA SER C 167 -18.06 -34.31 32.92
C SER C 167 -19.25 -34.74 33.78
N THR C 168 -19.14 -35.88 34.45
CA THR C 168 -20.25 -36.35 35.26
C THR C 168 -20.35 -35.54 36.56
N THR C 169 -21.57 -35.36 37.02
CA THR C 169 -21.81 -34.66 38.28
C THR C 169 -23.19 -35.04 38.78
N GLU C 170 -23.29 -35.25 40.09
CA GLU C 170 -24.54 -35.61 40.75
C GLU C 170 -24.95 -34.43 41.64
N ALA C 171 -26.05 -33.79 41.29
CA ALA C 171 -26.53 -32.66 42.07
C ALA C 171 -27.32 -33.13 43.27
N ILE C 172 -26.91 -32.70 44.46
CA ILE C 172 -27.56 -33.09 45.71
C ILE C 172 -28.70 -32.11 45.95
N LEU C 173 -29.86 -32.64 46.27
CA LEU C 173 -31.05 -31.83 46.49
C LEU C 173 -31.45 -31.90 47.96
N PRO C 174 -32.13 -30.87 48.47
CA PRO C 174 -32.64 -30.93 49.85
C PRO C 174 -33.81 -31.89 49.96
N GLU C 175 -33.56 -33.06 50.56
CA GLU C 175 -34.52 -34.15 50.69
C GLU C 175 -35.34 -34.35 49.42
N TYR C 176 -34.63 -34.55 48.30
CA TYR C 176 -35.23 -35.05 47.07
C TYR C 176 -34.44 -36.16 46.41
N GLY C 177 -33.27 -36.51 46.92
CA GLY C 177 -32.40 -37.44 46.25
C GLY C 177 -31.34 -36.73 45.42
N THR C 178 -30.73 -37.50 44.52
CA THR C 178 -29.66 -37.01 43.68
C THR C 178 -30.11 -37.00 42.22
N LEU C 179 -29.68 -35.98 41.48
CA LEU C 179 -29.93 -35.88 40.05
C LEU C 179 -28.62 -36.05 39.30
N GLY C 180 -28.61 -36.91 38.29
CA GLY C 180 -27.40 -37.23 37.57
C GLY C 180 -27.23 -36.45 36.28
N LEU C 181 -26.18 -35.66 36.20
CA LEU C 181 -25.87 -34.88 35.01
C LEU C 181 -24.70 -35.51 34.25
N GLU C 182 -24.85 -35.62 32.94
CA GLU C 182 -23.81 -36.16 32.07
C GLU C 182 -23.51 -35.20 30.91
N CYS C 183 -23.55 -33.89 31.16
CA CYS C 183 -23.37 -32.93 30.09
C CYS C 183 -21.97 -33.02 29.50
N SER C 184 -21.87 -32.66 28.22
CA SER C 184 -20.62 -32.73 27.48
C SER C 184 -20.23 -31.35 26.97
N PRO C 185 -19.24 -30.70 27.57
CA PRO C 185 -18.80 -29.39 27.09
C PRO C 185 -17.84 -29.43 25.91
N ARG C 186 -17.24 -30.57 25.62
CA ARG C 186 -16.30 -30.65 24.49
C ARG C 186 -17.02 -30.49 23.17
N THR C 187 -18.34 -30.64 23.17
CA THR C 187 -19.17 -30.28 22.04
C THR C 187 -19.95 -29.03 22.38
N GLY C 188 -20.83 -28.60 21.47
CA GLY C 188 -21.47 -27.31 21.64
C GLY C 188 -20.55 -26.20 21.18
N LEU C 189 -20.43 -25.17 22.03
CA LEU C 189 -19.46 -24.13 21.74
C LEU C 189 -18.05 -24.70 21.76
N ASP C 190 -17.26 -24.33 20.75
CA ASP C 190 -15.89 -24.79 20.63
C ASP C 190 -14.96 -23.59 20.79
N PHE C 191 -14.23 -23.57 21.91
CA PHE C 191 -13.32 -22.48 22.21
C PHE C 191 -11.92 -22.70 21.67
N ASN C 192 -11.69 -23.81 20.97
CA ASN C 192 -10.38 -24.03 20.36
C ASN C 192 -10.13 -23.05 19.22
N GLU C 193 -11.16 -22.76 18.41
CA GLU C 193 -11.06 -21.79 17.33
C GLU C 193 -11.77 -20.48 17.67
N MET C 194 -12.08 -20.25 18.93
CA MET C 194 -12.68 -19.00 19.37
C MET C 194 -11.73 -18.29 20.32
N ILE C 195 -11.42 -17.04 20.03
CA ILE C 195 -10.42 -16.28 20.77
C ILE C 195 -11.09 -15.08 21.41
N LEU C 196 -10.89 -14.91 22.71
CA LEU C 196 -11.47 -13.76 23.41
C LEU C 196 -10.62 -12.52 23.15
N LEU C 197 -11.28 -11.45 22.73
CA LEU C 197 -10.62 -10.19 22.38
C LEU C 197 -11.07 -9.13 23.37
N THR C 198 -10.13 -8.57 24.11
CA THR C 198 -10.43 -7.59 25.15
C THR C 198 -9.77 -6.28 24.79
N MET C 199 -10.57 -5.22 24.68
CA MET C 199 -10.07 -3.87 24.49
C MET C 199 -10.82 -2.93 25.40
N LYS C 200 -10.06 -2.05 26.06
CA LYS C 200 -10.61 -1.09 27.02
C LYS C 200 -11.37 -1.86 28.09
N ASN C 201 -12.65 -1.58 28.33
CA ASN C 201 -13.44 -2.28 29.32
C ASN C 201 -14.40 -3.30 28.71
N LYS C 202 -14.27 -3.57 27.41
CA LYS C 202 -15.18 -4.45 26.72
C LYS C 202 -14.43 -5.64 26.14
N ALA C 203 -15.15 -6.75 25.97
CA ALA C 203 -14.58 -7.97 25.46
C ALA C 203 -15.49 -8.55 24.39
N TRP C 204 -14.97 -9.54 23.66
CA TRP C 204 -15.67 -10.12 22.54
C TRP C 204 -15.14 -11.51 22.27
N MET C 205 -15.88 -12.28 21.47
CA MET C 205 -15.44 -13.57 20.98
C MET C 205 -15.49 -13.53 19.46
N VAL C 206 -14.35 -13.75 18.83
CA VAL C 206 -14.24 -13.74 17.36
C VAL C 206 -13.60 -15.05 16.92
N HIS C 207 -14.08 -15.56 15.79
CA HIS C 207 -13.52 -16.80 15.23
C HIS C 207 -12.04 -16.63 14.98
N ARG C 208 -11.25 -17.64 15.34
CA ARG C 208 -9.80 -17.50 15.33
C ARG C 208 -9.29 -17.20 13.93
N GLN C 209 -9.77 -17.93 12.93
CA GLN C 209 -9.32 -17.71 11.55
C GLN C 209 -9.51 -16.27 11.13
N TRP C 210 -10.53 -15.60 11.64
CA TRP C 210 -10.78 -14.20 11.33
C TRP C 210 -9.97 -13.26 12.19
N PHE C 211 -9.34 -13.74 13.26
CA PHE C 211 -8.60 -12.85 14.14
C PHE C 211 -7.16 -12.63 13.71
N PHE C 212 -6.68 -13.31 12.67
CA PHE C 212 -5.39 -12.95 12.10
C PHE C 212 -5.50 -12.26 10.75
N ASP C 213 -6.67 -12.28 10.11
CA ASP C 213 -6.77 -11.71 8.77
C ASP C 213 -7.25 -10.27 8.80
N LEU C 214 -7.65 -9.75 9.95
CA LEU C 214 -8.01 -8.34 10.01
C LEU C 214 -6.73 -7.50 10.01
N PRO C 215 -6.61 -6.54 9.11
CA PRO C 215 -5.31 -5.89 8.91
C PRO C 215 -4.96 -4.84 9.96
N LEU C 216 -4.04 -5.19 10.84
CA LEU C 216 -3.47 -4.26 11.81
C LEU C 216 -2.08 -4.76 12.18
N PRO C 217 -1.24 -3.91 12.75
CA PRO C 217 0.01 -4.39 13.32
C PRO C 217 -0.24 -5.35 14.47
N TRP C 218 0.65 -6.33 14.60
CA TRP C 218 0.53 -7.34 15.65
C TRP C 218 1.90 -7.64 16.24
N ALA C 219 1.90 -8.17 17.46
CA ALA C 219 3.12 -8.38 18.21
C ALA C 219 3.06 -9.72 18.91
N SER C 220 4.19 -10.12 19.51
CA SER C 220 4.29 -11.42 20.14
C SER C 220 3.40 -11.57 21.36
N GLY C 221 2.97 -10.47 21.97
CA GLY C 221 2.16 -10.55 23.17
C GLY C 221 2.91 -11.10 24.36
N ALA C 222 4.17 -10.71 24.51
CA ALA C 222 4.99 -11.12 25.65
C ALA C 222 5.08 -10.04 26.71
N THR C 223 4.37 -8.92 26.54
CA THR C 223 4.32 -7.79 27.47
C THR C 223 5.68 -7.52 28.13
N THR C 224 6.69 -7.32 27.29
CA THR C 224 8.06 -7.09 27.73
C THR C 224 8.42 -5.61 27.69
N GLU C 225 7.43 -4.74 27.49
CA GLU C 225 7.51 -3.28 27.50
C GLU C 225 8.17 -2.69 26.25
N THR C 226 8.75 -3.50 25.37
CA THR C 226 9.34 -3.00 24.12
C THR C 226 8.93 -3.89 22.97
N PRO C 227 7.64 -3.89 22.61
CA PRO C 227 7.20 -4.78 21.53
C PRO C 227 7.64 -4.27 20.17
N THR C 228 8.31 -5.14 19.42
CA THR C 228 8.72 -4.84 18.06
C THR C 228 7.61 -5.28 17.13
N TRP C 229 6.86 -4.32 16.60
CA TRP C 229 5.60 -4.62 15.95
C TRP C 229 5.84 -5.12 14.53
N ASN C 230 5.25 -6.27 14.20
CA ASN C 230 5.30 -6.76 12.84
C ASN C 230 4.30 -6.02 11.98
N ARG C 231 4.67 -5.78 10.73
CA ARG C 231 3.85 -5.04 9.77
C ARG C 231 3.45 -3.68 10.33
N LYS C 232 4.44 -2.83 10.58
CA LYS C 232 4.18 -1.46 10.98
C LYS C 232 3.74 -0.61 9.80
N GLU C 233 4.02 -1.03 8.58
CA GLU C 233 3.71 -0.21 7.41
C GLU C 233 2.20 -0.02 7.25
N LEU C 234 1.41 -0.98 7.74
CA LEU C 234 -0.02 -0.95 7.48
C LEU C 234 -0.69 0.25 8.15
N LEU C 235 -0.26 0.58 9.38
CA LEU C 235 -0.92 1.66 10.10
C LEU C 235 -0.41 3.02 9.65
N VAL C 236 0.88 3.23 9.68
CA VAL C 236 1.45 4.51 9.24
C VAL C 236 1.30 4.60 7.72
N THR C 237 1.03 5.81 7.22
CA THR C 237 0.81 6.02 5.80
C THR C 237 1.69 7.16 5.32
N PHE C 238 2.46 6.92 4.27
CA PHE C 238 3.25 7.96 3.65
C PHE C 238 2.46 8.64 2.56
N LYS C 239 2.51 9.96 2.50
CA LYS C 239 1.97 10.72 1.39
C LYS C 239 3.10 11.51 0.75
N ASN C 240 3.23 11.38 -0.56
CA ASN C 240 4.19 12.16 -1.33
C ASN C 240 3.41 13.20 -2.10
N ALA C 241 3.75 14.46 -1.89
CA ALA C 241 3.07 15.54 -2.58
C ALA C 241 3.49 15.51 -4.05
N HIS C 242 3.06 16.50 -4.81
CA HIS C 242 3.47 16.59 -6.21
C HIS C 242 4.99 16.69 -6.27
N ALA C 243 5.64 15.62 -6.72
CA ALA C 243 7.09 15.49 -6.68
C ALA C 243 7.66 15.92 -5.34
N LYS C 244 8.85 16.54 -5.37
CA LYS C 244 9.44 17.19 -4.21
C LYS C 244 9.51 16.32 -2.97
N LYS C 245 9.24 16.92 -1.81
CA LYS C 245 9.58 16.31 -0.52
C LYS C 245 8.63 15.17 -0.19
N GLN C 246 8.76 14.62 1.02
CA GLN C 246 7.96 13.49 1.46
C GLN C 246 7.75 13.59 2.97
N GLU C 247 6.52 13.44 3.42
CA GLU C 247 6.16 13.60 4.82
C GLU C 247 5.28 12.46 5.29
N VAL C 248 5.20 12.30 6.61
CA VAL C 248 4.63 11.11 7.25
C VAL C 248 3.54 11.54 8.21
N VAL C 249 2.44 10.79 8.24
CA VAL C 249 1.34 11.06 9.15
C VAL C 249 1.06 9.82 10.01
N VAL C 250 0.05 9.89 10.86
CA VAL C 250 -0.14 8.92 11.93
C VAL C 250 -1.37 8.06 11.71
N LEU C 251 -2.34 8.59 10.97
CA LEU C 251 -3.58 7.89 10.63
C LEU C 251 -4.43 7.61 11.85
N GLY C 252 -4.28 8.41 12.91
CA GLY C 252 -5.23 8.43 14.00
C GLY C 252 -5.33 7.13 14.76
N SER C 253 -6.53 6.87 15.29
CA SER C 253 -6.78 5.70 16.13
C SER C 253 -7.94 4.88 15.57
N GLN C 254 -7.82 3.55 15.66
CA GLN C 254 -8.77 2.63 15.06
C GLN C 254 -9.85 2.17 16.03
N GLU C 255 -10.14 2.94 17.08
CA GLU C 255 -11.10 2.50 18.10
C GLU C 255 -12.45 2.18 17.48
N GLY C 256 -13.12 3.19 16.93
CA GLY C 256 -14.41 2.96 16.31
C GLY C 256 -14.34 2.03 15.11
N ALA C 257 -13.18 1.98 14.46
CA ALA C 257 -13.01 1.02 13.38
C ALA C 257 -13.19 -0.40 13.88
N MET C 258 -12.49 -0.77 14.96
CA MET C 258 -12.65 -2.09 15.53
C MET C 258 -14.06 -2.30 16.07
N HIS C 259 -14.63 -1.28 16.71
CA HIS C 259 -15.98 -1.41 17.23
C HIS C 259 -16.97 -1.70 16.11
N THR C 260 -16.77 -1.08 14.95
CA THR C 260 -17.59 -1.38 13.78
C THR C 260 -17.34 -2.78 13.26
N ALA C 261 -16.07 -3.21 13.28
CA ALA C 261 -15.71 -4.48 12.67
C ALA C 261 -16.39 -5.65 13.37
N LEU C 262 -16.45 -5.64 14.70
CA LEU C 262 -16.93 -6.78 15.47
C LEU C 262 -18.45 -6.81 15.50
N THR C 263 -19.06 -6.74 14.30
CA THR C 263 -20.50 -6.69 14.22
C THR C 263 -21.14 -8.01 14.63
N GLY C 264 -20.65 -9.11 14.08
CA GLY C 264 -21.26 -10.40 14.33
C GLY C 264 -20.84 -11.10 15.60
N ALA C 265 -19.92 -10.51 16.36
CA ALA C 265 -19.42 -11.16 17.56
C ALA C 265 -20.43 -11.01 18.70
N THR C 266 -20.25 -11.86 19.71
CA THR C 266 -21.09 -11.84 20.90
C THR C 266 -20.43 -10.96 21.96
N GLU C 267 -20.98 -10.96 23.17
CA GLU C 267 -20.45 -10.15 24.26
C GLU C 267 -20.10 -11.06 25.42
N ILE C 268 -18.95 -10.81 26.03
CA ILE C 268 -18.48 -11.59 27.18
C ILE C 268 -18.02 -10.59 28.23
N GLN C 269 -18.81 -10.43 29.29
CA GLN C 269 -18.49 -9.48 30.34
C GLN C 269 -17.40 -10.04 31.24
N ASN C 270 -16.22 -9.44 31.22
CA ASN C 270 -15.08 -9.89 32.01
C ASN C 270 -14.82 -8.91 33.13
N SER C 271 -15.04 -9.35 34.37
CA SER C 271 -14.68 -8.57 35.54
C SER C 271 -13.58 -9.28 36.33
N GLY C 272 -13.81 -10.53 36.73
CA GLY C 272 -12.76 -11.36 37.31
C GLY C 272 -12.49 -12.53 36.40
N GLY C 273 -11.33 -12.53 35.77
CA GLY C 273 -11.13 -13.46 34.67
C GLY C 273 -12.12 -13.12 33.58
N THR C 274 -12.88 -14.11 33.11
CA THR C 274 -13.90 -13.88 32.11
C THR C 274 -15.16 -14.62 32.51
N SER C 275 -16.30 -14.05 32.17
CA SER C 275 -17.62 -14.65 32.40
C SER C 275 -18.35 -14.69 31.07
N ILE C 276 -18.11 -15.77 30.31
CA ILE C 276 -18.67 -15.88 28.96
C ILE C 276 -20.16 -16.17 29.06
N PHE C 277 -20.98 -15.21 28.66
CA PHE C 277 -22.41 -15.44 28.56
C PHE C 277 -22.73 -15.92 27.15
N ALA C 278 -24.00 -15.97 26.80
CA ALA C 278 -24.45 -16.41 25.48
C ALA C 278 -23.88 -17.78 25.12
N GLY C 279 -23.90 -18.70 26.08
CA GLY C 279 -23.32 -20.02 25.89
C GLY C 279 -24.29 -20.99 25.24
N HIS C 280 -23.91 -22.27 25.27
CA HIS C 280 -24.68 -23.36 24.70
C HIS C 280 -24.07 -24.67 25.15
N LEU C 281 -24.91 -25.62 25.55
CA LEU C 281 -24.40 -26.86 26.13
C LEU C 281 -25.49 -27.92 26.14
N LYS C 282 -25.11 -29.15 25.83
CA LYS C 282 -26.03 -30.29 25.84
C LYS C 282 -25.86 -31.06 27.15
N CYS C 283 -26.97 -31.59 27.67
CA CYS C 283 -26.97 -32.25 28.96
C CYS C 283 -27.82 -33.51 28.91
N ARG C 284 -27.58 -34.40 29.87
CA ARG C 284 -28.40 -35.60 30.07
C ARG C 284 -28.85 -35.62 31.52
N LEU C 285 -30.13 -35.93 31.73
CA LEU C 285 -30.72 -35.95 33.07
C LEU C 285 -30.99 -37.40 33.46
N LYS C 286 -30.15 -37.94 34.33
CA LYS C 286 -30.40 -39.25 34.92
C LYS C 286 -31.29 -39.06 36.14
N MET C 287 -32.59 -39.30 35.98
CA MET C 287 -33.58 -38.87 36.94
C MET C 287 -34.06 -40.00 37.85
N ASP C 288 -33.25 -41.02 38.08
CA ASP C 288 -33.71 -42.16 38.88
C ASP C 288 -34.02 -41.75 40.31
N LYS C 289 -33.16 -40.93 40.92
CA LYS C 289 -33.25 -40.65 42.35
C LYS C 289 -33.97 -39.31 42.58
N LEU C 290 -35.25 -39.31 42.24
CA LEU C 290 -36.13 -38.15 42.46
C LEU C 290 -37.31 -38.62 43.30
N GLU C 291 -37.28 -38.32 44.59
CA GLU C 291 -38.38 -38.67 45.47
C GLU C 291 -39.57 -37.75 45.22
N LEU C 292 -40.76 -38.35 45.17
CA LEU C 292 -41.97 -37.57 44.99
C LEU C 292 -42.27 -36.68 46.19
N LYS C 293 -41.74 -37.04 47.37
CA LYS C 293 -41.79 -36.26 48.60
C LYS C 293 -43.19 -36.18 49.21
N GLY C 294 -44.20 -36.74 48.55
CA GLY C 294 -45.55 -36.63 49.07
C GLY C 294 -46.27 -37.96 49.16
N MET C 295 -45.52 -39.05 49.10
CA MET C 295 -46.14 -40.38 49.15
C MET C 295 -46.87 -40.58 50.47
N SER C 296 -46.25 -40.19 51.58
CA SER C 296 -46.84 -40.45 52.89
C SER C 296 -47.92 -39.43 53.24
N TYR C 297 -47.82 -38.21 52.69
CA TYR C 297 -48.71 -37.14 53.08
C TYR C 297 -50.15 -37.46 52.70
N ALA C 298 -51.08 -36.77 53.36
CA ALA C 298 -52.51 -37.00 53.17
C ALA C 298 -53.19 -35.72 52.69
N MET C 299 -54.30 -35.91 51.98
CA MET C 299 -55.07 -34.79 51.44
C MET C 299 -55.87 -34.15 52.58
N CYS C 300 -55.43 -32.94 52.96
CA CYS C 300 -56.09 -32.22 54.03
C CYS C 300 -57.44 -31.69 53.57
N THR C 301 -58.28 -31.33 54.54
CA THR C 301 -59.67 -30.97 54.27
C THR C 301 -60.00 -29.51 54.55
N ASN C 302 -59.09 -28.74 55.15
CA ASN C 302 -59.42 -27.37 55.50
C ASN C 302 -59.49 -26.50 54.25
N THR C 303 -60.10 -25.33 54.42
CA THR C 303 -60.34 -24.45 53.28
C THR C 303 -59.06 -23.74 52.85
N PHE C 304 -59.14 -23.07 51.70
CA PHE C 304 -58.01 -22.41 51.06
C PHE C 304 -58.41 -21.03 50.57
N VAL C 305 -57.60 -20.03 50.88
CA VAL C 305 -57.77 -18.69 50.36
C VAL C 305 -56.54 -18.34 49.53
N LEU C 306 -56.73 -17.47 48.53
CA LEU C 306 -55.67 -17.09 47.63
C LEU C 306 -55.27 -15.64 47.90
N LYS C 307 -53.97 -15.35 47.74
CA LYS C 307 -53.47 -14.01 48.02
C LYS C 307 -53.70 -13.07 46.85
N LYS C 308 -53.11 -13.37 45.70
CA LYS C 308 -53.26 -12.56 44.50
C LYS C 308 -54.15 -13.28 43.50
N GLU C 309 -54.69 -12.51 42.56
CA GLU C 309 -55.63 -13.03 41.59
C GLU C 309 -54.95 -14.02 40.66
N VAL C 310 -55.76 -14.85 39.99
CA VAL C 310 -55.25 -15.80 39.04
C VAL C 310 -54.54 -15.06 37.91
N SER C 311 -53.38 -15.54 37.52
CA SER C 311 -52.61 -14.94 36.45
C SER C 311 -51.99 -16.05 35.60
N GLU C 312 -51.73 -15.73 34.33
CA GLU C 312 -51.17 -16.69 33.41
C GLU C 312 -49.82 -16.21 32.89
N THR C 313 -49.19 -17.00 32.05
CA THR C 313 -47.93 -16.62 31.42
C THR C 313 -48.12 -16.50 29.92
N GLN C 314 -47.03 -16.34 29.18
CA GLN C 314 -47.12 -16.33 27.73
C GLN C 314 -47.65 -17.66 27.22
N HIS C 315 -47.25 -18.75 27.84
CA HIS C 315 -47.62 -20.09 27.39
C HIS C 315 -48.93 -20.49 28.05
N GLY C 316 -49.33 -21.74 27.89
CA GLY C 316 -50.52 -22.24 28.56
C GLY C 316 -50.24 -22.61 30.00
N THR C 317 -50.00 -21.61 30.84
CA THR C 317 -49.69 -21.87 32.24
C THR C 317 -50.28 -20.75 33.09
N ILE C 318 -51.04 -21.13 34.11
CA ILE C 318 -51.64 -20.18 35.04
C ILE C 318 -50.98 -20.38 36.39
N LEU C 319 -50.70 -19.28 37.08
CA LEU C 319 -50.02 -19.32 38.36
C LEU C 319 -51.01 -18.94 39.46
N ILE C 320 -51.27 -19.87 40.37
CA ILE C 320 -52.23 -19.66 41.46
C ILE C 320 -51.47 -19.64 42.77
N LYS C 321 -51.71 -18.62 43.58
CA LYS C 321 -51.03 -18.43 44.86
C LYS C 321 -52.08 -18.59 45.96
N VAL C 322 -52.17 -19.80 46.52
CA VAL C 322 -53.17 -20.13 47.52
C VAL C 322 -52.53 -20.11 48.90
N GLU C 323 -53.38 -19.95 49.92
CA GLU C 323 -52.96 -19.94 51.32
C GLU C 323 -53.82 -20.92 52.10
N TYR C 324 -53.26 -21.50 53.15
CA TYR C 324 -53.96 -22.51 53.92
C TYR C 324 -54.52 -21.94 55.21
N LYS C 325 -55.64 -22.50 55.65
CA LYS C 325 -56.37 -22.01 56.81
C LYS C 325 -55.95 -22.80 58.05
N GLY C 326 -56.72 -22.67 59.12
CA GLY C 326 -56.33 -23.13 60.44
C GLY C 326 -56.37 -24.62 60.69
N GLU C 327 -55.51 -25.37 60.02
CA GLU C 327 -55.24 -26.77 60.34
C GLU C 327 -53.73 -26.96 60.34
N ASP C 328 -53.21 -27.56 61.40
CA ASP C 328 -51.76 -27.57 61.59
C ASP C 328 -51.06 -28.60 60.72
N ALA C 329 -51.79 -29.57 60.19
CA ALA C 329 -51.16 -30.67 59.47
C ALA C 329 -50.61 -30.18 58.12
N PRO C 330 -49.33 -30.41 57.83
CA PRO C 330 -48.84 -30.16 56.47
C PRO C 330 -49.31 -31.24 55.51
N CYS C 331 -50.20 -30.87 54.60
CA CYS C 331 -50.97 -31.84 53.83
C CYS C 331 -50.52 -31.87 52.37
N LYS C 332 -51.23 -32.69 51.60
CA LYS C 332 -51.11 -32.71 50.13
C LYS C 332 -52.39 -32.13 49.55
N ILE C 333 -52.38 -30.84 49.27
CA ILE C 333 -53.48 -30.20 48.54
C ILE C 333 -53.86 -30.95 47.27
N PRO C 334 -55.08 -31.46 47.18
CA PRO C 334 -55.55 -32.07 45.94
C PRO C 334 -55.86 -31.01 44.91
N PHE C 335 -56.30 -31.47 43.74
CA PHE C 335 -56.53 -30.56 42.62
C PHE C 335 -57.44 -31.27 41.62
N SER C 336 -58.25 -30.47 40.93
CA SER C 336 -59.16 -30.99 39.92
C SER C 336 -59.55 -29.85 38.99
N THR C 337 -60.04 -30.23 37.81
CA THR C 337 -60.54 -29.27 36.84
C THR C 337 -61.95 -29.67 36.43
N GLU C 338 -62.81 -28.68 36.22
CA GLU C 338 -64.21 -28.92 35.89
C GLU C 338 -64.60 -28.08 34.67
N ASP C 339 -65.66 -28.50 34.01
CA ASP C 339 -66.16 -27.77 32.86
C ASP C 339 -67.34 -26.88 33.25
N GLY C 340 -68.00 -26.32 32.23
CA GLY C 340 -69.03 -25.32 32.48
C GLY C 340 -70.19 -25.86 33.28
N GLN C 341 -71.00 -26.72 32.67
CA GLN C 341 -72.12 -27.34 33.35
C GLN C 341 -71.89 -28.83 33.59
N GLY C 342 -70.80 -29.38 33.05
CA GLY C 342 -70.49 -30.77 33.24
C GLY C 342 -69.21 -30.93 34.05
N LYS C 343 -68.90 -32.18 34.37
CA LYS C 343 -67.76 -32.53 35.20
C LYS C 343 -66.80 -33.39 34.40
N ALA C 344 -65.71 -32.79 33.95
CA ALA C 344 -64.66 -33.50 33.22
C ALA C 344 -63.30 -32.97 33.65
N HIS C 345 -62.41 -33.88 34.01
CA HIS C 345 -61.07 -33.52 34.48
C HIS C 345 -60.10 -33.68 33.32
N ASN C 346 -59.56 -32.56 32.82
CA ASN C 346 -58.59 -32.57 31.74
C ASN C 346 -57.37 -31.71 32.00
N GLY C 347 -57.45 -30.68 32.83
CA GLY C 347 -56.34 -29.79 33.04
C GLY C 347 -55.15 -30.42 33.73
N ARG C 348 -54.03 -30.52 33.02
CA ARG C 348 -52.83 -31.07 33.61
C ARG C 348 -52.28 -30.14 34.69
N LEU C 349 -51.80 -30.72 35.78
CA LEU C 349 -51.12 -29.97 36.82
C LEU C 349 -49.62 -30.00 36.52
N ILE C 350 -49.08 -28.86 36.07
CA ILE C 350 -47.74 -28.86 35.49
C ILE C 350 -46.68 -29.15 36.53
N THR C 351 -46.90 -28.68 37.77
CA THR C 351 -45.89 -28.86 38.80
C THR C 351 -46.01 -30.25 39.41
N ALA C 352 -45.21 -30.53 40.44
CA ALA C 352 -45.32 -31.77 41.17
C ALA C 352 -46.53 -31.71 42.09
N ASN C 353 -46.70 -32.73 42.92
CA ASN C 353 -47.79 -32.70 43.89
C ASN C 353 -47.57 -31.55 44.86
N PRO C 354 -48.43 -30.54 44.85
CA PRO C 354 -48.22 -29.37 45.72
C PRO C 354 -48.46 -29.75 47.17
N VAL C 355 -47.62 -29.23 48.06
CA VAL C 355 -47.66 -29.55 49.48
C VAL C 355 -47.53 -28.26 50.28
N VAL C 356 -48.39 -28.11 51.29
CA VAL C 356 -48.32 -26.96 52.17
C VAL C 356 -47.43 -27.32 53.35
N THR C 357 -46.14 -26.99 53.27
CA THR C 357 -45.21 -27.42 54.30
C THR C 357 -45.49 -26.73 55.64
N LYS C 358 -45.87 -25.45 55.61
CA LYS C 358 -46.14 -24.69 56.81
C LYS C 358 -47.45 -23.94 56.67
N LYS C 359 -48.13 -23.76 57.80
CA LYS C 359 -49.44 -23.11 57.79
C LYS C 359 -49.36 -21.67 57.29
N GLU C 360 -48.35 -20.92 57.73
CA GLU C 360 -48.33 -19.48 57.46
C GLU C 360 -47.99 -19.17 56.01
N GLU C 361 -47.00 -19.84 55.46
CA GLU C 361 -46.49 -19.41 54.16
C GLU C 361 -47.31 -20.02 53.04
N PRO C 362 -47.76 -19.22 52.08
CA PRO C 362 -48.55 -19.75 50.97
C PRO C 362 -47.70 -20.59 50.03
N VAL C 363 -48.39 -21.33 49.16
CA VAL C 363 -47.75 -22.16 48.14
C VAL C 363 -48.21 -21.69 46.78
N ASN C 364 -47.30 -21.69 45.81
CA ASN C 364 -47.58 -21.23 44.46
C ASN C 364 -47.87 -22.43 43.57
N ILE C 365 -49.15 -22.68 43.32
CA ILE C 365 -49.58 -23.81 42.50
C ILE C 365 -49.84 -23.31 41.09
N GLU C 366 -49.14 -23.87 40.12
CA GLU C 366 -49.33 -23.53 38.72
C GLU C 366 -49.63 -24.78 37.91
N ALA C 367 -50.49 -24.63 36.90
CA ALA C 367 -50.99 -25.79 36.16
C ALA C 367 -51.45 -25.34 34.78
N GLU C 368 -51.77 -26.33 33.95
CA GLU C 368 -52.20 -26.09 32.56
C GLU C 368 -53.67 -26.47 32.40
N PRO C 369 -54.58 -25.50 32.38
CA PRO C 369 -55.98 -25.80 32.10
C PRO C 369 -56.18 -26.01 30.61
N PRO C 370 -57.26 -26.67 30.21
CA PRO C 370 -57.52 -26.87 28.78
C PRO C 370 -58.05 -25.61 28.13
N PHE C 371 -58.08 -25.63 26.80
CA PHE C 371 -58.61 -24.51 26.05
C PHE C 371 -60.10 -24.34 26.31
N GLY C 372 -60.57 -23.10 26.19
CA GLY C 372 -61.96 -22.81 26.45
C GLY C 372 -62.23 -22.56 27.92
N GLU C 373 -63.49 -22.79 28.30
CA GLU C 373 -63.88 -22.57 29.68
C GLU C 373 -63.19 -23.56 30.61
N SER C 374 -62.80 -23.08 31.78
CA SER C 374 -62.13 -23.91 32.77
C SER C 374 -62.64 -23.57 34.15
N ASN C 375 -62.92 -24.61 34.94
CA ASN C 375 -63.26 -24.47 36.34
C ASN C 375 -62.27 -25.27 37.16
N ILE C 376 -61.82 -24.69 38.27
CA ILE C 376 -60.74 -25.25 39.07
C ILE C 376 -61.23 -25.48 40.49
N VAL C 377 -60.94 -26.66 41.03
CA VAL C 377 -61.33 -27.03 42.39
C VAL C 377 -60.05 -27.30 43.18
N ILE C 378 -59.98 -26.75 44.39
CA ILE C 378 -58.78 -26.78 45.21
C ILE C 378 -59.03 -27.49 46.54
N GLY C 379 -59.87 -28.53 46.57
CA GLY C 379 -60.06 -29.30 47.78
C GLY C 379 -61.14 -30.34 47.61
N ILE C 380 -61.39 -31.07 48.69
CA ILE C 380 -62.42 -32.10 48.70
C ILE C 380 -63.74 -31.56 49.24
N GLY C 381 -63.69 -30.50 50.05
CA GLY C 381 -64.91 -29.93 50.56
C GLY C 381 -65.71 -29.22 49.49
N ASP C 382 -66.98 -28.98 49.80
CA ASP C 382 -67.85 -28.28 48.86
C ASP C 382 -67.42 -26.84 48.66
N ASN C 383 -66.89 -26.20 49.70
CA ASN C 383 -66.57 -24.79 49.68
C ASN C 383 -65.07 -24.52 49.59
N ALA C 384 -64.31 -25.45 49.00
CA ALA C 384 -62.86 -25.30 48.97
C ALA C 384 -62.44 -24.06 48.21
N LEU C 385 -62.64 -24.07 46.88
CA LEU C 385 -62.38 -22.93 46.02
C LEU C 385 -63.01 -23.21 44.66
N LYS C 386 -63.23 -22.14 43.92
CA LYS C 386 -63.71 -22.21 42.54
C LYS C 386 -63.00 -21.12 41.75
N ILE C 387 -62.13 -21.53 40.83
CA ILE C 387 -61.38 -20.60 39.98
C ILE C 387 -61.83 -20.84 38.55
N ASN C 388 -62.61 -19.92 38.01
CA ASN C 388 -63.06 -20.02 36.63
C ASN C 388 -62.13 -19.18 35.76
N TRP C 389 -61.59 -19.79 34.70
CA TRP C 389 -60.64 -19.10 33.85
C TRP C 389 -60.87 -19.50 32.40
N TYR C 390 -60.69 -18.53 31.51
CA TYR C 390 -60.89 -18.70 30.08
C TYR C 390 -59.54 -18.57 29.37
N LYS C 391 -59.12 -19.62 28.68
CA LYS C 391 -57.86 -19.60 27.96
C LYS C 391 -58.10 -19.26 26.49
N LYS C 392 -57.22 -18.41 25.94
CA LYS C 392 -57.44 -17.83 24.63
C LYS C 392 -56.99 -18.72 23.48
N GLY C 393 -55.90 -19.44 23.64
CA GLY C 393 -55.27 -20.13 22.53
C GLY C 393 -56.12 -21.26 21.97
N SER C 394 -55.71 -21.73 20.80
CA SER C 394 -56.37 -22.82 20.11
C SER C 394 -55.34 -23.87 19.74
N SER C 395 -55.81 -25.11 19.57
CA SER C 395 -54.89 -26.24 19.42
C SER C 395 -54.00 -26.07 18.19
N ILE C 396 -54.57 -25.68 17.07
CA ILE C 396 -53.78 -25.49 15.86
C ILE C 396 -52.79 -24.35 16.05
N GLY C 397 -53.20 -23.29 16.74
CA GLY C 397 -52.28 -22.21 17.05
C GLY C 397 -51.14 -22.68 17.93
N LYS C 398 -51.44 -23.53 18.91
CA LYS C 398 -50.38 -24.07 19.76
C LYS C 398 -49.40 -24.92 18.94
N MET C 399 -49.92 -25.75 18.04
CA MET C 399 -49.03 -26.54 17.19
C MET C 399 -48.17 -25.65 16.31
N PHE C 400 -48.75 -24.59 15.75
CA PHE C 400 -47.98 -23.68 14.92
C PHE C 400 -46.88 -22.98 15.72
N GLU C 401 -47.21 -22.54 16.94
CA GLU C 401 -46.20 -21.90 17.77
C GLU C 401 -45.09 -22.88 18.15
N ALA C 402 -45.46 -24.14 18.44
CA ALA C 402 -44.45 -25.14 18.75
C ALA C 402 -43.53 -25.40 17.56
N THR C 403 -44.10 -25.47 16.36
CA THR C 403 -43.27 -25.66 15.17
C THR C 403 -42.36 -24.46 14.93
N ALA C 404 -42.87 -23.25 15.18
CA ALA C 404 -42.04 -22.07 15.05
C ALA C 404 -40.87 -22.10 16.02
N ARG C 405 -41.15 -22.45 17.27
CA ARG C 405 -40.08 -22.55 18.26
C ARG C 405 -39.07 -23.63 17.87
N GLY C 406 -39.56 -24.77 17.38
CA GLY C 406 -38.65 -25.83 16.97
C GLY C 406 -37.76 -25.41 15.81
N ALA C 407 -38.34 -24.73 14.83
CA ALA C 407 -37.55 -24.24 13.71
C ALA C 407 -36.51 -23.22 14.17
N ARG C 408 -36.91 -22.33 15.09
CA ARG C 408 -35.95 -21.36 15.63
C ARG C 408 -34.81 -22.07 16.32
N ARG C 409 -35.12 -23.09 17.12
CA ARG C 409 -34.07 -23.84 17.81
C ARG C 409 -33.18 -24.56 16.81
N MET C 410 -33.76 -25.09 15.74
CA MET C 410 -32.96 -25.77 14.72
C MET C 410 -32.03 -24.80 14.02
N ALA C 411 -32.48 -23.56 13.83
CA ALA C 411 -31.66 -22.58 13.12
C ALA C 411 -30.38 -22.26 13.89
N ILE C 412 -30.47 -22.16 15.22
CA ILE C 412 -29.30 -21.78 16.00
C ILE C 412 -28.47 -23.00 16.35
N LEU C 413 -29.11 -24.05 16.86
CA LEU C 413 -28.38 -25.21 17.36
C LEU C 413 -27.97 -26.17 16.27
N GLY C 414 -28.53 -26.06 15.07
CA GLY C 414 -28.11 -26.85 13.94
C GLY C 414 -28.22 -28.35 14.10
N ASP C 415 -27.10 -29.05 13.92
CA ASP C 415 -27.12 -30.51 13.94
C ASP C 415 -27.44 -31.09 15.30
N THR C 416 -27.06 -30.42 16.38
CA THR C 416 -27.36 -30.92 17.72
C THR C 416 -28.76 -30.56 18.19
N ALA C 417 -29.52 -29.82 17.38
CA ALA C 417 -30.86 -29.40 17.79
C ALA C 417 -31.80 -30.58 17.97
N TRP C 418 -31.55 -31.71 17.30
CA TRP C 418 -32.42 -32.87 17.49
C TRP C 418 -32.30 -33.42 18.90
N ASP C 419 -31.20 -33.12 19.58
CA ASP C 419 -30.98 -33.68 20.91
C ASP C 419 -31.76 -32.98 21.99
N PHE C 420 -32.50 -31.92 21.64
CA PHE C 420 -33.09 -31.05 22.67
C PHE C 420 -34.10 -31.80 23.51
N GLY C 421 -35.07 -32.45 22.89
CA GLY C 421 -36.04 -33.21 23.65
C GLY C 421 -35.88 -34.69 23.37
N SER C 422 -34.73 -35.06 22.84
CA SER C 422 -34.53 -36.40 22.31
C SER C 422 -34.65 -37.45 23.41
N VAL C 423 -35.49 -38.43 23.15
CA VAL C 423 -35.64 -39.62 23.97
C VAL C 423 -35.11 -40.78 23.14
N GLY C 424 -34.33 -41.66 23.77
CA GLY C 424 -33.59 -42.67 23.03
C GLY C 424 -34.42 -43.45 22.04
N GLY C 425 -34.20 -43.18 20.76
CA GLY C 425 -34.94 -43.84 19.70
C GLY C 425 -34.19 -43.74 18.39
N VAL C 426 -34.53 -44.65 17.48
CA VAL C 426 -33.80 -44.75 16.22
C VAL C 426 -34.12 -43.56 15.31
N LEU C 427 -35.39 -43.13 15.29
CA LEU C 427 -35.78 -42.07 14.36
C LEU C 427 -35.06 -40.77 14.65
N ASN C 428 -34.92 -40.41 15.93
CA ASN C 428 -34.18 -39.20 16.26
C ASN C 428 -32.72 -39.32 15.83
N SER C 429 -32.13 -40.50 16.00
CA SER C 429 -30.76 -40.71 15.56
C SER C 429 -30.64 -40.59 14.05
N LEU C 430 -31.61 -41.17 13.32
CA LEU C 430 -31.58 -41.09 11.86
C LEU C 430 -31.69 -39.65 11.39
N GLY C 431 -32.65 -38.90 11.95
CA GLY C 431 -32.75 -37.50 11.62
C GLY C 431 -31.51 -36.72 12.00
N LYS C 432 -30.89 -37.09 13.12
CA LYS C 432 -29.65 -36.46 13.55
C LYS C 432 -28.55 -36.64 12.51
N MET C 433 -28.37 -37.87 12.03
CA MET C 433 -27.33 -38.12 11.03
C MET C 433 -27.63 -37.39 9.73
N VAL C 434 -28.88 -37.47 9.26
CA VAL C 434 -29.23 -36.84 7.99
C VAL C 434 -29.01 -35.34 8.07
N HIS C 435 -29.55 -34.71 9.12
CA HIS C 435 -29.42 -33.27 9.27
C HIS C 435 -27.98 -32.86 9.55
N GLN C 436 -27.18 -33.74 10.16
CA GLN C 436 -25.77 -33.41 10.36
C GLN C 436 -25.03 -33.37 9.04
N ILE C 437 -25.28 -34.36 8.16
CA ILE C 437 -24.67 -34.34 6.84
C ILE C 437 -25.09 -33.09 6.08
N PHE C 438 -26.39 -32.80 6.07
CA PHE C 438 -26.89 -31.65 5.33
C PHE C 438 -26.36 -30.35 5.92
N GLY C 439 -26.27 -30.26 7.25
CA GLY C 439 -25.75 -29.06 7.87
C GLY C 439 -24.28 -28.84 7.61
N SER C 440 -23.49 -29.91 7.59
CA SER C 440 -22.09 -29.78 7.20
C SER C 440 -21.99 -29.25 5.77
N ALA C 441 -22.80 -29.81 4.87
CA ALA C 441 -22.79 -29.34 3.49
C ALA C 441 -23.19 -27.88 3.41
N TYR C 442 -24.24 -27.49 4.14
CA TYR C 442 -24.77 -26.14 4.05
C TYR C 442 -23.81 -25.11 4.62
N THR C 443 -23.31 -25.36 5.84
CA THR C 443 -22.38 -24.43 6.46
C THR C 443 -21.08 -24.33 5.67
N ALA C 444 -20.60 -25.46 5.16
CA ALA C 444 -19.43 -25.41 4.30
C ALA C 444 -19.68 -24.59 3.05
N LEU C 445 -20.89 -24.72 2.48
CA LEU C 445 -21.19 -24.01 1.24
C LEU C 445 -21.50 -22.55 1.49
N PHE C 446 -22.15 -22.24 2.61
CA PHE C 446 -22.43 -20.87 3.04
C PHE C 446 -21.64 -20.60 4.31
N SER C 447 -20.46 -19.99 4.14
CA SER C 447 -19.60 -19.63 5.26
C SER C 447 -19.15 -18.20 5.08
N GLY C 448 -19.62 -17.32 5.96
CA GLY C 448 -19.33 -15.90 5.87
C GLY C 448 -20.28 -15.14 4.97
N VAL C 449 -21.10 -15.84 4.18
CA VAL C 449 -22.08 -15.18 3.36
C VAL C 449 -23.13 -14.54 4.26
N SER C 450 -23.42 -13.27 4.04
CA SER C 450 -24.24 -12.52 4.98
C SER C 450 -25.73 -12.76 4.74
N TRP C 451 -26.53 -12.12 5.59
CA TRP C 451 -27.98 -12.33 5.56
C TRP C 451 -28.60 -11.82 4.26
N VAL C 452 -28.16 -10.66 3.77
CA VAL C 452 -28.74 -10.13 2.54
C VAL C 452 -28.39 -11.02 1.37
N MET C 453 -27.15 -11.52 1.33
CA MET C 453 -26.78 -12.46 0.27
C MET C 453 -27.53 -13.77 0.43
N LYS C 454 -27.72 -14.23 1.66
CA LYS C 454 -28.50 -15.45 1.83
C LYS C 454 -29.91 -15.29 1.30
N ILE C 455 -30.57 -14.17 1.60
CA ILE C 455 -31.95 -14.00 1.15
C ILE C 455 -31.99 -13.84 -0.37
N GLY C 456 -31.02 -13.13 -0.93
CA GLY C 456 -30.99 -12.98 -2.39
C GLY C 456 -30.76 -14.30 -3.10
N ILE C 457 -29.79 -15.08 -2.62
CA ILE C 457 -29.53 -16.38 -3.22
C ILE C 457 -30.75 -17.28 -3.08
N GLY C 458 -31.41 -17.23 -1.92
CA GLY C 458 -32.59 -18.05 -1.72
C GLY C 458 -33.70 -17.71 -2.70
N VAL C 459 -33.99 -16.42 -2.86
CA VAL C 459 -35.08 -16.04 -3.75
C VAL C 459 -34.72 -16.36 -5.20
N LEU C 460 -33.45 -16.17 -5.57
CA LEU C 460 -33.03 -16.52 -6.92
C LEU C 460 -33.14 -18.02 -7.17
N LEU C 461 -32.77 -18.82 -6.18
CA LEU C 461 -32.87 -20.28 -6.32
C LEU C 461 -34.33 -20.71 -6.40
N THR C 462 -35.19 -20.08 -5.60
CA THR C 462 -36.61 -20.38 -5.67
C THR C 462 -37.15 -20.09 -7.07
N TRP C 463 -36.76 -18.94 -7.64
CA TRP C 463 -37.18 -18.62 -9.00
C TRP C 463 -36.65 -19.64 -10.00
N ILE C 464 -35.38 -20.02 -9.88
CA ILE C 464 -34.81 -20.95 -10.85
C ILE C 464 -35.49 -22.30 -10.73
N GLY C 465 -36.05 -22.61 -9.56
CA GLY C 465 -36.84 -23.82 -9.43
C GLY C 465 -38.26 -23.67 -9.92
N LEU C 466 -38.77 -22.43 -9.95
CA LEU C 466 -40.13 -22.21 -10.38
C LEU C 466 -40.28 -22.24 -11.90
N ASN C 467 -39.16 -22.24 -12.63
CA ASN C 467 -39.18 -22.18 -14.09
C ASN C 467 -38.31 -23.29 -14.67
N SER C 468 -38.48 -24.50 -14.16
CA SER C 468 -37.72 -25.65 -14.63
C SER C 468 -38.66 -26.81 -14.90
N LYS C 469 -38.27 -27.66 -15.85
CA LYS C 469 -39.03 -28.86 -16.16
C LYS C 469 -38.47 -30.09 -15.47
N ASN C 470 -37.18 -30.11 -15.12
CA ASN C 470 -36.59 -31.21 -14.37
C ASN C 470 -37.21 -31.20 -12.97
N THR C 471 -38.13 -32.12 -12.73
CA THR C 471 -38.96 -32.05 -11.53
C THR C 471 -38.15 -32.27 -10.27
N SER C 472 -37.31 -33.31 -10.25
CA SER C 472 -36.54 -33.62 -9.05
C SER C 472 -35.59 -32.48 -8.70
N MET C 473 -34.88 -31.96 -9.70
CA MET C 473 -34.03 -30.80 -9.47
C MET C 473 -34.84 -29.60 -9.01
N SER C 474 -36.03 -29.41 -9.61
CA SER C 474 -36.88 -28.29 -9.22
C SER C 474 -37.23 -28.36 -7.73
N PHE C 475 -37.68 -29.53 -7.26
CA PHE C 475 -38.07 -29.64 -5.86
C PHE C 475 -36.88 -29.55 -4.92
N SER C 476 -35.75 -30.17 -5.29
CA SER C 476 -34.58 -30.06 -4.44
C SER C 476 -34.15 -28.61 -4.27
N CYS C 477 -34.07 -27.87 -5.39
CA CYS C 477 -33.58 -26.49 -5.30
C CYS C 477 -34.62 -25.58 -4.66
N ILE C 478 -35.91 -25.86 -4.83
CA ILE C 478 -36.91 -25.04 -4.18
C ILE C 478 -36.90 -25.26 -2.66
N ALA C 479 -36.68 -26.51 -2.23
CA ALA C 479 -36.57 -26.77 -0.81
C ALA C 479 -35.36 -26.07 -0.22
N ILE C 480 -34.22 -26.17 -0.91
CA ILE C 480 -33.02 -25.46 -0.44
C ILE C 480 -33.27 -23.96 -0.40
N GLY C 481 -34.00 -23.44 -1.39
CA GLY C 481 -34.28 -22.02 -1.41
C GLY C 481 -35.14 -21.57 -0.24
N ILE C 482 -36.21 -22.32 0.05
CA ILE C 482 -37.08 -21.96 1.17
C ILE C 482 -36.31 -22.01 2.48
N ILE C 483 -35.49 -23.05 2.65
CA ILE C 483 -34.66 -23.13 3.86
C ILE C 483 -33.71 -21.94 3.92
N THR C 484 -33.19 -21.50 2.76
CA THR C 484 -32.28 -20.38 2.74
C THR C 484 -32.98 -19.08 3.14
N LEU C 485 -34.19 -18.85 2.61
CA LEU C 485 -34.98 -17.71 3.07
C LEU C 485 -35.17 -17.75 4.58
N TYR C 486 -35.54 -18.91 5.12
CA TYR C 486 -35.83 -18.97 6.55
C TYR C 486 -34.57 -18.70 7.38
N LEU C 487 -33.44 -19.28 6.99
CA LEU C 487 -32.19 -19.05 7.71
C LEU C 487 -31.75 -17.60 7.59
N GLY C 488 -31.92 -16.98 6.41
CA GLY C 488 -31.56 -15.57 6.27
C GLY C 488 -32.41 -14.68 7.14
N ALA C 489 -33.71 -14.99 7.25
CA ALA C 489 -34.59 -14.18 8.08
C ALA C 489 -34.27 -14.35 9.56
N VAL C 490 -33.98 -15.57 9.99
CA VAL C 490 -33.77 -15.84 11.41
C VAL C 490 -32.38 -15.46 11.90
N VAL C 491 -31.38 -15.42 11.02
CA VAL C 491 -30.00 -15.21 11.44
C VAL C 491 -29.85 -13.82 12.07
N GLN C 492 -28.70 -13.62 12.73
CA GLN C 492 -28.32 -12.46 13.54
C GLN C 492 -28.92 -12.54 14.94
N ALA C 493 -29.62 -13.63 15.27
CA ALA C 493 -30.21 -13.80 16.58
C ALA C 493 -30.46 -15.27 16.88
N SER D 1 -9.59 -0.10 5.80
CA SER D 1 -8.84 -0.67 6.92
C SER D 1 -9.63 -1.80 7.55
N VAL D 2 -9.48 -1.96 8.86
CA VAL D 2 -10.15 -3.05 9.56
C VAL D 2 -11.65 -2.87 9.56
N ALA D 3 -12.14 -1.65 9.33
CA ALA D 3 -13.58 -1.42 9.31
C ALA D 3 -14.26 -2.27 8.23
N LEU D 4 -13.54 -2.59 7.17
CA LEU D 4 -14.07 -3.49 6.16
C LEU D 4 -14.01 -4.93 6.64
N ALA D 5 -14.77 -5.79 5.96
CA ALA D 5 -14.81 -7.23 6.22
C ALA D 5 -15.21 -7.56 7.65
N PRO D 6 -16.42 -7.19 8.09
CA PRO D 6 -16.91 -7.73 9.36
C PRO D 6 -17.23 -9.20 9.23
N HIS D 7 -17.21 -9.90 10.36
CA HIS D 7 -17.50 -11.33 10.30
C HIS D 7 -18.99 -11.56 10.53
N VAL D 8 -19.82 -10.92 9.71
CA VAL D 8 -21.27 -11.02 9.86
C VAL D 8 -21.70 -12.48 9.71
N GLY D 9 -21.21 -13.15 8.68
CA GLY D 9 -21.66 -14.49 8.39
C GLY D 9 -20.74 -15.57 8.92
N MET D 10 -19.91 -15.22 9.91
CA MET D 10 -18.84 -16.11 10.33
C MET D 10 -19.39 -17.45 10.83
N GLY D 11 -20.66 -17.48 11.22
CA GLY D 11 -21.34 -18.73 11.47
C GLY D 11 -21.25 -19.25 12.89
N LEU D 12 -20.58 -18.55 13.80
CA LEU D 12 -20.57 -18.96 15.20
C LEU D 12 -21.90 -18.55 15.81
N ASP D 13 -22.91 -19.35 15.52
CA ASP D 13 -24.29 -19.04 15.88
C ASP D 13 -24.43 -18.97 17.41
N THR D 14 -25.31 -18.07 17.85
CA THR D 14 -25.59 -17.89 19.27
C THR D 14 -27.06 -17.51 19.41
N ARG D 15 -27.59 -17.67 20.62
CA ARG D 15 -28.99 -17.35 20.85
C ARG D 15 -29.18 -15.85 21.08
N THR D 16 -28.38 -15.27 21.96
CA THR D 16 -28.48 -13.84 22.20
C THR D 16 -27.99 -13.07 20.98
N GLN D 17 -28.42 -11.81 20.88
CA GLN D 17 -28.01 -11.02 19.74
C GLN D 17 -26.54 -10.65 19.85
N THR D 18 -26.01 -10.08 18.77
CA THR D 18 -24.60 -9.78 18.67
C THR D 18 -24.30 -8.37 19.19
N TRP D 19 -23.08 -7.89 18.88
CA TRP D 19 -22.64 -6.59 19.34
C TRP D 19 -23.53 -5.48 18.82
N MET D 20 -23.62 -5.32 17.50
CA MET D 20 -24.53 -4.37 16.88
C MET D 20 -25.34 -5.12 15.81
N SER D 21 -26.41 -5.79 16.25
CA SER D 21 -27.31 -6.40 15.30
C SER D 21 -28.18 -5.36 14.63
N ALA D 22 -28.68 -4.39 15.40
CA ALA D 22 -29.65 -3.43 14.89
C ALA D 22 -29.10 -2.63 13.72
N GLU D 23 -27.93 -2.03 13.90
CA GLU D 23 -27.35 -1.24 12.81
C GLU D 23 -26.82 -2.15 11.70
N GLY D 24 -26.06 -3.19 12.07
CA GLY D 24 -25.39 -4.00 11.07
C GLY D 24 -26.36 -4.77 10.20
N ALA D 25 -27.60 -4.91 10.65
CA ALA D 25 -28.59 -5.60 9.82
C ALA D 25 -28.91 -4.80 8.57
N TRP D 26 -28.78 -3.47 8.62
CA TRP D 26 -29.21 -2.61 7.53
C TRP D 26 -28.15 -1.64 7.05
N ARG D 27 -26.96 -1.63 7.63
CA ARG D 27 -25.98 -0.61 7.27
C ARG D 27 -25.54 -0.74 5.81
N GLN D 28 -25.35 -1.97 5.33
CA GLN D 28 -24.90 -2.16 3.96
C GLN D 28 -25.96 -1.69 2.96
N VAL D 29 -27.22 -2.07 3.19
CA VAL D 29 -28.29 -1.61 2.33
C VAL D 29 -28.46 -0.10 2.43
N GLU D 30 -28.21 0.46 3.62
CA GLU D 30 -28.25 1.91 3.77
C GLU D 30 -27.17 2.57 2.92
N LYS D 31 -25.97 2.00 2.90
CA LYS D 31 -24.91 2.53 2.07
C LYS D 31 -25.30 2.50 0.60
N VAL D 32 -25.85 1.37 0.15
CA VAL D 32 -26.27 1.27 -1.25
C VAL D 32 -27.35 2.30 -1.55
N GLU D 33 -28.32 2.45 -0.65
CA GLU D 33 -29.43 3.36 -0.87
C GLU D 33 -28.96 4.81 -0.95
N THR D 34 -28.09 5.21 -0.03
CA THR D 34 -27.61 6.59 -0.04
C THR D 34 -26.70 6.83 -1.24
N TRP D 35 -25.94 5.82 -1.66
CA TRP D 35 -25.14 5.96 -2.87
C TRP D 35 -26.02 6.17 -4.08
N ALA D 36 -27.11 5.40 -4.18
CA ALA D 36 -28.01 5.55 -5.31
C ALA D 36 -28.69 6.92 -5.30
N LEU D 37 -29.13 7.37 -4.13
CA LEU D 37 -29.79 8.68 -4.05
C LEU D 37 -28.82 9.79 -4.41
N ARG D 38 -27.57 9.68 -3.97
CA ARG D 38 -26.55 10.66 -4.35
C ARG D 38 -26.34 10.67 -5.85
N HIS D 39 -26.09 9.50 -6.43
CA HIS D 39 -25.69 9.37 -7.82
C HIS D 39 -26.74 8.62 -8.60
N PRO D 40 -27.54 9.29 -9.42
CA PRO D 40 -28.49 8.60 -10.29
C PRO D 40 -27.91 8.18 -11.63
N GLY D 41 -26.68 8.59 -11.94
CA GLY D 41 -26.15 8.36 -13.27
C GLY D 41 -25.95 6.89 -13.59
N PHE D 42 -25.57 6.10 -12.60
CA PHE D 42 -25.24 4.71 -12.87
C PHE D 42 -26.46 3.89 -13.26
N THR D 43 -27.65 4.36 -12.91
CA THR D 43 -28.86 3.61 -13.22
C THR D 43 -29.05 3.47 -14.72
N ILE D 44 -28.84 4.56 -15.46
CA ILE D 44 -28.97 4.52 -16.91
C ILE D 44 -27.99 3.54 -17.52
N LEU D 45 -26.73 3.57 -17.06
CA LEU D 45 -25.73 2.66 -17.60
C LEU D 45 -26.09 1.21 -17.29
N ALA D 46 -26.54 0.93 -16.07
CA ALA D 46 -26.93 -0.44 -15.73
C ALA D 46 -28.09 -0.92 -16.58
N LEU D 47 -29.09 -0.05 -16.78
CA LEU D 47 -30.21 -0.43 -17.63
C LEU D 47 -29.75 -0.70 -19.05
N PHE D 48 -28.86 0.14 -19.58
CA PHE D 48 -28.35 -0.08 -20.94
C PHE D 48 -27.62 -1.41 -21.04
N LEU D 49 -26.71 -1.68 -20.09
CA LEU D 49 -25.95 -2.92 -20.14
C LEU D 49 -26.87 -4.13 -20.05
N ALA D 50 -27.80 -4.12 -19.11
CA ALA D 50 -28.72 -5.25 -18.98
C ALA D 50 -29.54 -5.44 -20.24
N HIS D 51 -30.04 -4.34 -20.81
CA HIS D 51 -30.91 -4.44 -21.98
C HIS D 51 -30.15 -4.99 -23.18
N TYR D 52 -28.87 -4.62 -23.32
CA TYR D 52 -28.12 -5.06 -24.49
C TYR D 52 -27.29 -6.32 -24.25
N ILE D 53 -27.32 -6.91 -23.05
CA ILE D 53 -26.73 -8.21 -22.80
C ILE D 53 -27.78 -9.25 -22.43
N GLY D 54 -28.84 -8.85 -21.75
CA GLY D 54 -29.85 -9.79 -21.30
C GLY D 54 -30.71 -10.33 -22.43
N THR D 55 -30.51 -11.61 -22.76
CA THR D 55 -31.31 -12.24 -23.80
C THR D 55 -32.76 -12.38 -23.36
N SER D 56 -32.98 -12.78 -22.12
CA SER D 56 -34.31 -13.00 -21.57
C SER D 56 -34.61 -11.98 -20.49
N LEU D 57 -35.83 -12.05 -19.96
CA LEU D 57 -36.24 -11.14 -18.90
C LEU D 57 -35.45 -11.40 -17.62
N THR D 58 -35.39 -12.66 -17.18
CA THR D 58 -34.74 -12.97 -15.91
C THR D 58 -33.26 -12.65 -15.94
N GLN D 59 -32.59 -12.95 -17.07
CA GLN D 59 -31.18 -12.62 -17.18
C GLN D 59 -30.97 -11.13 -17.10
N LYS D 60 -31.84 -10.35 -17.77
CA LYS D 60 -31.73 -8.90 -17.73
C LYS D 60 -31.88 -8.38 -16.31
N VAL D 61 -32.89 -8.87 -15.58
CA VAL D 61 -33.13 -8.33 -14.24
C VAL D 61 -32.01 -8.73 -13.29
N VAL D 62 -31.49 -9.95 -13.43
CA VAL D 62 -30.39 -10.37 -12.56
C VAL D 62 -29.15 -9.52 -12.84
N ILE D 63 -28.84 -9.30 -14.11
CA ILE D 63 -27.69 -8.47 -14.45
C ILE D 63 -27.87 -7.07 -13.89
N PHE D 64 -29.06 -6.50 -14.04
CA PHE D 64 -29.30 -5.14 -13.55
C PHE D 64 -29.11 -5.06 -12.05
N ILE D 65 -29.67 -6.01 -11.31
CA ILE D 65 -29.60 -5.92 -9.85
C ILE D 65 -28.17 -6.15 -9.37
N LEU D 66 -27.45 -7.09 -10.00
CA LEU D 66 -26.06 -7.30 -9.59
C LEU D 66 -25.20 -6.08 -9.89
N LEU D 67 -25.37 -5.46 -11.06
CA LEU D 67 -24.58 -4.27 -11.37
C LEU D 67 -24.92 -3.13 -10.43
N MET D 68 -26.22 -2.95 -10.12
CA MET D 68 -26.61 -1.88 -9.22
C MET D 68 -26.19 -2.15 -7.78
N LEU D 69 -25.88 -3.38 -7.41
CA LEU D 69 -25.34 -3.64 -6.08
C LEU D 69 -23.83 -3.57 -6.01
N VAL D 70 -23.12 -4.06 -7.02
CA VAL D 70 -21.67 -4.20 -6.90
C VAL D 70 -20.98 -2.84 -6.87
N THR D 71 -21.35 -1.95 -7.79
CA THR D 71 -20.63 -0.69 -7.91
C THR D 71 -20.74 0.19 -6.67
N PRO D 72 -21.91 0.43 -6.08
CA PRO D 72 -21.94 1.22 -4.85
C PRO D 72 -21.13 0.61 -3.73
N SER D 73 -21.13 -0.71 -3.63
CA SER D 73 -20.33 -1.40 -2.63
C SER D 73 -18.84 -1.34 -2.94
N MET D 74 -18.47 -1.46 -4.21
CA MET D 74 -17.06 -1.38 -4.60
C MET D 74 -16.53 0.04 -4.57
N THR D 75 -17.38 1.03 -4.32
CA THR D 75 -16.94 2.41 -4.24
C THR D 75 -16.18 2.65 -2.95
N MET E 1 14.21 30.84 -14.96
CA MET E 1 14.63 29.46 -15.19
C MET E 1 14.08 28.56 -14.10
N ARG E 2 13.01 29.00 -13.46
CA ARG E 2 12.37 28.22 -12.40
C ARG E 2 11.80 26.91 -12.92
N CYS E 3 11.65 26.78 -14.23
CA CYS E 3 10.99 25.64 -14.85
C CYS E 3 11.91 24.45 -15.10
N VAL E 4 13.22 24.62 -14.96
CA VAL E 4 14.15 23.58 -15.39
C VAL E 4 14.03 22.35 -14.51
N GLY E 5 13.90 21.18 -15.14
CA GLY E 5 13.91 19.91 -14.44
C GLY E 5 12.81 19.75 -13.42
N VAL E 6 11.58 20.09 -13.77
CA VAL E 6 10.46 19.91 -12.85
C VAL E 6 9.70 18.61 -13.06
N GLY E 7 9.88 17.94 -14.21
CA GLY E 7 9.22 16.69 -14.46
C GLY E 7 7.77 16.81 -14.88
N ASN E 8 7.24 18.03 -15.01
CA ASN E 8 5.86 18.22 -15.42
C ASN E 8 5.68 19.39 -16.38
N ARG E 9 6.76 20.06 -16.78
CA ARG E 9 6.64 21.22 -17.64
C ARG E 9 6.17 20.82 -19.03
N ASP E 10 5.79 21.82 -19.81
CA ASP E 10 5.26 21.57 -21.15
C ASP E 10 5.35 22.86 -21.96
N PHE E 11 5.90 22.76 -23.16
CA PHE E 11 6.15 23.92 -23.99
C PHE E 11 4.87 24.36 -24.68
N VAL E 12 4.65 25.68 -24.74
CA VAL E 12 3.37 26.20 -25.17
C VAL E 12 3.58 27.24 -26.27
N GLU E 13 4.66 27.11 -27.03
CA GLU E 13 5.06 28.09 -28.04
C GLU E 13 3.93 28.46 -28.98
N GLY E 14 3.68 29.76 -29.14
CA GLY E 14 2.64 30.23 -30.03
C GLY E 14 2.13 31.58 -29.60
N LEU E 15 1.47 32.25 -30.54
CA LEU E 15 0.85 33.54 -30.30
C LEU E 15 -0.40 33.64 -31.17
N SER E 16 -0.90 34.86 -31.32
CA SER E 16 -2.11 35.09 -32.10
C SER E 16 -2.00 36.45 -32.78
N GLY E 17 -3.08 36.85 -33.45
CA GLY E 17 -3.08 38.13 -34.16
C GLY E 17 -2.90 39.30 -33.23
N ALA E 18 -3.64 39.33 -32.12
CA ALA E 18 -3.45 40.34 -31.09
C ALA E 18 -2.57 39.84 -29.95
N THR E 19 -1.85 38.75 -30.16
CA THR E 19 -0.81 38.28 -29.24
C THR E 19 -1.37 37.95 -27.86
N TRP E 20 -2.31 37.00 -27.81
CA TRP E 20 -2.64 36.36 -26.54
C TRP E 20 -2.50 34.87 -26.73
N VAL E 21 -2.10 34.18 -25.67
CA VAL E 21 -2.12 32.71 -25.64
C VAL E 21 -2.63 32.30 -24.27
N ASP E 22 -3.64 31.43 -24.26
CA ASP E 22 -4.19 30.97 -23.00
C ASP E 22 -3.52 29.68 -22.56
N VAL E 23 -3.45 29.49 -21.25
CA VAL E 23 -2.80 28.31 -20.68
C VAL E 23 -3.40 28.00 -19.33
N VAL E 24 -3.59 26.73 -19.03
CA VAL E 24 -4.11 26.28 -17.74
C VAL E 24 -2.90 25.98 -16.87
N LEU E 25 -2.85 26.63 -15.71
CA LEU E 25 -1.74 26.45 -14.78
C LEU E 25 -2.10 25.33 -13.81
N GLU E 26 -1.71 24.11 -14.14
CA GLU E 26 -1.89 23.00 -13.21
C GLU E 26 -1.00 23.24 -12.01
N HIS E 27 -1.56 23.09 -10.82
CA HIS E 27 -0.79 23.34 -9.60
C HIS E 27 0.34 22.32 -9.50
N GLY E 28 1.53 22.80 -9.16
CA GLY E 28 2.69 21.94 -9.15
C GLY E 28 3.28 21.66 -10.50
N GLY E 29 2.74 22.24 -11.57
CA GLY E 29 3.32 22.12 -12.88
C GLY E 29 3.43 23.47 -13.55
N CYS E 30 4.62 23.74 -14.08
CA CYS E 30 4.93 25.06 -14.63
C CYS E 30 4.98 24.97 -16.14
N VAL E 31 4.43 25.98 -16.81
CA VAL E 31 4.38 26.04 -18.26
C VAL E 31 5.39 27.07 -18.73
N THR E 32 5.96 26.84 -19.90
CA THR E 32 6.93 27.75 -20.49
C THR E 32 6.48 28.16 -21.88
N THR E 33 6.66 29.45 -22.17
CA THR E 33 6.15 30.03 -23.40
C THR E 33 7.32 30.49 -24.27
N MET E 34 7.09 30.54 -25.58
CA MET E 34 8.07 30.99 -26.54
C MET E 34 7.40 31.82 -27.62
N ALA E 35 8.22 32.60 -28.32
CA ALA E 35 7.74 33.38 -29.45
C ALA E 35 8.93 33.76 -30.32
N LYS E 36 8.62 34.15 -31.56
CA LYS E 36 9.67 34.54 -32.50
C LYS E 36 10.43 35.78 -31.99
N ASN E 37 9.70 36.77 -31.47
CA ASN E 37 10.31 38.02 -31.04
C ASN E 37 9.94 38.40 -29.62
N LYS E 38 9.61 37.43 -28.76
CA LYS E 38 9.29 37.73 -27.38
C LYS E 38 10.15 36.88 -26.45
N PRO E 39 10.48 37.39 -25.26
CA PRO E 39 11.32 36.61 -24.36
C PRO E 39 10.58 35.39 -23.83
N THR E 40 11.30 34.28 -23.73
CA THR E 40 10.72 33.06 -23.16
C THR E 40 10.73 33.20 -21.65
N LEU E 41 9.54 33.30 -21.05
CA LEU E 41 9.40 33.46 -19.62
C LEU E 41 8.54 32.34 -19.05
N ASP E 42 8.76 32.05 -17.77
CA ASP E 42 8.24 30.85 -17.14
C ASP E 42 7.16 31.21 -16.12
N ILE E 43 6.08 30.43 -16.12
CA ILE E 43 4.92 30.68 -15.29
C ILE E 43 4.67 29.44 -14.43
N GLU E 44 4.46 29.63 -13.14
CA GLU E 44 4.17 28.53 -12.24
C GLU E 44 3.15 28.96 -11.20
N LEU E 45 2.17 28.11 -10.94
CA LEU E 45 1.17 28.39 -9.93
C LEU E 45 1.77 28.25 -8.54
N GLN E 46 1.16 28.90 -7.56
CA GLN E 46 1.63 28.85 -6.19
C GLN E 46 0.55 29.38 -5.25
N LYS E 47 0.18 28.58 -4.26
CA LYS E 47 -0.54 29.08 -3.08
C LYS E 47 -1.87 29.73 -3.45
N THR E 48 -2.81 28.91 -3.92
CA THR E 48 -4.19 29.37 -4.01
C THR E 48 -4.81 29.42 -2.63
N GLU E 49 -5.00 30.63 -2.10
CA GLU E 49 -5.34 30.81 -0.69
C GLU E 49 -6.75 31.38 -0.55
N ALA E 50 -7.28 31.28 0.66
CA ALA E 50 -8.62 31.73 0.98
C ALA E 50 -8.62 32.42 2.33
N THR E 51 -9.72 33.14 2.61
CA THR E 51 -9.88 33.85 3.87
C THR E 51 -11.35 33.81 4.27
N GLN E 52 -11.59 34.12 5.55
CA GLN E 52 -12.95 34.31 6.08
C GLN E 52 -13.79 33.04 5.88
N LEU E 53 -13.35 31.96 6.52
CA LEU E 53 -13.98 30.66 6.35
C LEU E 53 -15.37 30.64 7.00
N ALA E 54 -16.33 30.06 6.28
CA ALA E 54 -17.68 29.87 6.82
C ALA E 54 -17.86 28.42 7.22
N THR E 55 -18.39 28.20 8.42
CA THR E 55 -18.50 26.87 9.01
C THR E 55 -19.96 26.42 9.00
N LEU E 56 -20.19 25.15 8.64
CA LEU E 56 -21.52 24.59 8.70
C LEU E 56 -21.40 23.07 8.85
N ARG E 57 -22.41 22.48 9.51
CA ARG E 57 -22.44 21.05 9.80
C ARG E 57 -21.24 20.61 10.63
N LYS E 58 -21.03 21.25 11.78
CA LYS E 58 -20.00 20.79 12.71
C LYS E 58 -20.32 19.39 13.20
N LEU E 59 -19.50 18.43 12.78
CA LEU E 59 -19.77 17.04 13.09
C LEU E 59 -19.29 16.68 14.49
N CYS E 60 -19.57 15.45 14.89
CA CYS E 60 -19.09 14.88 16.14
C CYS E 60 -18.40 13.56 15.83
N ILE E 61 -17.26 13.31 16.46
CA ILE E 61 -16.50 12.11 16.19
C ILE E 61 -16.38 11.18 17.39
N GLU E 62 -16.54 11.68 18.61
CA GLU E 62 -16.52 10.85 19.80
C GLU E 62 -17.60 11.32 20.75
N GLY E 63 -18.29 10.36 21.38
CA GLY E 63 -19.34 10.68 22.31
C GLY E 63 -18.88 10.57 23.77
N LYS E 64 -19.86 10.69 24.66
CA LYS E 64 -19.64 10.47 26.08
C LYS E 64 -21.00 10.26 26.73
N ILE E 65 -21.19 9.08 27.31
CA ILE E 65 -22.49 8.67 27.84
C ILE E 65 -22.51 8.91 29.35
N THR E 66 -23.48 9.70 29.81
CA THR E 66 -23.63 10.01 31.22
C THR E 66 -25.10 9.92 31.58
N ASN E 67 -25.37 9.84 32.89
CA ASN E 67 -26.73 9.91 33.41
C ASN E 67 -27.64 8.85 32.78
N ILE E 68 -27.24 7.59 32.92
CA ILE E 68 -28.04 6.50 32.38
C ILE E 68 -29.32 6.37 33.17
N THR E 69 -30.46 6.49 32.48
CA THR E 69 -31.76 6.42 33.12
C THR E 69 -32.64 5.45 32.35
N THR E 70 -33.59 4.85 33.04
CA THR E 70 -34.51 3.90 32.43
C THR E 70 -35.85 3.92 33.16
N ASP E 71 -36.90 3.62 32.42
CA ASP E 71 -38.25 3.56 32.96
C ASP E 71 -39.00 2.40 32.32
N SER E 72 -39.75 1.67 33.14
CA SER E 72 -40.50 0.51 32.67
C SER E 72 -41.96 0.67 33.04
N ARG E 73 -42.82 0.09 32.21
CA ARG E 73 -44.25 0.10 32.44
C ARG E 73 -44.76 -1.33 32.45
N CYS E 74 -45.83 -1.56 33.20
CA CYS E 74 -46.40 -2.90 33.30
C CYS E 74 -46.94 -3.32 31.93
N PRO E 75 -46.98 -4.63 31.67
CA PRO E 75 -47.41 -5.08 30.34
C PRO E 75 -48.83 -4.65 30.01
N THR E 76 -49.04 -4.31 28.74
CA THR E 76 -50.37 -4.04 28.17
C THR E 76 -51.09 -2.91 28.89
N GLN E 77 -50.37 -1.86 29.29
CA GLN E 77 -51.00 -0.65 29.77
C GLN E 77 -50.27 0.57 29.21
N GLY E 78 -49.86 0.48 27.97
CA GLY E 78 -49.27 1.64 27.31
C GLY E 78 -47.76 1.62 27.34
N GLU E 79 -47.17 2.39 26.42
CA GLU E 79 -45.72 2.44 26.30
C GLU E 79 -45.12 3.28 27.43
N ALA E 80 -43.90 2.93 27.82
CA ALA E 80 -43.21 3.70 28.84
C ALA E 80 -42.80 5.06 28.29
N VAL E 81 -42.79 6.06 29.17
CA VAL E 81 -42.40 7.41 28.80
C VAL E 81 -41.49 7.98 29.88
N LEU E 82 -40.66 8.94 29.49
CA LEU E 82 -39.81 9.67 30.40
C LEU E 82 -39.89 11.15 30.04
N PRO E 83 -40.18 12.02 31.00
CA PRO E 83 -40.19 13.46 30.72
C PRO E 83 -38.83 13.96 30.27
N GLU E 84 -37.75 13.28 30.66
CA GLU E 84 -36.41 13.64 30.23
C GLU E 84 -36.16 13.33 28.76
N GLU E 85 -36.99 12.49 28.14
CA GLU E 85 -36.71 12.05 26.78
C GLU E 85 -36.87 13.19 25.78
N GLN E 86 -37.75 14.14 26.07
CA GLN E 86 -38.02 15.21 25.11
C GLN E 86 -36.81 16.09 24.87
N ASP E 87 -35.98 16.31 25.89
CA ASP E 87 -34.84 17.19 25.73
C ASP E 87 -33.87 16.60 24.71
N GLN E 88 -33.32 17.47 23.85
CA GLN E 88 -32.46 17.00 22.78
C GLN E 88 -31.12 16.48 23.29
N ASN E 89 -30.80 16.69 24.57
CA ASN E 89 -29.53 16.19 25.09
C ASN E 89 -29.55 14.69 25.36
N TYR E 90 -30.67 14.02 25.17
CA TYR E 90 -30.80 12.62 25.52
C TYR E 90 -31.05 11.75 24.29
N VAL E 91 -30.34 10.63 24.23
CA VAL E 91 -30.58 9.57 23.27
C VAL E 91 -31.40 8.51 23.98
N CYS E 92 -32.46 8.03 23.33
CA CYS E 92 -33.37 7.15 24.04
C CYS E 92 -34.18 6.34 23.04
N LYS E 93 -34.27 5.03 23.28
CA LYS E 93 -35.02 4.12 22.43
C LYS E 93 -35.51 2.96 23.29
N HIS E 94 -36.74 2.52 23.03
CA HIS E 94 -37.42 1.53 23.88
C HIS E 94 -37.56 0.20 23.17
N THR E 95 -37.12 -0.86 23.83
CA THR E 95 -37.34 -2.23 23.39
C THR E 95 -38.43 -2.88 24.23
N TYR E 96 -38.60 -4.19 24.03
CA TYR E 96 -39.56 -4.98 24.79
C TYR E 96 -38.82 -5.96 25.67
N VAL E 97 -39.26 -6.09 26.91
CA VAL E 97 -38.69 -7.03 27.86
C VAL E 97 -39.82 -7.72 28.61
N ASP E 98 -39.66 -9.03 28.83
CA ASP E 98 -40.66 -9.77 29.59
C ASP E 98 -40.64 -9.34 31.05
N ARG E 99 -41.83 -9.15 31.62
CA ARG E 99 -41.96 -8.66 32.98
C ARG E 99 -42.75 -9.68 33.78
N GLY E 100 -42.24 -10.01 34.97
CA GLY E 100 -42.82 -11.10 35.73
C GLY E 100 -43.07 -10.84 37.19
N TRP E 101 -43.61 -11.84 37.89
CA TRP E 101 -43.75 -11.74 39.33
C TRP E 101 -42.39 -11.61 40.00
N GLY E 102 -41.33 -12.07 39.32
CA GLY E 102 -39.98 -11.97 39.83
C GLY E 102 -39.39 -10.58 39.75
N ASN E 103 -40.02 -9.66 39.04
CA ASN E 103 -39.60 -8.27 38.99
C ASN E 103 -40.80 -7.33 39.11
N GLY E 104 -41.76 -7.74 39.92
CA GLY E 104 -42.81 -6.85 40.38
C GLY E 104 -43.78 -6.32 39.34
N CYS E 105 -44.52 -7.21 38.66
CA CYS E 105 -45.59 -6.76 37.77
C CYS E 105 -46.93 -7.22 38.32
N GLY E 106 -48.00 -7.00 37.54
CA GLY E 106 -49.30 -7.56 37.90
C GLY E 106 -49.52 -8.92 37.27
N LEU E 107 -49.14 -9.07 36.01
CA LEU E 107 -49.29 -10.34 35.31
C LEU E 107 -48.19 -10.47 34.27
N PHE E 108 -47.92 -11.71 33.88
CA PHE E 108 -46.81 -12.03 32.99
C PHE E 108 -47.14 -11.53 31.59
N GLY E 109 -46.26 -10.67 31.05
CA GLY E 109 -46.45 -10.18 29.70
C GLY E 109 -45.33 -9.26 29.28
N LYS E 110 -45.20 -9.10 27.96
CA LYS E 110 -44.20 -8.19 27.41
C LYS E 110 -44.53 -6.75 27.79
N GLY E 111 -43.49 -5.99 28.10
CA GLY E 111 -43.66 -4.61 28.51
C GLY E 111 -42.61 -3.72 27.88
N SER E 112 -42.98 -2.45 27.68
CA SER E 112 -42.05 -1.49 27.12
C SER E 112 -41.02 -1.07 28.14
N LEU E 113 -39.83 -0.70 27.68
CA LEU E 113 -38.72 -0.30 28.55
C LEU E 113 -37.90 0.75 27.82
N VAL E 114 -38.17 2.02 28.11
CA VAL E 114 -37.37 3.11 27.58
C VAL E 114 -36.08 3.20 28.40
N THR E 115 -34.97 3.41 27.71
CA THR E 115 -33.72 3.74 28.38
C THR E 115 -33.09 4.93 27.68
N CYS E 116 -32.72 5.94 28.45
CA CYS E 116 -32.21 7.18 27.90
C CYS E 116 -30.81 7.42 28.44
N ALA E 117 -30.00 8.11 27.64
CA ALA E 117 -28.63 8.41 28.02
C ALA E 117 -28.29 9.83 27.57
N LYS E 118 -27.37 10.45 28.29
CA LYS E 118 -26.99 11.85 28.04
C LYS E 118 -25.80 11.86 27.09
N PHE E 119 -26.08 12.01 25.80
CA PHE E 119 -25.01 12.15 24.84
C PHE E 119 -24.32 13.49 25.02
N GLN E 120 -22.99 13.49 24.96
CA GLN E 120 -22.20 14.68 25.19
C GLN E 120 -21.22 14.84 24.04
N CYS E 121 -21.04 16.07 23.57
CA CYS E 121 -20.10 16.34 22.50
C CYS E 121 -18.67 16.11 22.99
N LEU E 122 -17.81 15.64 22.09
CA LEU E 122 -16.42 15.41 22.41
C LEU E 122 -15.62 15.32 21.13
N GLU E 123 -14.59 16.15 21.01
CA GLU E 123 -13.77 16.26 19.82
C GLU E 123 -14.61 16.47 18.56
N PRO E 124 -15.33 17.58 18.45
CA PRO E 124 -16.06 17.84 17.21
C PRO E 124 -15.08 18.06 16.06
N ILE E 125 -15.50 17.67 14.87
CA ILE E 125 -14.72 17.86 13.65
C ILE E 125 -15.52 18.80 12.75
N GLU E 126 -14.97 19.99 12.50
CA GLU E 126 -15.69 20.98 11.75
C GLU E 126 -15.40 20.88 10.26
N GLY E 127 -16.42 21.14 9.46
CA GLY E 127 -16.23 21.27 8.03
C GLY E 127 -16.66 22.63 7.54
N LYS E 128 -15.69 23.44 7.11
CA LYS E 128 -16.00 24.79 6.67
C LYS E 128 -16.14 24.82 5.16
N VAL E 129 -16.78 25.88 4.66
CA VAL E 129 -16.88 26.15 3.23
C VAL E 129 -16.14 27.46 2.95
N VAL E 130 -16.02 27.78 1.67
CA VAL E 130 -15.35 29.01 1.25
C VAL E 130 -16.34 29.85 0.46
N GLN E 131 -16.54 31.09 0.89
CA GLN E 131 -17.19 32.06 0.03
C GLN E 131 -16.36 32.22 -1.23
N TYR E 132 -17.04 32.17 -2.38
CA TYR E 132 -16.31 32.18 -3.65
C TYR E 132 -15.50 33.46 -3.80
N GLU E 133 -15.98 34.57 -3.23
CA GLU E 133 -15.27 35.83 -3.35
C GLU E 133 -13.88 35.76 -2.73
N ASN E 134 -13.73 35.04 -1.63
CA ASN E 134 -12.49 35.08 -0.86
C ASN E 134 -11.37 34.26 -1.48
N LEU E 135 -11.62 33.51 -2.56
CA LEU E 135 -10.55 32.78 -3.20
C LEU E 135 -9.50 33.75 -3.75
N LYS E 136 -8.24 33.43 -3.52
CA LYS E 136 -7.12 34.25 -3.97
C LYS E 136 -6.07 33.36 -4.62
N TYR E 137 -5.60 33.79 -5.79
CA TYR E 137 -4.62 33.02 -6.56
C TYR E 137 -3.36 33.86 -6.70
N THR E 138 -2.20 33.21 -6.53
CA THR E 138 -0.92 33.86 -6.74
C THR E 138 -0.18 33.11 -7.84
N VAL E 139 0.34 33.86 -8.82
CA VAL E 139 1.09 33.29 -9.93
C VAL E 139 2.45 33.96 -9.95
N ILE E 140 3.50 33.15 -9.94
CA ILE E 140 4.87 33.64 -9.99
C ILE E 140 5.28 33.73 -11.44
N ILE E 141 6.14 34.69 -11.76
CA ILE E 141 6.62 34.90 -13.13
C ILE E 141 8.14 35.00 -13.07
N THR E 142 8.82 34.09 -13.76
CA THR E 142 10.27 34.10 -13.87
C THR E 142 10.65 34.16 -15.34
N VAL E 143 11.49 35.13 -15.69
CA VAL E 143 11.95 35.26 -17.07
C VAL E 143 13.28 34.53 -17.18
N HIS E 144 13.67 34.15 -18.39
CA HIS E 144 14.81 33.26 -18.59
C HIS E 144 16.14 33.99 -18.64
N THR E 145 16.26 35.18 -18.06
CA THR E 145 17.56 35.81 -17.93
C THR E 145 18.48 34.93 -17.10
N GLY E 146 19.53 34.43 -17.72
CA GLY E 146 20.49 33.61 -16.99
C GLY E 146 21.24 34.45 -15.98
N ASP E 147 21.05 34.15 -14.71
CA ASP E 147 21.87 34.74 -13.67
C ASP E 147 22.99 33.78 -13.31
N GLN E 148 23.77 34.15 -12.31
CA GLN E 148 24.91 33.36 -11.88
C GLN E 148 24.45 32.00 -11.38
N HIS E 149 23.32 31.98 -10.66
CA HIS E 149 22.82 30.78 -10.00
C HIS E 149 21.30 30.68 -10.04
N GLN E 150 20.66 31.29 -11.03
CA GLN E 150 19.21 31.23 -11.17
C GLN E 150 18.75 30.02 -11.97
N VAL E 151 19.06 28.80 -11.50
CA VAL E 151 18.64 27.58 -12.17
C VAL E 151 17.66 26.87 -11.26
N GLY E 152 16.40 26.84 -11.65
CA GLY E 152 15.38 26.21 -10.82
C GLY E 152 15.19 26.91 -9.49
N ASN E 153 15.60 28.17 -9.40
CA ASN E 153 15.37 28.93 -8.18
C ASN E 153 13.88 29.18 -8.00
N GLU E 154 13.43 29.04 -6.76
CA GLU E 154 12.00 29.11 -6.48
C GLU E 154 11.58 30.43 -5.84
N THR E 155 12.46 31.06 -5.06
CA THR E 155 12.11 32.36 -4.48
C THR E 155 12.17 33.46 -5.54
N GLN E 156 13.03 33.32 -6.54
CA GLN E 156 13.15 34.31 -7.59
C GLN E 156 11.87 34.39 -8.41
N GLY E 157 11.51 35.59 -8.82
CA GLY E 157 10.34 35.80 -9.64
C GLY E 157 9.56 37.02 -9.18
N VAL E 158 8.43 37.24 -9.84
CA VAL E 158 7.57 38.35 -9.51
C VAL E 158 6.15 37.84 -9.25
N THR E 159 5.69 37.93 -8.01
CA THR E 159 4.36 37.47 -7.66
C THR E 159 3.30 38.35 -8.31
N ALA E 160 2.14 37.75 -8.55
CA ALA E 160 0.98 38.46 -9.08
C ALA E 160 -0.27 37.89 -8.44
N GLU E 161 -0.71 38.48 -7.34
CA GLU E 161 -1.90 37.98 -6.65
C GLU E 161 -3.14 38.30 -7.47
N ILE E 162 -3.75 37.26 -8.03
CA ILE E 162 -4.88 37.39 -8.93
C ILE E 162 -6.12 36.86 -8.22
N THR E 163 -7.08 37.74 -7.97
CA THR E 163 -8.32 37.40 -7.29
C THR E 163 -9.47 37.62 -8.28
N PRO E 164 -10.65 37.02 -8.07
CA PRO E 164 -11.75 37.26 -9.01
C PRO E 164 -12.17 38.72 -9.11
N GLN E 165 -11.93 39.52 -8.08
CA GLN E 165 -12.11 40.97 -8.23
C GLN E 165 -11.14 41.54 -9.26
N ALA E 166 -9.85 41.27 -9.08
CA ALA E 166 -8.82 41.76 -10.00
C ALA E 166 -8.46 40.64 -10.97
N SER E 167 -9.41 40.33 -11.86
CA SER E 167 -9.19 39.27 -12.83
C SER E 167 -8.04 39.61 -13.77
N THR E 168 -7.79 40.90 -13.99
CA THR E 168 -6.72 41.36 -14.87
C THR E 168 -5.67 42.06 -14.02
N THR E 169 -4.41 41.74 -14.27
CA THR E 169 -3.31 42.33 -13.52
C THR E 169 -2.13 42.63 -14.44
N GLU E 170 -1.25 43.49 -13.95
CA GLU E 170 0.00 43.80 -14.62
C GLU E 170 1.11 42.91 -14.07
N ALA E 171 2.27 42.97 -14.71
CA ALA E 171 3.45 42.24 -14.24
C ALA E 171 4.68 43.02 -14.68
N ILE E 172 5.21 43.85 -13.79
CA ILE E 172 6.32 44.74 -14.11
C ILE E 172 7.61 43.95 -13.93
N LEU E 173 8.11 43.39 -15.03
CA LEU E 173 9.38 42.68 -15.03
C LEU E 173 10.53 43.66 -15.11
N PRO E 174 11.74 43.25 -14.72
CA PRO E 174 12.89 44.15 -14.83
C PRO E 174 13.33 44.35 -16.27
N GLU E 175 13.09 45.56 -16.79
CA GLU E 175 13.57 45.97 -18.11
C GLU E 175 13.10 45.02 -19.21
N TYR E 176 11.85 44.57 -19.09
CA TYR E 176 11.23 43.78 -20.15
C TYR E 176 9.86 44.33 -20.55
N GLY E 177 9.12 44.85 -19.57
CA GLY E 177 7.82 45.43 -19.88
C GLY E 177 6.77 44.95 -18.89
N THR E 178 5.53 44.92 -19.37
CA THR E 178 4.39 44.53 -18.55
C THR E 178 3.73 43.32 -19.19
N LEU E 179 3.79 42.18 -18.51
CA LEU E 179 3.09 40.99 -18.99
C LEU E 179 1.64 41.01 -18.52
N GLY E 180 0.72 40.92 -19.47
CA GLY E 180 -0.69 40.97 -19.14
C GLY E 180 -1.24 39.60 -18.76
N LEU E 181 -2.13 39.61 -17.76
CA LEU E 181 -2.73 38.37 -17.27
C LEU E 181 -4.25 38.54 -17.30
N GLU E 182 -4.89 37.83 -18.21
CA GLU E 182 -6.34 37.66 -18.23
C GLU E 182 -6.65 36.30 -17.60
N CYS E 183 -7.59 36.27 -16.67
CA CYS E 183 -7.86 35.06 -15.92
C CYS E 183 -9.36 34.75 -15.90
N SER E 184 -9.67 33.57 -15.40
CA SER E 184 -11.05 33.10 -15.29
C SER E 184 -11.19 32.18 -14.08
N PRO E 185 -11.15 32.72 -12.86
CA PRO E 185 -11.26 31.85 -11.67
C PRO E 185 -12.59 31.14 -11.55
N ARG E 186 -13.61 31.54 -12.31
CA ARG E 186 -14.92 30.89 -12.21
C ARG E 186 -14.82 29.40 -12.53
N THR E 187 -13.96 29.03 -13.47
CA THR E 187 -13.83 27.64 -13.91
C THR E 187 -12.62 26.94 -13.30
N GLY E 188 -12.02 27.51 -12.26
CA GLY E 188 -10.91 26.83 -11.61
C GLY E 188 -11.34 25.51 -11.00
N LEU E 189 -12.22 25.56 -10.01
CA LEU E 189 -12.86 24.39 -9.46
C LEU E 189 -14.24 24.77 -8.96
N ASP E 190 -15.15 23.81 -8.87
CA ASP E 190 -16.50 24.10 -8.38
C ASP E 190 -16.44 24.32 -6.87
N PHE E 191 -15.97 25.51 -6.48
CA PHE E 191 -15.88 25.88 -5.07
C PHE E 191 -17.21 26.32 -4.49
N ASN E 192 -18.27 26.33 -5.30
CA ASN E 192 -19.60 26.57 -4.78
C ASN E 192 -20.07 25.47 -3.83
N GLU E 193 -19.41 24.31 -3.84
CA GLU E 193 -19.83 23.20 -3.00
C GLU E 193 -18.69 22.41 -2.36
N MET E 194 -17.48 22.93 -2.35
CA MET E 194 -16.42 22.24 -1.64
C MET E 194 -16.51 22.55 -0.15
N ILE E 195 -16.06 21.59 0.67
CA ILE E 195 -16.02 21.77 2.12
C ILE E 195 -14.62 21.46 2.61
N LEU E 196 -14.08 22.34 3.46
CA LEU E 196 -12.72 22.21 3.95
C LEU E 196 -12.79 21.48 5.29
N LEU E 197 -12.82 20.15 5.23
CA LEU E 197 -13.04 19.33 6.41
C LEU E 197 -11.77 19.28 7.25
N THR E 198 -11.74 20.12 8.27
CA THR E 198 -10.57 20.21 9.14
C THR E 198 -10.62 19.15 10.23
N MET E 199 -9.59 18.30 10.25
CA MET E 199 -9.40 17.30 11.28
C MET E 199 -8.64 17.95 12.45
N LYS E 200 -8.11 17.14 13.36
CA LYS E 200 -7.32 17.66 14.47
C LYS E 200 -6.28 18.67 14.00
N ASN E 201 -5.37 18.24 13.13
CA ASN E 201 -4.34 19.12 12.60
C ASN E 201 -4.20 18.92 11.09
N LYS E 202 -5.29 18.57 10.43
CA LYS E 202 -5.29 18.30 9.01
C LYS E 202 -6.59 18.84 8.43
N ALA E 203 -6.58 19.10 7.12
CA ALA E 203 -7.75 19.65 6.44
C ALA E 203 -7.74 19.19 4.99
N TRP E 204 -8.91 19.03 4.41
CA TRP E 204 -9.09 18.29 3.18
C TRP E 204 -10.07 18.98 2.24
N MET E 205 -10.26 18.37 1.08
CA MET E 205 -11.23 18.81 0.08
C MET E 205 -12.23 17.68 -0.13
N VAL E 206 -13.52 17.98 -0.09
CA VAL E 206 -14.55 16.97 -0.23
C VAL E 206 -15.68 17.50 -1.10
N HIS E 207 -16.50 16.60 -1.61
CA HIS E 207 -17.69 16.99 -2.34
C HIS E 207 -18.85 17.22 -1.37
N ARG E 208 -19.76 18.13 -1.75
CA ARG E 208 -20.75 18.62 -0.81
C ARG E 208 -21.72 17.52 -0.37
N GLN E 209 -22.32 16.84 -1.35
CA GLN E 209 -23.33 15.84 -1.01
C GLN E 209 -22.72 14.70 -0.22
N TRP E 210 -21.51 14.29 -0.58
CA TRP E 210 -20.80 13.31 0.22
C TRP E 210 -20.65 13.77 1.66
N PHE E 211 -20.28 15.04 1.87
CA PHE E 211 -20.11 15.55 3.22
C PHE E 211 -21.41 15.52 3.99
N PHE E 212 -22.51 15.91 3.35
CA PHE E 212 -23.81 15.81 4.00
C PHE E 212 -24.17 14.35 4.26
N ASP E 213 -23.51 13.43 3.57
CA ASP E 213 -23.79 12.01 3.74
C ASP E 213 -22.85 11.28 4.68
N LEU E 214 -22.01 11.99 5.42
CA LEU E 214 -21.19 11.33 6.44
C LEU E 214 -22.12 10.79 7.53
N PRO E 215 -22.11 9.50 7.78
CA PRO E 215 -23.05 8.91 8.78
C PRO E 215 -22.59 9.13 10.22
N LEU E 216 -22.47 10.39 10.60
CA LEU E 216 -22.20 10.79 11.97
C LEU E 216 -23.15 11.90 12.37
N PRO E 217 -23.46 12.02 13.66
CA PRO E 217 -24.35 13.10 14.10
C PRO E 217 -23.73 14.46 13.82
N TRP E 218 -24.59 15.43 13.54
CA TRP E 218 -24.17 16.76 13.12
C TRP E 218 -24.84 17.83 13.98
N ALA E 219 -24.18 18.97 14.07
CA ALA E 219 -24.66 20.11 14.84
C ALA E 219 -25.04 21.26 13.92
N SER E 220 -25.42 22.39 14.51
CA SER E 220 -25.83 23.54 13.72
C SER E 220 -24.68 24.06 12.86
N GLY E 221 -23.44 23.89 13.33
CA GLY E 221 -22.29 24.42 12.64
C GLY E 221 -22.00 25.88 12.93
N ALA E 222 -22.82 26.54 13.73
CA ALA E 222 -22.59 27.93 14.08
C ALA E 222 -21.60 28.02 15.24
N THR E 223 -21.39 29.23 15.73
CA THR E 223 -20.47 29.48 16.82
C THR E 223 -21.14 29.38 18.19
N THR E 224 -22.23 28.64 18.29
CA THR E 224 -22.98 28.53 19.54
C THR E 224 -22.13 27.90 20.63
N GLU E 225 -22.52 28.10 21.88
CA GLU E 225 -21.78 27.58 23.03
C GLU E 225 -22.25 26.20 23.46
N THR E 226 -23.51 25.86 23.21
CA THR E 226 -24.08 24.57 23.58
C THR E 226 -24.70 23.94 22.34
N PRO E 227 -23.94 23.18 21.58
CA PRO E 227 -24.47 22.59 20.35
C PRO E 227 -25.52 21.53 20.64
N THR E 228 -26.47 21.40 19.73
CA THR E 228 -27.50 20.37 19.79
C THR E 228 -27.34 19.44 18.60
N TRP E 229 -27.20 18.15 18.88
CA TRP E 229 -26.90 17.17 17.85
C TRP E 229 -28.17 16.57 17.27
N ASN E 230 -28.03 15.96 16.11
CA ASN E 230 -29.12 15.28 15.43
C ASN E 230 -28.65 13.92 14.93
N ARG E 231 -29.58 12.99 14.80
CA ARG E 231 -29.28 11.60 14.47
C ARG E 231 -28.24 11.04 15.43
N LYS E 232 -28.47 11.29 16.73
CA LYS E 232 -27.52 10.85 17.74
C LYS E 232 -27.47 9.33 17.89
N GLU E 233 -28.43 8.61 17.33
CA GLU E 233 -28.43 7.17 17.48
C GLU E 233 -27.27 6.49 16.75
N LEU E 234 -26.56 7.21 15.89
CA LEU E 234 -25.51 6.57 15.09
C LEU E 234 -24.29 6.21 15.94
N LEU E 235 -23.87 7.10 16.82
CA LEU E 235 -22.65 6.88 17.59
C LEU E 235 -22.89 6.10 18.88
N VAL E 236 -24.12 5.68 19.16
CA VAL E 236 -24.44 4.98 20.38
C VAL E 236 -25.28 3.76 20.03
N THR E 237 -24.95 2.62 20.63
CA THR E 237 -25.69 1.39 20.42
C THR E 237 -26.24 0.88 21.74
N PHE E 238 -27.32 0.09 21.65
CA PHE E 238 -28.00 -0.43 22.82
C PHE E 238 -27.86 -1.94 22.84
N LYS E 239 -27.36 -2.47 23.95
CA LYS E 239 -27.16 -3.91 24.09
C LYS E 239 -28.33 -4.50 24.86
N ASN E 240 -29.14 -5.31 24.17
CA ASN E 240 -30.29 -5.98 24.77
C ASN E 240 -30.01 -7.48 24.76
N ALA E 241 -29.35 -7.96 25.80
CA ALA E 241 -28.93 -9.35 25.86
C ALA E 241 -30.09 -10.23 26.29
N HIS E 242 -30.57 -11.05 25.35
CA HIS E 242 -31.62 -12.06 25.58
C HIS E 242 -32.78 -11.50 26.40
N ALA E 243 -33.09 -10.22 26.20
CA ALA E 243 -34.31 -9.60 26.69
C ALA E 243 -34.45 -9.71 28.21
N LYS E 244 -33.53 -9.07 28.93
CA LYS E 244 -33.69 -8.88 30.37
C LYS E 244 -33.42 -7.46 30.85
N LYS E 245 -32.52 -6.73 30.23
CA LYS E 245 -32.22 -5.35 30.64
C LYS E 245 -31.82 -4.57 29.40
N GLN E 246 -31.28 -3.37 29.63
CA GLN E 246 -30.85 -2.48 28.55
C GLN E 246 -29.65 -1.68 29.03
N GLU E 247 -28.50 -1.86 28.39
CA GLU E 247 -27.30 -1.10 28.71
C GLU E 247 -26.82 -0.37 27.46
N VAL E 248 -26.08 0.71 27.68
CA VAL E 248 -25.74 1.66 26.64
C VAL E 248 -24.23 1.84 26.59
N VAL E 249 -23.66 1.82 25.39
CA VAL E 249 -22.23 2.03 25.20
C VAL E 249 -22.03 3.12 24.15
N VAL E 250 -20.87 3.77 24.21
CA VAL E 250 -20.61 4.97 23.42
C VAL E 250 -19.94 4.69 22.08
N LEU E 251 -19.56 3.44 21.81
CA LEU E 251 -19.09 3.01 20.49
C LEU E 251 -17.77 3.67 20.09
N GLY E 252 -16.92 3.95 21.08
CA GLY E 252 -15.52 4.24 20.79
C GLY E 252 -15.31 5.52 20.01
N SER E 253 -14.24 5.51 19.19
CA SER E 253 -13.75 6.70 18.53
C SER E 253 -13.60 6.44 17.04
N GLN E 254 -14.33 7.19 16.22
CA GLN E 254 -14.38 6.94 14.79
C GLN E 254 -13.24 7.59 14.01
N GLU E 255 -12.15 7.97 14.68
CA GLU E 255 -11.09 8.72 14.00
C GLU E 255 -10.48 7.93 12.86
N GLY E 256 -10.03 6.70 13.13
CA GLY E 256 -9.40 5.91 12.10
C GLY E 256 -10.35 5.59 10.95
N ALA E 257 -11.63 5.41 11.28
CA ALA E 257 -12.62 5.18 10.23
C ALA E 257 -12.67 6.37 9.29
N MET E 258 -12.64 7.59 9.83
CA MET E 258 -12.60 8.77 8.98
C MET E 258 -11.34 8.82 8.14
N HIS E 259 -10.18 8.60 8.76
CA HIS E 259 -8.94 8.67 8.00
C HIS E 259 -8.90 7.64 6.88
N THR E 260 -9.52 6.48 7.09
CA THR E 260 -9.65 5.51 6.01
C THR E 260 -10.71 5.92 5.00
N ALA E 261 -11.74 6.66 5.41
CA ALA E 261 -12.83 7.00 4.52
C ALA E 261 -12.37 7.91 3.38
N LEU E 262 -11.68 9.00 3.71
CA LEU E 262 -11.34 10.00 2.71
C LEU E 262 -10.17 9.50 1.86
N THR E 263 -10.45 8.45 1.09
CA THR E 263 -9.43 7.77 0.31
C THR E 263 -9.16 8.45 -1.04
N GLY E 264 -9.95 9.45 -1.40
CA GLY E 264 -9.74 10.14 -2.66
C GLY E 264 -9.66 11.65 -2.51
N ALA E 265 -9.68 12.12 -1.27
CA ALA E 265 -9.60 13.55 -1.01
C ALA E 265 -8.17 14.06 -1.18
N THR E 266 -8.06 15.33 -1.52
CA THR E 266 -6.76 15.98 -1.70
C THR E 266 -6.30 16.54 -0.36
N GLU E 267 -5.28 17.39 -0.37
CA GLU E 267 -4.69 17.94 0.84
C GLU E 267 -4.51 19.45 0.73
N ILE E 268 -4.62 20.11 1.88
CA ILE E 268 -4.29 21.53 1.98
C ILE E 268 -3.39 21.71 3.20
N GLN E 269 -3.10 22.96 3.54
CA GLN E 269 -2.33 23.28 4.74
C GLN E 269 -3.19 24.18 5.61
N ASN E 270 -3.23 23.90 6.91
CA ASN E 270 -3.98 24.71 7.86
C ASN E 270 -2.99 25.33 8.83
N SER E 271 -2.69 26.62 8.63
CA SER E 271 -1.79 27.36 9.51
C SER E 271 -2.31 28.80 9.54
N GLY E 272 -3.12 29.10 10.54
CA GLY E 272 -3.86 30.36 10.51
C GLY E 272 -4.84 30.31 9.37
N GLY E 273 -4.56 31.08 8.33
CA GLY E 273 -5.29 30.91 7.08
C GLY E 273 -4.87 29.65 6.37
N THR E 274 -5.74 29.15 5.50
CA THR E 274 -5.51 27.91 4.78
C THR E 274 -5.13 28.20 3.34
N SER E 275 -3.97 27.71 2.92
CA SER E 275 -3.51 27.81 1.54
C SER E 275 -3.86 26.50 0.84
N ILE E 276 -4.96 26.52 0.09
CA ILE E 276 -5.48 25.32 -0.56
C ILE E 276 -4.66 25.07 -1.81
N PHE E 277 -3.82 24.04 -1.79
CA PHE E 277 -3.08 23.63 -2.97
C PHE E 277 -4.00 22.83 -3.89
N ALA E 278 -3.42 22.20 -4.91
CA ALA E 278 -4.13 21.22 -5.74
C ALA E 278 -5.32 21.84 -6.46
N GLY E 279 -5.04 22.81 -7.32
CA GLY E 279 -6.07 23.41 -8.15
C GLY E 279 -5.46 23.98 -9.42
N HIS E 280 -6.28 24.06 -10.46
CA HIS E 280 -5.84 24.58 -11.74
C HIS E 280 -6.62 25.85 -12.08
N LEU E 281 -5.95 26.75 -12.79
CA LEU E 281 -6.53 28.02 -13.20
C LEU E 281 -6.01 28.36 -14.59
N LYS E 282 -6.92 28.69 -15.51
CA LYS E 282 -6.52 29.12 -16.83
C LYS E 282 -6.22 30.61 -16.81
N CYS E 283 -5.26 31.03 -17.62
CA CYS E 283 -4.90 32.42 -17.72
C CYS E 283 -4.54 32.75 -19.16
N ARG E 284 -5.19 33.76 -19.72
CA ARG E 284 -4.94 34.19 -21.09
C ARG E 284 -3.78 35.19 -21.05
N LEU E 285 -2.59 34.71 -21.39
CA LEU E 285 -1.41 35.56 -21.35
C LEU E 285 -1.54 36.68 -22.39
N LYS E 286 -0.98 37.83 -22.07
CA LYS E 286 -0.98 38.98 -22.97
C LYS E 286 0.47 39.42 -23.16
N MET E 287 0.98 39.23 -24.38
CA MET E 287 2.37 39.53 -24.71
C MET E 287 2.51 40.88 -25.41
N ASP E 288 1.71 41.86 -25.00
CA ASP E 288 1.65 43.11 -25.75
C ASP E 288 2.95 43.91 -25.65
N LYS E 289 3.47 44.08 -24.44
CA LYS E 289 4.54 45.03 -24.19
C LYS E 289 5.90 44.41 -23.93
N LEU E 290 6.02 43.09 -24.00
CA LEU E 290 7.31 42.46 -23.74
C LEU E 290 8.30 42.76 -24.86
N GLU E 291 9.49 43.22 -24.48
CA GLU E 291 10.54 43.56 -25.44
C GLU E 291 11.84 42.97 -24.93
N LEU E 292 12.67 42.48 -25.85
CA LEU E 292 13.90 41.77 -25.49
C LEU E 292 14.94 42.79 -25.06
N LYS E 293 15.64 42.51 -23.96
CA LYS E 293 16.77 43.35 -23.59
C LYS E 293 17.94 43.05 -24.53
N GLY E 294 18.71 44.07 -24.86
CA GLY E 294 19.88 43.87 -25.69
C GLY E 294 19.62 43.50 -27.14
N MET E 295 18.47 43.89 -27.68
CA MET E 295 18.23 43.63 -29.10
C MET E 295 19.23 44.38 -29.97
N SER E 296 19.53 45.63 -29.61
CA SER E 296 20.51 46.43 -30.33
C SER E 296 21.92 46.24 -29.80
N TYR E 297 22.12 45.32 -28.85
CA TYR E 297 23.45 45.10 -28.28
C TYR E 297 24.40 44.59 -29.35
N ALA E 298 25.68 44.89 -29.16
CA ALA E 298 26.71 44.47 -30.11
C ALA E 298 27.08 43.01 -29.88
N MET E 299 27.17 42.25 -30.96
CA MET E 299 27.57 40.85 -30.87
C MET E 299 29.10 40.78 -30.74
N CYS E 300 29.58 40.44 -29.54
CA CYS E 300 31.00 40.47 -29.29
C CYS E 300 31.71 39.29 -29.96
N THR E 301 33.01 39.45 -30.19
CA THR E 301 33.83 38.44 -30.83
C THR E 301 35.01 38.12 -29.92
N ASN E 302 34.95 36.97 -29.27
CA ASN E 302 36.02 36.51 -28.40
C ASN E 302 35.73 35.05 -28.07
N THR E 303 36.69 34.41 -27.39
CA THR E 303 36.50 33.02 -27.02
C THR E 303 35.67 32.90 -25.75
N PHE E 304 34.91 31.82 -25.67
CA PHE E 304 34.11 31.49 -24.50
C PHE E 304 34.71 30.27 -23.81
N VAL E 305 34.31 30.04 -22.56
CA VAL E 305 34.80 28.90 -21.80
C VAL E 305 33.65 28.32 -20.99
N LEU E 306 33.65 26.99 -20.89
CA LEU E 306 32.55 26.23 -20.29
C LEU E 306 32.85 26.03 -18.81
N LYS E 307 32.16 26.81 -17.97
CA LYS E 307 32.41 26.73 -16.53
C LYS E 307 31.87 25.43 -15.94
N LYS E 308 30.56 25.24 -16.03
CA LYS E 308 29.92 24.07 -15.46
C LYS E 308 29.74 22.99 -16.52
N GLU E 309 29.54 21.75 -16.07
CA GLU E 309 29.35 20.65 -16.99
C GLU E 309 28.02 20.77 -17.71
N VAL E 310 27.99 20.35 -18.97
CA VAL E 310 26.73 20.23 -19.69
C VAL E 310 25.93 19.07 -19.12
N SER E 311 24.64 19.29 -18.88
CA SER E 311 23.79 18.30 -18.24
C SER E 311 22.37 18.47 -18.78
N GLU E 312 21.83 17.42 -19.37
CA GLU E 312 20.52 17.49 -20.00
C GLU E 312 19.42 17.08 -19.04
N THR E 313 18.30 17.79 -19.09
CA THR E 313 17.18 17.51 -18.20
C THR E 313 16.23 16.52 -18.87
N GLN E 314 15.13 16.21 -18.21
CA GLN E 314 14.16 15.29 -18.79
C GLN E 314 13.52 15.92 -20.03
N HIS E 315 12.94 15.06 -20.86
CA HIS E 315 12.20 15.45 -22.07
C HIS E 315 12.95 16.50 -22.90
N GLY E 316 14.20 16.20 -23.20
CA GLY E 316 14.91 16.86 -24.28
C GLY E 316 15.19 18.35 -24.17
N THR E 317 16.06 18.74 -23.23
CA THR E 317 16.68 20.06 -23.26
C THR E 317 17.90 20.02 -22.37
N ILE E 318 18.92 20.78 -22.76
CA ILE E 318 20.23 20.72 -22.13
C ILE E 318 20.59 22.10 -21.58
N LEU E 319 21.45 22.13 -20.57
CA LEU E 319 21.86 23.37 -19.92
C LEU E 319 23.33 23.64 -20.21
N ILE E 320 23.62 24.83 -20.73
CA ILE E 320 24.97 25.28 -20.96
C ILE E 320 25.26 26.47 -20.07
N LYS E 321 26.28 26.36 -19.23
CA LYS E 321 26.73 27.48 -18.42
C LYS E 321 28.08 27.95 -18.93
N VAL E 322 28.14 29.19 -19.40
CA VAL E 322 29.34 29.70 -20.03
C VAL E 322 29.56 31.14 -19.57
N GLU E 323 30.81 31.46 -19.27
CA GLU E 323 31.20 32.81 -18.86
C GLU E 323 32.00 33.45 -19.97
N TYR E 324 31.59 34.66 -20.36
CA TYR E 324 32.27 35.34 -21.45
C TYR E 324 33.65 35.80 -20.99
N LYS E 325 34.61 35.73 -21.90
CA LYS E 325 35.96 36.18 -21.64
C LYS E 325 36.32 37.21 -22.71
N GLY E 326 36.32 38.47 -22.32
CA GLY E 326 36.52 39.57 -23.26
C GLY E 326 36.42 40.90 -22.55
N GLU E 327 35.79 41.87 -23.23
CA GLU E 327 35.62 43.20 -22.67
C GLU E 327 34.26 43.83 -22.92
N ASP E 328 33.35 43.16 -23.63
CA ASP E 328 32.08 43.75 -24.01
C ASP E 328 31.01 43.37 -22.99
N ALA E 329 30.72 44.29 -22.08
CA ALA E 329 29.60 44.15 -21.15
C ALA E 329 28.27 44.00 -21.89
N PRO E 330 28.00 44.72 -22.97
CA PRO E 330 26.75 44.50 -23.71
C PRO E 330 26.79 43.38 -24.75
N CYS E 331 27.71 42.44 -24.65
CA CYS E 331 27.78 41.36 -25.64
C CYS E 331 26.51 40.53 -25.67
N LYS E 332 26.13 40.09 -26.87
CA LYS E 332 25.15 39.03 -27.04
C LYS E 332 25.84 37.79 -27.62
N ILE E 333 25.41 36.63 -27.17
CA ILE E 333 26.12 35.39 -27.45
C ILE E 333 25.71 34.81 -28.80
N PRO E 334 26.67 34.56 -29.70
CA PRO E 334 26.33 33.87 -30.95
C PRO E 334 25.99 32.40 -30.70
N PHE E 335 25.30 31.81 -31.65
CA PHE E 335 24.85 30.43 -31.50
C PHE E 335 24.57 29.82 -32.86
N SER E 336 24.98 28.57 -33.04
CA SER E 336 24.73 27.84 -34.27
C SER E 336 25.08 26.37 -34.05
N THR E 337 24.27 25.48 -34.63
CA THR E 337 24.47 24.04 -34.50
C THR E 337 24.56 23.42 -35.88
N GLU E 338 25.56 22.59 -36.08
CA GLU E 338 25.80 21.95 -37.38
C GLU E 338 25.94 20.45 -37.18
N ASP E 339 24.98 19.69 -37.69
CA ASP E 339 24.99 18.24 -37.58
C ASP E 339 25.42 17.61 -38.90
N GLY E 340 26.21 16.54 -38.81
CA GLY E 340 26.77 15.93 -40.01
C GLY E 340 27.69 16.85 -40.79
N GLN E 341 28.23 17.88 -40.11
CA GLN E 341 29.05 18.91 -40.74
C GLN E 341 28.32 19.59 -41.90
N GLY E 342 27.00 19.70 -41.79
CA GLY E 342 26.21 20.43 -42.75
C GLY E 342 25.86 21.83 -42.25
N LYS E 343 25.04 22.52 -43.04
CA LYS E 343 24.55 23.84 -42.68
C LYS E 343 23.08 23.79 -42.26
N ALA E 344 22.60 22.62 -41.81
CA ALA E 344 21.18 22.46 -41.52
C ALA E 344 20.70 23.50 -40.50
N HIS E 345 21.48 23.73 -39.45
CA HIS E 345 21.11 24.66 -38.38
C HIS E 345 19.73 24.29 -37.83
N ASN E 346 19.51 23.00 -37.67
CA ASN E 346 18.22 22.50 -37.20
C ASN E 346 18.17 22.53 -35.68
N GLY E 347 16.98 22.74 -35.15
CA GLY E 347 16.80 22.82 -33.71
C GLY E 347 16.25 24.15 -33.27
N ARG E 348 16.27 24.39 -31.96
CA ARG E 348 15.74 25.64 -31.41
C ARG E 348 16.54 26.09 -30.20
N LEU E 349 16.91 27.36 -30.16
CA LEU E 349 17.45 27.94 -28.94
C LEU E 349 16.28 28.19 -27.98
N ILE E 350 16.11 27.31 -27.00
CA ILE E 350 14.93 27.37 -26.15
C ILE E 350 14.91 28.67 -25.35
N THR E 351 16.06 29.19 -24.97
CA THR E 351 16.13 30.52 -24.37
C THR E 351 16.00 31.57 -25.47
N ALA E 352 15.43 32.72 -25.11
CA ALA E 352 15.09 33.73 -26.11
C ALA E 352 16.33 34.21 -26.87
N ASN E 353 17.21 34.94 -26.18
CA ASN E 353 18.46 35.41 -26.79
C ASN E 353 19.46 35.74 -25.70
N PRO E 354 20.24 34.76 -25.25
CA PRO E 354 21.11 34.98 -24.09
C PRO E 354 22.10 36.09 -24.33
N VAL E 355 22.31 36.89 -23.29
CA VAL E 355 23.24 38.00 -23.34
C VAL E 355 24.05 38.02 -22.06
N VAL E 356 25.34 38.33 -22.17
CA VAL E 356 26.22 38.42 -21.01
C VAL E 356 26.05 39.81 -20.41
N THR E 357 25.35 39.89 -19.28
CA THR E 357 25.16 41.18 -18.64
C THR E 357 26.46 41.71 -18.05
N LYS E 358 27.19 40.86 -17.33
CA LYS E 358 28.47 41.23 -16.75
C LYS E 358 29.49 40.13 -17.01
N LYS E 359 30.74 40.53 -17.22
CA LYS E 359 31.78 39.59 -17.61
C LYS E 359 32.10 38.58 -16.52
N GLU E 360 32.13 39.02 -15.25
CA GLU E 360 32.82 38.26 -14.22
C GLU E 360 32.20 36.89 -14.00
N GLU E 361 30.88 36.80 -14.00
CA GLU E 361 30.30 35.50 -13.66
C GLU E 361 29.35 35.05 -14.77
N PRO E 362 29.34 33.75 -15.09
CA PRO E 362 28.67 33.29 -16.31
C PRO E 362 27.17 33.57 -16.36
N VAL E 363 26.71 33.78 -17.58
CA VAL E 363 25.30 33.70 -17.93
C VAL E 363 25.10 32.37 -18.64
N ASN E 364 24.10 31.61 -18.21
CA ASN E 364 23.96 30.22 -18.64
C ASN E 364 22.84 30.09 -19.67
N ILE E 365 23.17 29.47 -20.80
CA ILE E 365 22.25 29.33 -21.91
C ILE E 365 21.51 28.00 -21.75
N GLU E 366 20.34 27.90 -22.38
CA GLU E 366 19.62 26.63 -22.49
C GLU E 366 19.23 26.47 -23.95
N ALA E 367 19.37 25.25 -24.47
CA ALA E 367 19.06 24.99 -25.87
C ALA E 367 18.60 23.55 -26.04
N GLU E 368 17.85 23.31 -27.10
CA GLU E 368 17.30 21.98 -27.41
C GLU E 368 17.83 21.50 -28.75
N PRO E 369 18.76 20.55 -28.76
CA PRO E 369 19.36 20.10 -30.03
C PRO E 369 18.44 19.12 -30.73
N PRO E 370 18.73 18.82 -32.00
CA PRO E 370 17.97 17.77 -32.69
C PRO E 370 18.29 16.39 -32.13
N PHE E 371 17.48 15.41 -32.54
CA PHE E 371 17.68 14.05 -32.04
C PHE E 371 19.02 13.48 -32.45
N GLY E 372 19.43 13.72 -33.70
CA GLY E 372 20.68 13.17 -34.17
C GLY E 372 21.87 13.78 -33.46
N GLU E 373 23.01 13.10 -33.61
CA GLU E 373 24.26 13.60 -33.05
C GLU E 373 24.63 14.92 -33.72
N SER E 374 24.66 15.99 -32.94
CA SER E 374 24.88 17.32 -33.50
C SER E 374 25.86 18.09 -32.63
N ASN E 375 26.80 18.77 -33.28
CA ASN E 375 27.73 19.63 -32.57
C ASN E 375 27.13 21.02 -32.38
N ILE E 376 27.60 21.70 -31.33
CA ILE E 376 27.11 23.03 -30.98
C ILE E 376 28.31 23.94 -30.75
N VAL E 377 28.35 25.07 -31.44
CA VAL E 377 29.38 26.06 -31.24
C VAL E 377 28.76 27.27 -30.55
N ILE E 378 29.63 28.11 -29.98
CA ILE E 378 29.21 29.28 -29.23
C ILE E 378 29.80 30.57 -29.80
N GLY E 379 31.12 30.68 -29.80
CA GLY E 379 31.79 31.92 -30.14
C GLY E 379 31.98 32.09 -31.63
N ILE E 380 33.17 32.56 -32.00
CA ILE E 380 33.54 32.73 -33.40
C ILE E 380 35.06 32.66 -33.50
N GLY E 381 35.54 31.96 -34.52
CA GLY E 381 36.95 31.78 -34.74
C GLY E 381 37.41 30.36 -34.48
N ASP E 382 38.73 30.18 -34.55
CA ASP E 382 39.31 28.86 -34.30
C ASP E 382 39.09 28.42 -32.85
N ASN E 383 39.25 29.35 -31.91
CA ASN E 383 39.14 29.05 -30.49
C ASN E 383 37.72 29.07 -29.98
N ALA E 384 36.73 29.29 -30.86
CA ALA E 384 35.34 29.30 -30.44
C ALA E 384 34.98 27.96 -29.80
N LEU E 385 34.47 28.03 -28.58
CA LEU E 385 34.08 26.83 -27.85
C LEU E 385 33.02 26.07 -28.63
N LYS E 386 33.26 24.77 -28.82
CA LYS E 386 32.31 23.89 -29.49
C LYS E 386 32.01 22.70 -28.60
N ILE E 387 30.73 22.37 -28.48
CA ILE E 387 30.25 21.33 -27.58
C ILE E 387 29.53 20.29 -28.41
N ASN E 388 29.93 19.03 -28.27
CA ASN E 388 29.25 17.93 -28.92
C ASN E 388 28.09 17.46 -28.06
N TRP E 389 27.06 16.93 -28.71
CA TRP E 389 25.97 16.28 -27.97
C TRP E 389 25.34 15.20 -28.82
N TYR E 390 24.72 14.24 -28.15
CA TYR E 390 24.01 13.15 -28.81
C TYR E 390 22.75 12.85 -28.01
N LYS E 391 21.62 13.34 -28.51
CA LYS E 391 20.33 13.10 -27.88
C LYS E 391 19.83 11.72 -28.28
N LYS E 392 19.23 11.00 -27.35
CA LYS E 392 18.79 9.63 -27.61
C LYS E 392 17.30 9.60 -27.86
N GLY E 393 16.92 9.07 -29.02
CA GLY E 393 15.52 8.95 -29.38
C GLY E 393 15.30 9.42 -30.81
N SER E 394 14.05 9.31 -31.23
CA SER E 394 13.65 9.72 -32.57
C SER E 394 12.39 10.56 -32.50
N SER E 395 12.01 11.11 -33.65
CA SER E 395 10.85 12.00 -33.70
C SER E 395 9.57 11.29 -33.31
N ILE E 396 9.41 10.04 -33.76
CA ILE E 396 8.19 9.30 -33.44
C ILE E 396 8.07 9.06 -31.94
N GLY E 397 9.21 8.85 -31.26
CA GLY E 397 9.16 8.73 -29.81
C GLY E 397 8.68 10.00 -29.14
N LYS E 398 9.16 11.14 -29.62
CA LYS E 398 8.68 12.42 -29.09
C LYS E 398 7.19 12.58 -29.35
N MET E 399 6.73 12.19 -30.53
CA MET E 399 5.31 12.29 -30.84
C MET E 399 4.49 11.43 -29.90
N PHE E 400 4.93 10.20 -29.65
CA PHE E 400 4.19 9.31 -28.76
C PHE E 400 4.16 9.86 -27.34
N GLU E 401 5.30 10.36 -26.85
CA GLU E 401 5.33 10.91 -25.51
C GLU E 401 4.45 12.15 -25.40
N ALA E 402 4.46 13.00 -26.43
CA ALA E 402 3.60 14.17 -26.43
C ALA E 402 2.13 13.77 -26.41
N THR E 403 1.78 12.74 -27.17
CA THR E 403 0.39 12.27 -27.18
C THR E 403 -0.02 11.73 -25.82
N ALA E 404 0.86 10.94 -25.18
CA ALA E 404 0.54 10.43 -23.86
C ALA E 404 0.39 11.55 -22.84
N ARG E 405 1.29 12.53 -22.89
CA ARG E 405 1.21 13.67 -21.99
C ARG E 405 -0.09 14.44 -22.21
N GLY E 406 -0.47 14.64 -23.47
CA GLY E 406 -1.72 15.32 -23.74
C GLY E 406 -2.93 14.54 -23.26
N ALA E 407 -2.89 13.22 -23.37
CA ALA E 407 -3.99 12.41 -22.87
C ALA E 407 -4.11 12.53 -21.35
N ARG E 408 -2.97 12.49 -20.65
CA ARG E 408 -2.99 12.65 -19.20
C ARG E 408 -3.51 14.02 -18.82
N ARG E 409 -3.14 15.04 -19.59
CA ARG E 409 -3.65 16.38 -19.36
C ARG E 409 -5.16 16.45 -19.56
N MET E 410 -5.66 15.83 -20.63
CA MET E 410 -7.09 15.87 -20.92
C MET E 410 -7.91 15.15 -19.85
N ALA E 411 -7.43 14.00 -19.40
CA ALA E 411 -8.20 13.22 -18.44
C ALA E 411 -8.37 13.97 -17.12
N ILE E 412 -7.32 14.62 -16.64
CA ILE E 412 -7.38 15.30 -15.36
C ILE E 412 -8.01 16.68 -15.44
N LEU E 413 -7.76 17.42 -16.52
CA LEU E 413 -8.20 18.80 -16.63
C LEU E 413 -9.60 18.94 -17.21
N GLY E 414 -10.25 17.82 -17.55
CA GLY E 414 -11.62 17.90 -18.02
C GLY E 414 -11.72 18.55 -19.37
N ASP E 415 -12.62 19.52 -19.49
CA ASP E 415 -12.93 20.16 -20.76
C ASP E 415 -12.09 21.40 -21.02
N THR E 416 -11.22 21.76 -20.08
CA THR E 416 -10.36 22.93 -20.24
C THR E 416 -9.04 22.59 -20.91
N ALA E 417 -8.76 21.31 -21.14
CA ALA E 417 -7.50 20.94 -21.78
C ALA E 417 -7.45 21.42 -23.22
N TRP E 418 -8.60 21.53 -23.88
CA TRP E 418 -8.61 22.11 -25.21
C TRP E 418 -8.32 23.61 -25.20
N ASP E 419 -8.60 24.29 -24.09
CA ASP E 419 -8.22 25.69 -23.98
C ASP E 419 -6.72 25.84 -23.76
N PHE E 420 -6.06 24.79 -23.29
CA PHE E 420 -4.63 24.83 -23.05
C PHE E 420 -3.86 25.10 -24.33
N GLY E 421 -2.95 26.06 -24.28
CA GLY E 421 -2.09 26.35 -25.40
C GLY E 421 -2.79 26.74 -26.68
N SER E 422 -3.98 27.31 -26.60
CA SER E 422 -4.77 27.58 -27.78
C SER E 422 -4.36 28.90 -28.40
N VAL E 423 -4.88 29.18 -29.59
CA VAL E 423 -4.69 30.46 -30.27
C VAL E 423 -6.01 31.18 -30.46
N GLY E 424 -7.14 30.50 -30.28
CA GLY E 424 -8.43 31.01 -30.70
C GLY E 424 -8.93 30.41 -31.99
N GLY E 425 -8.26 29.40 -32.52
CA GLY E 425 -8.64 28.77 -33.76
C GLY E 425 -10.07 28.25 -33.77
N VAL E 426 -10.77 28.45 -34.89
CA VAL E 426 -12.16 28.04 -34.98
C VAL E 426 -12.29 26.53 -34.80
N LEU E 427 -11.31 25.78 -35.32
CA LEU E 427 -11.33 24.33 -35.16
C LEU E 427 -11.20 23.96 -33.69
N ASN E 428 -10.31 24.64 -32.96
CA ASN E 428 -10.07 24.32 -31.57
C ASN E 428 -11.31 24.57 -30.72
N SER E 429 -11.99 25.69 -30.95
CA SER E 429 -13.18 26.01 -30.16
C SER E 429 -14.29 24.99 -30.41
N LEU E 430 -14.49 24.60 -31.66
CA LEU E 430 -15.50 23.60 -31.96
C LEU E 430 -15.15 22.26 -31.33
N GLY E 431 -13.88 21.88 -31.39
CA GLY E 431 -13.46 20.66 -30.73
C GLY E 431 -13.70 20.71 -29.23
N LYS E 432 -13.42 21.86 -28.62
CA LYS E 432 -13.66 22.02 -27.20
C LYS E 432 -15.14 21.90 -26.87
N MET E 433 -16.00 22.50 -27.69
CA MET E 433 -17.44 22.41 -27.43
C MET E 433 -17.94 20.98 -27.55
N VAL E 434 -17.51 20.28 -28.60
CA VAL E 434 -17.96 18.90 -28.80
C VAL E 434 -17.45 18.01 -27.68
N HIS E 435 -16.17 18.11 -27.35
CA HIS E 435 -15.63 17.32 -26.25
C HIS E 435 -16.30 17.68 -24.94
N GLN E 436 -16.70 18.95 -24.78
CA GLN E 436 -17.35 19.36 -23.55
C GLN E 436 -18.70 18.68 -23.39
N ILE E 437 -19.54 18.73 -24.43
CA ILE E 437 -20.84 18.08 -24.31
C ILE E 437 -20.68 16.57 -24.15
N PHE E 438 -19.80 15.95 -24.95
CA PHE E 438 -19.64 14.51 -24.86
C PHE E 438 -19.13 14.11 -23.49
N GLY E 439 -18.14 14.82 -22.96
CA GLY E 439 -17.57 14.47 -21.67
C GLY E 439 -18.52 14.75 -20.52
N SER E 440 -19.33 15.80 -20.63
CA SER E 440 -20.33 16.04 -19.60
C SER E 440 -21.34 14.92 -19.56
N ALA E 441 -21.82 14.49 -20.73
CA ALA E 441 -22.73 13.35 -20.77
C ALA E 441 -22.05 12.09 -20.22
N TYR E 442 -20.77 11.92 -20.54
CA TYR E 442 -20.05 10.74 -20.08
C TYR E 442 -19.90 10.72 -18.57
N THR E 443 -19.42 11.82 -17.99
CA THR E 443 -19.18 11.84 -16.54
C THR E 443 -20.50 11.88 -15.78
N ALA E 444 -21.59 12.28 -16.44
CA ALA E 444 -22.89 12.15 -15.82
C ALA E 444 -23.23 10.69 -15.54
N LEU E 445 -22.72 9.78 -16.38
CA LEU E 445 -22.98 8.36 -16.18
C LEU E 445 -22.15 7.80 -15.03
N PHE E 446 -20.89 8.21 -14.93
CA PHE E 446 -19.94 7.57 -14.02
C PHE E 446 -19.62 8.41 -12.80
N SER E 447 -20.58 9.18 -12.29
CA SER E 447 -20.32 9.97 -11.10
C SER E 447 -20.26 9.05 -9.88
N GLY E 448 -19.06 8.65 -9.46
CA GLY E 448 -18.89 7.83 -8.29
C GLY E 448 -18.43 6.41 -8.56
N VAL E 449 -17.89 6.12 -9.75
CA VAL E 449 -17.43 4.77 -10.04
C VAL E 449 -15.93 4.69 -9.80
N SER E 450 -15.47 3.52 -9.36
CA SER E 450 -14.13 3.39 -8.80
C SER E 450 -13.12 2.91 -9.83
N TRP E 451 -11.91 2.62 -9.36
CA TRP E 451 -10.83 2.09 -10.18
C TRP E 451 -11.23 0.80 -10.90
N VAL E 452 -11.41 -0.26 -10.11
CA VAL E 452 -11.58 -1.59 -10.69
C VAL E 452 -12.92 -1.71 -11.38
N MET E 453 -13.95 -1.07 -10.84
CA MET E 453 -15.25 -1.12 -11.49
C MET E 453 -15.24 -0.43 -12.85
N LYS E 454 -14.53 0.70 -12.95
CA LYS E 454 -14.41 1.33 -14.27
C LYS E 454 -13.64 0.44 -15.23
N ILE E 455 -12.57 -0.20 -14.76
CA ILE E 455 -11.84 -1.10 -15.65
C ILE E 455 -12.74 -2.23 -16.14
N GLY E 456 -13.50 -2.84 -15.23
CA GLY E 456 -14.36 -3.95 -15.61
C GLY E 456 -15.48 -3.54 -16.54
N ILE E 457 -16.09 -2.37 -16.28
CA ILE E 457 -17.12 -1.87 -17.16
C ILE E 457 -16.54 -1.60 -18.55
N GLY E 458 -15.33 -1.05 -18.60
CA GLY E 458 -14.69 -0.85 -19.88
C GLY E 458 -14.48 -2.14 -20.64
N VAL E 459 -14.02 -3.17 -19.94
CA VAL E 459 -13.85 -4.48 -20.57
C VAL E 459 -15.18 -4.99 -21.10
N LEU E 460 -16.23 -4.89 -20.29
CA LEU E 460 -17.52 -5.42 -20.70
C LEU E 460 -18.06 -4.67 -21.92
N LEU E 461 -17.90 -3.36 -21.96
CA LEU E 461 -18.44 -2.60 -23.10
C LEU E 461 -17.57 -2.76 -24.34
N THR E 462 -16.26 -2.92 -24.18
CA THR E 462 -15.45 -3.19 -25.36
C THR E 462 -15.78 -4.56 -25.94
N TRP E 463 -16.13 -5.52 -25.07
CA TRP E 463 -16.57 -6.81 -25.59
C TRP E 463 -17.91 -6.69 -26.30
N ILE E 464 -18.88 -6.03 -25.68
CA ILE E 464 -20.20 -5.92 -26.29
C ILE E 464 -20.12 -5.14 -27.59
N GLY E 465 -19.14 -4.24 -27.71
CA GLY E 465 -18.92 -3.58 -28.98
C GLY E 465 -18.28 -4.49 -30.01
N LEU E 466 -17.35 -5.35 -29.56
CA LEU E 466 -16.58 -6.15 -30.50
C LEU E 466 -17.47 -7.12 -31.26
N ASN E 467 -18.40 -7.77 -30.56
CA ASN E 467 -19.16 -8.86 -31.17
C ASN E 467 -20.52 -8.42 -31.67
N SER E 468 -20.84 -7.12 -31.58
CA SER E 468 -22.18 -6.66 -31.95
C SER E 468 -22.37 -6.70 -33.46
N LYS E 469 -23.62 -6.45 -33.88
CA LYS E 469 -23.97 -6.64 -35.29
C LYS E 469 -23.87 -5.35 -36.09
N ASN E 470 -24.64 -4.33 -35.70
CA ASN E 470 -24.84 -3.17 -36.54
C ASN E 470 -23.76 -2.13 -36.30
N THR E 471 -23.69 -1.11 -37.16
CA THR E 471 -22.55 -0.20 -37.24
C THR E 471 -22.33 0.60 -35.96
N SER E 472 -23.19 0.45 -34.95
CA SER E 472 -22.92 1.07 -33.67
C SER E 472 -21.77 0.36 -32.96
N MET E 473 -21.32 -0.78 -33.49
CA MET E 473 -20.31 -1.54 -32.80
C MET E 473 -19.03 -0.73 -32.68
N SER E 474 -18.63 -0.04 -33.76
CA SER E 474 -17.38 0.70 -33.75
C SER E 474 -17.47 1.89 -32.81
N PHE E 475 -18.57 2.63 -32.88
CA PHE E 475 -18.73 3.79 -32.00
C PHE E 475 -18.65 3.36 -30.54
N SER E 476 -19.47 2.38 -30.14
CA SER E 476 -19.45 1.96 -28.75
C SER E 476 -18.08 1.42 -28.36
N CYS E 477 -17.55 0.46 -29.13
CA CYS E 477 -16.26 -0.14 -28.81
C CYS E 477 -15.19 0.93 -28.66
N ILE E 478 -14.84 1.60 -29.76
CA ILE E 478 -13.77 2.59 -29.69
C ILE E 478 -14.04 3.58 -28.57
N ALA E 479 -15.12 4.35 -28.68
CA ALA E 479 -15.33 5.45 -27.73
C ALA E 479 -15.31 4.95 -26.30
N ILE E 480 -16.31 4.16 -25.92
CA ILE E 480 -16.46 3.85 -24.50
C ILE E 480 -15.32 2.96 -24.02
N GLY E 481 -14.98 1.91 -24.76
CA GLY E 481 -13.94 1.03 -24.29
C GLY E 481 -12.62 1.75 -24.08
N ILE E 482 -12.18 2.52 -25.09
CA ILE E 482 -10.89 3.19 -24.96
C ILE E 482 -10.94 4.23 -23.84
N ILE E 483 -12.00 5.03 -23.78
CA ILE E 483 -12.06 6.08 -22.77
C ILE E 483 -12.06 5.48 -21.37
N THR E 484 -12.90 4.47 -21.14
CA THR E 484 -12.98 3.88 -19.82
C THR E 484 -11.70 3.14 -19.44
N LEU E 485 -11.09 2.41 -20.37
CA LEU E 485 -9.83 1.76 -20.05
C LEU E 485 -8.74 2.77 -19.73
N TYR E 486 -8.64 3.84 -20.50
CA TYR E 486 -7.59 4.82 -20.26
C TYR E 486 -7.85 5.66 -19.02
N LEU E 487 -9.10 5.77 -18.58
CA LEU E 487 -9.38 6.38 -17.28
C LEU E 487 -9.15 5.43 -16.12
N GLY E 488 -9.40 4.14 -16.30
CA GLY E 488 -9.12 3.18 -15.25
C GLY E 488 -7.63 3.03 -15.04
N ALA E 489 -6.87 3.09 -16.13
CA ALA E 489 -5.42 2.97 -16.03
C ALA E 489 -4.83 4.13 -15.23
N VAL E 490 -5.30 5.35 -15.49
CA VAL E 490 -4.75 6.52 -14.82
C VAL E 490 -5.86 7.29 -14.12
N VAL E 491 -6.10 6.95 -12.85
CA VAL E 491 -7.03 7.65 -11.99
C VAL E 491 -6.53 7.51 -10.56
N GLN E 492 -7.15 8.25 -9.65
CA GLN E 492 -6.70 8.34 -8.25
C GLN E 492 -5.26 8.84 -8.19
N ALA E 493 -4.94 9.75 -9.09
CA ALA E 493 -3.59 10.29 -9.18
C ALA E 493 -3.59 11.65 -9.88
N SER F 1 -16.25 8.53 8.31
CA SER F 1 -17.51 7.82 8.12
C SER F 1 -17.48 6.48 8.81
N VAL F 2 -18.37 5.60 8.38
CA VAL F 2 -18.31 4.19 8.76
C VAL F 2 -17.20 3.47 7.97
N ALA F 3 -16.51 4.20 7.09
CA ALA F 3 -15.42 3.65 6.27
C ALA F 3 -15.92 2.54 5.35
N LEU F 4 -17.19 2.61 4.98
CA LEU F 4 -17.76 1.69 4.02
C LEU F 4 -18.01 2.35 2.68
N ALA F 5 -18.06 3.68 2.62
CA ALA F 5 -18.26 4.42 1.38
C ALA F 5 -17.15 5.46 1.25
N PRO F 6 -15.96 5.03 0.81
CA PRO F 6 -14.86 5.98 0.65
C PRO F 6 -15.19 7.03 -0.38
N HIS F 7 -14.69 8.25 -0.15
CA HIS F 7 -14.87 9.36 -1.08
C HIS F 7 -13.96 9.14 -2.27
N VAL F 8 -14.43 8.37 -3.25
CA VAL F 8 -13.63 7.99 -4.41
C VAL F 8 -14.42 8.27 -5.67
N GLY F 9 -13.69 8.51 -6.76
CA GLY F 9 -14.29 8.66 -8.06
C GLY F 9 -15.25 9.82 -8.17
N MET F 10 -14.94 10.93 -7.49
CA MET F 10 -15.78 12.10 -7.58
C MET F 10 -15.46 12.94 -8.81
N GLY F 11 -14.35 12.68 -9.48
CA GLY F 11 -13.98 13.36 -10.69
C GLY F 11 -13.17 14.63 -10.48
N LEU F 12 -13.26 15.23 -9.30
CA LEU F 12 -12.55 16.47 -8.99
C LEU F 12 -11.13 16.12 -8.54
N ASP F 13 -10.35 15.64 -9.49
CA ASP F 13 -8.97 15.24 -9.24
C ASP F 13 -8.04 16.30 -9.80
N THR F 14 -6.80 16.30 -9.29
CA THR F 14 -5.78 17.22 -9.75
C THR F 14 -4.46 16.46 -9.79
N ARG F 15 -3.45 17.09 -10.41
CA ARG F 15 -2.14 16.46 -10.56
C ARG F 15 -1.60 15.98 -9.22
N THR F 16 -1.84 16.74 -8.15
CA THR F 16 -1.29 16.40 -6.85
C THR F 16 -1.87 15.10 -6.34
N GLN F 17 -1.13 14.44 -5.45
CA GLN F 17 -1.56 13.16 -4.91
C GLN F 17 -2.79 13.33 -4.05
N THR F 18 -3.56 12.26 -3.93
CA THR F 18 -4.71 12.22 -3.05
C THR F 18 -4.26 11.95 -1.62
N TRP F 19 -5.22 11.82 -0.71
CA TRP F 19 -4.89 11.55 0.69
C TRP F 19 -4.17 10.21 0.82
N MET F 20 -4.69 9.19 0.15
CA MET F 20 -4.13 7.85 0.23
C MET F 20 -4.41 7.08 -1.06
N SER F 21 -3.42 7.01 -1.94
CA SER F 21 -3.65 6.31 -3.21
C SER F 21 -2.97 4.95 -3.19
N ALA F 22 -1.75 4.87 -2.67
CA ALA F 22 -0.97 3.64 -2.74
C ALA F 22 -1.69 2.48 -2.06
N GLU F 23 -2.52 2.77 -1.06
CA GLU F 23 -3.26 1.72 -0.37
C GLU F 23 -4.69 1.60 -0.85
N GLY F 24 -5.39 2.73 -1.04
CA GLY F 24 -6.76 2.66 -1.53
C GLY F 24 -6.86 2.10 -2.93
N ALA F 25 -5.72 1.99 -3.62
CA ALA F 25 -5.72 1.36 -4.93
C ALA F 25 -6.14 -0.10 -4.83
N TRP F 26 -5.67 -0.80 -3.80
CA TRP F 26 -5.84 -2.23 -3.69
C TRP F 26 -6.56 -2.68 -2.42
N ARG F 27 -7.03 -1.74 -1.60
CA ARG F 27 -7.69 -2.12 -0.34
C ARG F 27 -8.88 -3.05 -0.59
N GLN F 28 -9.85 -2.60 -1.38
CA GLN F 28 -11.07 -3.36 -1.58
C GLN F 28 -10.78 -4.69 -2.30
N VAL F 29 -9.88 -4.65 -3.29
CA VAL F 29 -9.52 -5.86 -4.02
C VAL F 29 -8.90 -6.88 -3.08
N GLU F 30 -8.00 -6.43 -2.20
CA GLU F 30 -7.37 -7.36 -1.29
C GLU F 30 -8.38 -7.93 -0.31
N LYS F 31 -9.36 -7.13 0.11
CA LYS F 31 -10.41 -7.68 0.96
C LYS F 31 -11.14 -8.80 0.24
N VAL F 32 -11.51 -8.57 -1.03
CA VAL F 32 -12.22 -9.59 -1.79
C VAL F 32 -11.37 -10.86 -1.90
N GLU F 33 -10.07 -10.68 -2.17
CA GLU F 33 -9.22 -11.85 -2.40
C GLU F 33 -8.99 -12.64 -1.12
N THR F 34 -8.76 -11.96 0.00
CA THR F 34 -8.57 -12.69 1.26
C THR F 34 -9.86 -13.39 1.67
N TRP F 35 -11.01 -12.76 1.41
CA TRP F 35 -12.28 -13.46 1.59
C TRP F 35 -12.31 -14.74 0.77
N ALA F 36 -12.02 -14.63 -0.53
CA ALA F 36 -12.18 -15.78 -1.42
C ALA F 36 -11.25 -16.91 -1.02
N LEU F 37 -10.01 -16.59 -0.67
CA LEU F 37 -9.10 -17.65 -0.25
C LEU F 37 -9.51 -18.24 1.10
N ARG F 38 -10.13 -17.45 1.96
CA ARG F 38 -10.57 -17.97 3.26
C ARG F 38 -11.76 -18.91 3.10
N HIS F 39 -12.76 -18.51 2.30
CA HIS F 39 -13.97 -19.29 2.16
C HIS F 39 -14.16 -19.69 0.70
N PRO F 40 -13.88 -20.93 0.33
CA PRO F 40 -14.16 -21.40 -1.02
C PRO F 40 -15.57 -21.96 -1.20
N GLY F 41 -16.34 -22.06 -0.12
CA GLY F 41 -17.66 -22.67 -0.21
C GLY F 41 -18.60 -21.90 -1.13
N PHE F 42 -18.50 -20.57 -1.13
CA PHE F 42 -19.37 -19.77 -1.97
C PHE F 42 -19.06 -19.97 -3.45
N THR F 43 -17.84 -20.39 -3.77
CA THR F 43 -17.44 -20.53 -5.16
C THR F 43 -18.25 -21.61 -5.86
N ILE F 44 -18.52 -22.72 -5.18
CA ILE F 44 -19.29 -23.80 -5.80
C ILE F 44 -20.69 -23.31 -6.14
N LEU F 45 -21.33 -22.63 -5.20
CA LEU F 45 -22.68 -22.12 -5.44
C LEU F 45 -22.68 -21.08 -6.56
N ALA F 46 -21.68 -20.20 -6.58
CA ALA F 46 -21.62 -19.20 -7.65
C ALA F 46 -21.44 -19.87 -9.01
N LEU F 47 -20.59 -20.89 -9.08
CA LEU F 47 -20.40 -21.61 -10.33
C LEU F 47 -21.71 -22.26 -10.77
N PHE F 48 -22.41 -22.91 -9.86
CA PHE F 48 -23.71 -23.49 -10.22
C PHE F 48 -24.69 -22.45 -10.71
N LEU F 49 -24.80 -21.33 -9.98
CA LEU F 49 -25.79 -20.32 -10.33
C LEU F 49 -25.50 -19.73 -11.70
N ALA F 50 -24.23 -19.43 -11.98
CA ALA F 50 -23.88 -18.93 -13.29
C ALA F 50 -24.10 -19.99 -14.36
N HIS F 51 -23.89 -21.26 -14.02
CA HIS F 51 -23.95 -22.31 -15.03
C HIS F 51 -25.38 -22.63 -15.45
N TYR F 52 -26.31 -22.70 -14.50
CA TYR F 52 -27.65 -23.12 -14.85
C TYR F 52 -28.55 -21.97 -15.28
N ILE F 53 -28.17 -20.72 -15.00
CA ILE F 53 -28.82 -19.57 -15.63
C ILE F 53 -28.44 -19.64 -17.10
N GLY F 54 -29.35 -19.21 -17.98
CA GLY F 54 -29.18 -19.32 -19.42
C GLY F 54 -27.76 -19.02 -19.86
N THR F 55 -27.12 -19.97 -20.52
CA THR F 55 -25.67 -20.01 -20.61
C THR F 55 -25.20 -19.66 -22.02
N SER F 56 -24.64 -18.46 -22.14
CA SER F 56 -23.70 -18.12 -23.21
C SER F 56 -22.46 -17.61 -22.49
N LEU F 57 -21.29 -18.14 -22.85
CA LEU F 57 -20.11 -17.96 -22.01
C LEU F 57 -19.87 -16.51 -21.62
N THR F 58 -20.30 -15.57 -22.45
CA THR F 58 -20.31 -14.17 -22.04
C THR F 58 -21.18 -13.99 -20.80
N GLN F 59 -22.43 -14.45 -20.87
CA GLN F 59 -23.35 -14.33 -19.75
C GLN F 59 -22.85 -15.10 -18.53
N LYS F 60 -22.39 -16.33 -18.74
CA LYS F 60 -21.91 -17.12 -17.62
C LYS F 60 -20.74 -16.43 -16.93
N VAL F 61 -19.79 -15.93 -17.71
CA VAL F 61 -18.62 -15.30 -17.11
C VAL F 61 -19.01 -14.03 -16.36
N VAL F 62 -19.85 -13.19 -16.96
CA VAL F 62 -20.19 -11.94 -16.28
C VAL F 62 -20.98 -12.22 -15.02
N ILE F 63 -21.92 -13.17 -15.07
CA ILE F 63 -22.69 -13.52 -13.88
C ILE F 63 -21.77 -14.07 -12.79
N PHE F 64 -20.85 -14.95 -13.16
CA PHE F 64 -19.97 -15.55 -12.18
C PHE F 64 -19.07 -14.50 -11.54
N ILE F 65 -18.47 -13.64 -12.35
CA ILE F 65 -17.57 -12.60 -11.81
C ILE F 65 -18.34 -11.66 -10.89
N LEU F 66 -19.49 -11.17 -11.34
CA LEU F 66 -20.28 -10.29 -10.50
C LEU F 66 -20.68 -10.97 -9.20
N LEU F 67 -21.25 -12.18 -9.30
CA LEU F 67 -21.77 -12.84 -8.11
C LEU F 67 -20.66 -13.17 -7.13
N MET F 68 -19.46 -13.49 -7.64
CA MET F 68 -18.33 -13.78 -6.76
C MET F 68 -17.74 -12.49 -6.21
N LEU F 69 -18.03 -11.36 -6.85
CA LEU F 69 -17.46 -10.10 -6.38
C LEU F 69 -18.38 -9.37 -5.39
N VAL F 70 -19.70 -9.56 -5.52
CA VAL F 70 -20.63 -8.71 -4.79
C VAL F 70 -20.73 -9.14 -3.34
N THR F 71 -20.92 -10.45 -3.10
CA THR F 71 -21.05 -10.94 -1.74
C THR F 71 -19.88 -10.54 -0.84
N PRO F 72 -18.62 -10.66 -1.25
CA PRO F 72 -17.55 -10.22 -0.36
C PRO F 72 -17.58 -8.74 -0.08
N SER F 73 -17.61 -7.91 -1.12
CA SER F 73 -17.59 -6.46 -0.94
C SER F 73 -18.79 -6.01 -0.13
N MET F 74 -19.97 -6.53 -0.45
CA MET F 74 -21.20 -6.19 0.26
C MET F 74 -21.67 -7.44 1.00
N THR F 75 -21.13 -7.63 2.19
CA THR F 75 -21.59 -8.69 3.07
C THR F 75 -22.82 -8.21 3.79
N GLN G 1 10.52 28.37 30.51
CA GLN G 1 9.87 27.25 31.19
C GLN G 1 8.37 27.29 30.89
N VAL G 2 7.64 26.25 31.31
CA VAL G 2 6.22 26.13 31.06
C VAL G 2 5.48 26.30 32.38
N GLN G 3 4.48 27.18 32.40
CA GLN G 3 3.75 27.48 33.61
C GLN G 3 2.40 28.07 33.25
N LEU G 4 1.54 28.21 34.26
CA LEU G 4 0.18 28.73 34.08
C LEU G 4 -0.05 29.84 35.10
N VAL G 5 -0.29 31.05 34.61
CA VAL G 5 -0.41 32.21 35.51
C VAL G 5 -1.71 32.14 36.31
N GLN G 6 -2.81 31.79 35.65
CA GLN G 6 -4.13 31.68 36.29
C GLN G 6 -4.61 33.00 36.88
N SER G 7 -4.08 34.11 36.36
CA SER G 7 -4.58 35.47 36.64
C SER G 7 -4.60 35.69 38.15
N GLY G 8 -5.68 36.23 38.71
CA GLY G 8 -5.77 36.49 40.13
C GLY G 8 -7.12 36.14 40.71
N ALA G 9 -7.16 35.80 41.99
CA ALA G 9 -8.40 35.34 42.62
C ALA G 9 -9.41 36.48 42.68
N GLU G 10 -10.68 36.15 42.42
CA GLU G 10 -11.76 37.11 42.52
C GLU G 10 -12.98 36.42 43.09
N VAL G 11 -13.79 37.19 43.82
CA VAL G 11 -14.97 36.68 44.51
C VAL G 11 -16.17 37.53 44.13
N LYS G 12 -17.33 36.89 43.97
CA LYS G 12 -18.53 37.55 43.47
C LYS G 12 -19.75 37.10 44.25
N LYS G 13 -20.93 37.45 43.72
CA LYS G 13 -22.25 37.22 44.29
C LYS G 13 -22.98 36.14 43.50
N PRO G 14 -23.95 35.47 44.13
CA PRO G 14 -24.69 34.41 43.41
C PRO G 14 -25.56 35.01 42.31
N GLY G 15 -25.80 34.20 41.28
CA GLY G 15 -26.66 34.58 40.18
C GLY G 15 -25.98 35.32 39.05
N ALA G 16 -24.65 35.43 39.06
CA ALA G 16 -23.89 36.10 38.03
C ALA G 16 -22.80 35.18 37.52
N PRO G 17 -22.37 35.35 36.27
CA PRO G 17 -21.29 34.50 35.75
C PRO G 17 -19.91 35.04 36.07
N VAL G 18 -19.01 34.18 36.49
CA VAL G 18 -17.63 34.56 36.78
C VAL G 18 -16.72 33.89 35.78
N LYS G 19 -15.57 34.51 35.52
CA LYS G 19 -14.61 33.99 34.55
C LYS G 19 -13.29 33.68 35.24
N VAL G 20 -12.65 32.60 34.80
CA VAL G 20 -11.33 32.22 35.28
C VAL G 20 -10.44 32.05 34.06
N SER G 21 -9.48 32.95 33.88
CA SER G 21 -8.56 32.84 32.77
C SER G 21 -7.35 32.01 33.17
N CYS G 22 -6.71 31.40 32.16
CA CYS G 22 -5.69 30.40 32.42
C CYS G 22 -4.78 30.29 31.21
N GLU G 23 -3.61 30.93 31.27
CA GLU G 23 -2.69 30.99 30.14
C GLU G 23 -1.47 30.14 30.44
N ALA G 24 -1.05 29.35 29.45
CA ALA G 24 0.13 28.50 29.57
C ALA G 24 0.99 28.71 28.33
N SER G 25 2.17 29.29 28.52
CA SER G 25 3.11 29.52 27.44
C SER G 25 4.34 28.65 27.62
N GLY G 26 5.34 28.81 26.76
CA GLY G 26 6.58 28.08 26.87
C GLY G 26 6.64 26.78 26.08
N TYR G 27 5.53 26.34 25.51
CA TYR G 27 5.52 25.11 24.72
C TYR G 27 4.37 25.18 23.74
N THR G 28 4.41 24.29 22.75
CA THR G 28 3.31 24.21 21.78
C THR G 28 2.04 23.78 22.51
N PHE G 29 1.08 24.71 22.58
CA PHE G 29 -0.10 24.49 23.41
C PHE G 29 -1.08 23.53 22.75
N THR G 30 -0.95 23.33 21.43
CA THR G 30 -1.98 22.63 20.66
C THR G 30 -2.13 21.18 21.12
N ASP G 31 -1.01 20.48 21.32
CA ASP G 31 -1.08 19.03 21.47
C ASP G 31 -1.58 18.61 22.84
N TYR G 32 -1.34 19.41 23.87
CA TYR G 32 -1.60 18.98 25.24
C TYR G 32 -2.95 19.47 25.75
N PHE G 33 -3.38 18.88 26.86
CA PHE G 33 -4.69 19.05 27.45
C PHE G 33 -4.69 20.12 28.53
N ILE G 34 -5.90 20.59 28.85
CA ILE G 34 -6.15 21.44 30.01
C ILE G 34 -7.35 20.85 30.75
N HIS G 35 -7.20 20.66 32.07
CA HIS G 35 -8.10 19.77 32.80
C HIS G 35 -9.06 20.46 33.75
N TRP G 36 -8.70 21.60 34.34
CA TRP G 36 -9.60 22.40 35.16
C TRP G 36 -10.16 21.60 36.34
N VAL G 37 -9.27 21.24 37.26
CA VAL G 37 -9.66 20.48 38.44
C VAL G 37 -10.03 21.44 39.57
N ARG G 38 -11.17 21.18 40.21
CA ARG G 38 -11.62 21.99 41.34
C ARG G 38 -11.14 21.39 42.65
N GLN G 39 -10.87 22.27 43.62
CA GLN G 39 -10.43 21.86 44.94
C GLN G 39 -11.12 22.70 46.00
N ALA G 40 -11.91 22.06 46.84
CA ALA G 40 -12.64 22.66 47.94
C ALA G 40 -11.77 22.71 49.20
N PRO G 41 -12.05 23.64 50.12
CA PRO G 41 -11.27 23.70 51.35
C PRO G 41 -11.56 22.50 52.25
N GLY G 42 -10.50 21.79 52.63
CA GLY G 42 -10.63 20.62 53.48
C GLY G 42 -11.41 19.50 52.83
N GLN G 43 -11.30 19.39 51.51
CA GLN G 43 -11.97 18.34 50.75
C GLN G 43 -11.07 17.90 49.62
N GLY G 44 -11.36 16.72 49.09
CA GLY G 44 -10.62 16.22 47.96
C GLY G 44 -10.94 16.97 46.68
N LEU G 45 -9.99 16.95 45.76
CA LEU G 45 -10.12 17.64 44.48
C LEU G 45 -10.62 16.66 43.43
N GLU G 46 -11.58 17.12 42.62
CA GLU G 46 -12.19 16.29 41.58
C GLU G 46 -12.04 16.99 40.25
N TRP G 47 -11.79 16.22 39.19
CA TRP G 47 -11.60 16.78 37.87
C TRP G 47 -12.93 16.85 37.13
N MET G 48 -13.06 17.82 36.23
CA MET G 48 -14.35 18.08 35.59
C MET G 48 -14.24 17.80 34.10
N GLY G 49 -13.37 18.51 33.34
CA GLY G 49 -13.40 18.37 31.90
C GLY G 49 -12.14 18.84 31.20
N TRP G 50 -11.86 18.21 30.05
CA TRP G 50 -10.74 18.58 29.20
C TRP G 50 -11.13 19.75 28.33
N ILE G 51 -10.13 20.33 27.66
CA ILE G 51 -10.33 21.16 26.48
C ILE G 51 -9.11 20.99 25.58
N ASN G 52 -9.32 20.46 24.37
CA ASN G 52 -8.25 20.40 23.40
C ASN G 52 -8.19 21.74 22.71
N PRO G 53 -7.09 22.49 22.83
CA PRO G 53 -7.05 23.83 22.22
C PRO G 53 -7.22 23.80 20.72
N ILE G 54 -6.71 22.78 20.04
CA ILE G 54 -6.68 22.79 18.58
C ILE G 54 -8.07 22.54 18.01
N SER G 55 -8.77 21.51 18.51
CA SER G 55 -10.08 21.18 17.97
C SER G 55 -11.07 20.70 19.03
N GLY G 56 -10.73 20.80 20.31
CA GLY G 56 -11.49 20.11 21.32
C GLY G 56 -12.73 20.80 21.84
N GLY G 57 -13.72 19.99 22.22
CA GLY G 57 -14.91 20.49 22.86
C GLY G 57 -14.96 20.08 24.31
N THR G 58 -15.99 20.55 25.00
CA THR G 58 -16.12 20.28 26.43
C THR G 58 -16.59 18.86 26.68
N ASN G 59 -15.97 18.21 27.67
CA ASN G 59 -16.23 16.81 28.00
C ASN G 59 -16.37 16.69 29.51
N TYR G 60 -17.20 17.55 30.10
CA TYR G 60 -17.28 17.72 31.54
C TYR G 60 -17.51 16.40 32.27
N HIS G 61 -17.18 16.42 33.55
CA HIS G 61 -17.61 15.37 34.46
C HIS G 61 -19.15 15.31 34.45
N PRO G 62 -19.74 14.13 34.57
CA PRO G 62 -21.21 14.03 34.54
C PRO G 62 -21.90 14.95 35.53
N ARG G 63 -21.24 15.31 36.63
CA ARG G 63 -21.85 16.21 37.60
C ARG G 63 -21.98 17.62 37.07
N PHE G 64 -21.24 17.99 36.03
CA PHE G 64 -21.05 19.38 35.71
C PHE G 64 -21.36 19.77 34.27
N HIS G 65 -21.98 18.89 33.49
CA HIS G 65 -22.42 19.31 32.16
C HIS G 65 -23.64 20.21 32.29
N GLY G 66 -23.60 21.36 31.62
CA GLY G 66 -24.62 22.37 31.77
C GLY G 66 -24.41 23.25 32.98
N GLY G 67 -23.37 22.96 33.77
CA GLY G 67 -23.07 23.81 34.90
C GLY G 67 -21.90 24.74 34.63
N VAL G 68 -20.99 24.32 33.77
CA VAL G 68 -19.81 25.12 33.42
C VAL G 68 -19.64 25.09 31.91
N THR G 69 -18.83 26.03 31.41
CA THR G 69 -18.48 26.09 30.01
C THR G 69 -16.98 26.34 29.89
N MET G 70 -16.38 25.85 28.80
CA MET G 70 -14.96 25.99 28.56
C MET G 70 -14.73 26.49 27.13
N THR G 71 -13.89 27.52 27.00
CA THR G 71 -13.48 28.04 25.70
C THR G 71 -11.97 28.21 25.68
N ARG G 72 -11.43 28.52 24.51
CA ARG G 72 -9.99 28.65 24.36
C ARG G 72 -9.69 29.47 23.12
N ASP G 73 -8.44 29.93 23.03
CA ASP G 73 -7.93 30.58 21.83
C ASP G 73 -6.55 30.01 21.53
N THR G 74 -6.26 29.79 20.24
CA THR G 74 -4.98 29.23 19.85
C THR G 74 -3.91 30.30 19.68
N SER G 75 -4.29 31.52 19.26
CA SER G 75 -3.29 32.55 19.00
C SER G 75 -2.55 32.95 20.27
N MET G 76 -3.27 33.11 21.37
CA MET G 76 -2.67 33.55 22.62
C MET G 76 -2.35 32.40 23.57
N LYS G 77 -2.69 31.16 23.20
CA LYS G 77 -2.37 29.98 24.00
C LYS G 77 -2.96 30.08 25.41
N VAL G 78 -4.27 30.39 25.49
CA VAL G 78 -4.95 30.54 26.76
C VAL G 78 -6.27 29.77 26.71
N ALA G 79 -6.63 29.16 27.83
CA ALA G 79 -7.88 28.41 27.96
C ALA G 79 -8.77 29.12 28.96
N TYR G 80 -10.04 29.34 28.57
CA TYR G 80 -11.00 30.07 29.39
C TYR G 80 -12.07 29.13 29.92
N MET G 81 -12.35 29.25 31.21
CA MET G 81 -13.47 28.57 31.85
C MET G 81 -14.28 29.61 32.61
N GLU G 82 -15.60 29.56 32.46
CA GLU G 82 -16.49 30.45 33.18
C GLU G 82 -17.64 29.67 33.80
N LEU G 83 -18.18 30.22 34.88
CA LEU G 83 -19.25 29.59 35.66
C LEU G 83 -20.56 30.24 35.29
N LYS G 84 -21.41 29.52 34.55
CA LYS G 84 -22.65 30.11 34.05
C LYS G 84 -23.64 30.37 35.17
N ARG G 85 -23.48 29.69 36.31
CA ARG G 85 -24.42 29.84 37.42
C ARG G 85 -23.68 29.58 38.73
N LEU G 86 -23.69 30.56 39.64
CA LEU G 86 -23.05 30.43 40.94
C LEU G 86 -24.12 30.18 42.00
N THR G 87 -24.14 28.97 42.54
CA THR G 87 -24.94 28.66 43.71
C THR G 87 -24.11 28.89 44.95
N SER G 88 -24.60 28.41 46.09
CA SER G 88 -23.81 28.51 47.32
C SER G 88 -22.80 27.37 47.40
N ASP G 89 -22.95 26.35 46.57
CA ASP G 89 -22.11 25.16 46.68
C ASP G 89 -20.68 25.44 46.25
N ASP G 90 -20.49 26.07 45.09
CA ASP G 90 -19.17 26.26 44.52
C ASP G 90 -18.43 27.35 45.28
N THR G 91 -17.78 26.98 46.37
CA THR G 91 -16.94 27.88 47.16
C THR G 91 -15.58 27.19 47.29
N ALA G 92 -14.73 27.39 46.30
CA ALA G 92 -13.49 26.63 46.21
C ALA G 92 -12.53 27.35 45.26
N VAL G 93 -11.31 26.83 45.19
CA VAL G 93 -10.28 27.34 44.29
C VAL G 93 -10.20 26.39 43.10
N TYR G 94 -10.26 26.96 41.89
CA TYR G 94 -10.24 26.18 40.66
C TYR G 94 -8.86 26.22 40.03
N PHE G 95 -8.43 25.08 39.52
CA PHE G 95 -7.06 24.90 39.07
C PHE G 95 -7.00 24.74 37.55
N CYS G 96 -5.76 24.63 37.06
CA CYS G 96 -5.45 24.23 35.70
C CYS G 96 -4.35 23.19 35.75
N ALA G 97 -4.31 22.32 34.75
CA ALA G 97 -3.25 21.34 34.66
C ALA G 97 -3.09 20.87 33.23
N ARG G 98 -1.84 20.56 32.86
CA ARG G 98 -1.51 20.07 31.54
C ARG G 98 -1.68 18.56 31.51
N GLY G 99 -2.41 18.07 30.51
CA GLY G 99 -2.66 16.65 30.37
C GLY G 99 -2.21 16.15 29.02
N ARG G 100 -1.86 14.87 28.97
CA ARG G 100 -1.51 14.22 27.72
C ARG G 100 -2.74 13.60 27.08
N ASP G 101 -2.63 13.30 25.80
CA ASP G 101 -3.70 12.65 25.05
C ASP G 101 -3.56 11.12 25.04
N PHE G 102 -2.58 10.58 25.75
CA PHE G 102 -2.40 9.14 25.85
C PHE G 102 -3.51 8.52 26.67
N ARG G 103 -3.91 7.30 26.30
CA ARG G 103 -4.97 6.62 27.03
C ARG G 103 -4.57 6.42 28.49
N GLY G 104 -3.31 6.03 28.72
CA GLY G 104 -2.80 5.99 30.08
C GLY G 104 -2.48 7.36 30.64
N GLY G 105 -2.44 8.38 29.80
CA GLY G 105 -2.12 9.73 30.21
C GLY G 105 -3.28 10.70 30.33
N TYR G 106 -4.52 10.21 30.32
CA TYR G 106 -5.66 11.11 30.52
C TYR G 106 -5.62 11.72 31.92
N SER G 107 -5.06 11.02 32.89
CA SER G 107 -4.90 11.53 34.24
C SER G 107 -3.53 12.16 34.47
N GLN G 108 -2.71 12.25 33.43
CA GLN G 108 -1.34 12.78 33.54
C GLN G 108 -1.38 14.29 33.66
N LEU G 109 -1.49 14.77 34.90
CA LEU G 109 -1.52 16.20 35.18
C LEU G 109 -0.15 16.60 35.74
N ASP G 110 0.79 16.84 34.82
CA ASP G 110 2.18 17.03 35.20
C ASP G 110 2.40 18.42 35.81
N TYR G 111 1.83 19.45 35.22
CA TYR G 111 2.09 20.83 35.61
C TYR G 111 0.81 21.51 36.07
N TRP G 112 0.93 22.32 37.12
CA TRP G 112 -0.19 23.03 37.72
C TRP G 112 0.17 24.49 37.92
N GLY G 113 -0.87 25.33 37.99
CA GLY G 113 -0.69 26.75 38.24
C GLY G 113 -0.82 27.10 39.71
N GLN G 114 -1.04 28.39 39.97
CA GLN G 114 -1.18 28.85 41.34
C GLN G 114 -2.55 28.47 41.91
N GLY G 115 -3.62 28.62 41.11
CA GLY G 115 -4.96 28.32 41.56
C GLY G 115 -5.81 29.55 41.81
N THR G 116 -6.66 29.90 40.85
CA THR G 116 -7.55 31.03 41.03
C THR G 116 -8.67 30.67 41.99
N LEU G 117 -8.87 31.49 43.01
CA LEU G 117 -9.83 31.24 44.07
C LEU G 117 -11.06 32.11 43.89
N VAL G 118 -12.23 31.51 44.06
CA VAL G 118 -13.51 32.22 44.01
C VAL G 118 -14.40 31.69 45.11
N THR G 119 -15.03 32.59 45.87
CA THR G 119 -16.05 32.24 46.84
C THR G 119 -17.25 33.14 46.65
N VAL G 120 -18.40 32.68 47.11
CA VAL G 120 -19.67 33.36 46.88
C VAL G 120 -20.33 33.62 48.22
N SER G 121 -20.87 34.84 48.38
CA SER G 121 -21.54 35.24 49.62
C SER G 121 -22.34 36.50 49.34
N SER G 122 -23.14 36.90 50.32
CA SER G 122 -23.92 38.13 50.22
C SER G 122 -23.12 39.32 50.73
N SER H 2 -18.06 2.15 38.96
CA SER H 2 -17.54 2.16 40.32
C SER H 2 -16.86 3.49 40.65
N VAL H 3 -16.30 3.58 41.84
CA VAL H 3 -15.59 4.78 42.29
C VAL H 3 -14.53 4.34 43.28
N LEU H 4 -13.42 5.07 43.32
CA LEU H 4 -12.27 4.70 44.13
C LEU H 4 -12.35 5.41 45.48
N THR H 5 -11.95 4.72 46.54
CA THR H 5 -11.92 5.25 47.89
C THR H 5 -10.63 4.80 48.57
N GLN H 6 -9.84 5.75 49.06
CA GLN H 6 -8.63 5.44 49.78
C GLN H 6 -8.71 5.96 51.21
N PRO H 7 -8.09 5.26 52.15
CA PRO H 7 -8.28 5.60 53.57
C PRO H 7 -7.22 6.59 54.05
N PRO H 8 -7.59 7.47 54.98
CA PRO H 8 -6.58 8.30 55.65
C PRO H 8 -5.93 7.55 56.80
N SER H 9 -4.64 7.79 57.05
CA SER H 9 -3.91 7.02 58.05
C SER H 9 -2.78 7.88 58.61
N ALA H 10 -2.21 7.41 59.71
CA ALA H 10 -1.13 8.10 60.40
C ALA H 10 0.15 7.28 60.36
N SER H 11 1.28 7.96 60.57
CA SER H 11 2.58 7.30 60.55
C SER H 11 3.53 8.09 61.45
N GLY H 12 4.79 7.65 61.49
CA GLY H 12 5.78 8.28 62.35
C GLY H 12 7.04 8.61 61.58
N THR H 13 7.81 9.54 62.13
CA THR H 13 9.03 9.99 61.45
C THR H 13 10.14 8.94 61.35
N PRO H 14 10.23 7.92 62.19
CA PRO H 14 11.19 6.84 61.88
C PRO H 14 10.81 6.16 60.57
N GLY H 15 11.84 5.79 59.81
CA GLY H 15 11.62 5.18 58.52
C GLY H 15 10.84 3.88 58.64
N GLN H 16 9.76 3.76 57.88
CA GLN H 16 8.95 2.56 57.89
C GLN H 16 8.11 2.51 56.62
N ARG H 17 7.88 1.30 56.13
CA ARG H 17 7.02 1.12 54.96
C ARG H 17 5.56 1.21 55.36
N VAL H 18 4.89 2.26 54.87
CA VAL H 18 3.45 2.40 55.02
C VAL H 18 2.84 2.42 53.62
N THR H 19 1.75 1.68 53.45
CA THR H 19 1.17 1.44 52.14
C THR H 19 -0.11 2.24 51.99
N ILE H 20 -0.11 3.19 51.06
CA ILE H 20 -1.31 3.93 50.68
C ILE H 20 -2.00 3.13 49.57
N SER H 21 -2.99 2.33 49.95
CA SER H 21 -3.67 1.45 49.03
C SER H 21 -4.82 2.18 48.36
N CYS H 22 -4.93 2.02 47.05
CA CYS H 22 -6.01 2.61 46.25
C CYS H 22 -6.85 1.47 45.70
N SER H 23 -8.16 1.51 45.96
CA SER H 23 -9.08 0.46 45.56
C SER H 23 -10.06 1.01 44.54
N GLY H 24 -10.30 0.25 43.48
CA GLY H 24 -11.17 0.67 42.40
C GLY H 24 -12.10 -0.43 41.96
N GLY H 25 -12.27 -0.54 40.64
CA GLY H 25 -13.16 -1.54 40.06
C GLY H 25 -12.59 -2.21 38.83
N SER H 26 -13.45 -2.86 38.05
CA SER H 26 -13.02 -3.61 36.87
C SER H 26 -12.97 -2.76 35.61
N SER H 27 -13.32 -1.49 35.68
CA SER H 27 -13.35 -0.63 34.51
C SER H 27 -12.52 0.63 34.64
N ASN H 28 -12.10 1.00 35.83
CA ASN H 28 -11.43 2.28 36.05
C ASN H 28 -9.93 2.17 36.28
N ILE H 29 -9.49 1.21 37.10
CA ILE H 29 -8.09 1.13 37.48
C ILE H 29 -7.48 -0.24 37.21
N ALA H 30 -8.30 -1.28 37.02
CA ALA H 30 -7.77 -2.61 36.80
C ALA H 30 -7.11 -2.77 35.44
N ILE H 31 -7.28 -1.80 34.53
CA ILE H 31 -6.78 -1.94 33.18
C ILE H 31 -5.90 -0.76 32.78
N ASN H 32 -6.00 0.34 33.52
CA ASN H 32 -5.37 1.59 33.14
C ASN H 32 -4.23 1.94 34.09
N THR H 33 -3.43 2.90 33.67
CA THR H 33 -2.33 3.37 34.50
C THR H 33 -2.85 4.27 35.62
N VAL H 34 -2.48 3.95 36.85
CA VAL H 34 -2.84 4.76 38.01
C VAL H 34 -1.84 5.92 38.12
N ASN H 35 -2.28 7.02 38.71
CA ASN H 35 -1.45 8.18 38.89
C ASN H 35 -1.49 8.62 40.35
N TRP H 36 -0.31 8.83 40.94
CA TRP H 36 -0.18 9.13 42.36
C TRP H 36 0.23 10.58 42.54
N TYR H 37 -0.51 11.32 43.38
CA TYR H 37 -0.24 12.72 43.66
C TYR H 37 -0.06 12.90 45.16
N GLN H 38 0.88 13.75 45.55
CA GLN H 38 0.98 14.25 46.93
C GLN H 38 0.94 15.77 46.88
N GLN H 39 0.17 16.37 47.79
CA GLN H 39 0.00 17.82 47.81
C GLN H 39 0.52 18.36 49.14
N VAL H 40 1.39 19.36 49.07
CA VAL H 40 1.63 20.17 50.27
C VAL H 40 0.41 21.05 50.50
N PRO H 41 -0.19 21.03 51.69
CA PRO H 41 -1.51 21.64 51.86
C PRO H 41 -1.51 23.13 51.60
N GLY H 42 -2.61 23.60 50.99
CA GLY H 42 -2.80 25.01 50.74
C GLY H 42 -2.26 25.52 49.43
N THR H 43 -1.49 24.72 48.69
CA THR H 43 -0.92 25.15 47.42
C THR H 43 -1.24 24.12 46.35
N ALA H 44 -0.61 24.29 45.20
CA ALA H 44 -0.86 23.43 44.06
C ALA H 44 -0.24 22.05 44.27
N PRO H 45 -1.02 20.98 44.21
CA PRO H 45 -0.43 19.63 44.28
C PRO H 45 0.54 19.39 43.14
N LYS H 46 1.62 18.68 43.43
CA LYS H 46 2.52 18.22 42.39
C LYS H 46 2.23 16.76 42.06
N LEU H 47 2.81 16.30 40.96
CA LEU H 47 2.65 14.93 40.51
C LEU H 47 3.76 14.08 41.10
N LEU H 48 3.40 12.95 41.69
CA LEU H 48 4.37 12.06 42.31
C LEU H 48 4.78 10.90 41.42
N MET H 49 3.84 10.36 40.63
CA MET H 49 4.12 9.20 39.78
C MET H 49 3.43 9.43 38.43
N TYR H 50 4.22 9.68 37.39
CA TYR H 50 3.65 9.97 36.07
C TYR H 50 3.41 8.72 35.24
N SER H 51 3.52 7.55 35.84
CA SER H 51 3.09 6.31 35.21
C SER H 51 2.67 5.35 36.31
N ASN H 52 2.52 4.08 35.95
CA ASN H 52 2.10 3.09 36.93
C ASN H 52 3.12 2.94 38.05
N ASN H 53 4.40 2.83 37.70
CA ASN H 53 5.47 2.71 38.68
C ASN H 53 6.68 3.53 38.26
N GLN H 54 6.45 4.70 37.67
CA GLN H 54 7.54 5.55 37.18
C GLN H 54 7.37 6.94 37.74
N ARG H 55 8.43 7.46 38.37
CA ARG H 55 8.41 8.75 39.02
C ARG H 55 9.23 9.76 38.22
N PRO H 56 8.66 10.91 37.87
CA PRO H 56 9.40 11.88 37.05
C PRO H 56 10.60 12.48 37.75
N SER H 57 10.36 13.15 38.88
CA SER H 57 11.42 13.77 39.65
C SER H 57 11.17 13.72 41.15
N GLY H 58 10.19 12.96 41.61
CA GLY H 58 9.93 12.85 43.03
C GLY H 58 11.09 12.22 43.77
N VAL H 59 11.03 12.30 45.10
CA VAL H 59 12.09 11.80 45.96
C VAL H 59 12.43 10.36 45.58
N PRO H 60 13.61 10.13 45.01
CA PRO H 60 13.89 8.82 44.40
C PRO H 60 14.25 7.77 45.43
N ASP H 61 14.14 6.51 44.99
CA ASP H 61 14.63 5.34 45.71
C ASP H 61 13.84 5.06 46.98
N ARG H 62 12.85 5.90 47.30
CA ARG H 62 12.08 5.67 48.52
C ARG H 62 10.59 5.78 48.26
N PHE H 63 10.20 6.32 47.11
CA PHE H 63 8.80 6.38 46.70
C PHE H 63 8.62 5.46 45.50
N SER H 64 8.08 4.27 45.74
CA SER H 64 7.88 3.30 44.67
C SER H 64 6.67 2.44 45.01
N GLY H 65 5.85 2.16 43.99
CA GLY H 65 4.68 1.32 44.18
C GLY H 65 4.14 0.90 42.84
N SER H 66 3.22 -0.07 42.88
CA SER H 66 2.61 -0.61 41.68
C SER H 66 1.15 -0.91 41.99
N LYS H 67 0.51 -1.66 41.09
CA LYS H 67 -0.88 -2.04 41.26
C LYS H 67 -1.06 -3.53 41.02
N SER H 68 -2.05 -4.11 41.70
CA SER H 68 -2.36 -5.53 41.60
C SER H 68 -3.85 -5.68 41.38
N GLY H 69 -4.23 -6.16 40.20
CA GLY H 69 -5.63 -6.39 39.88
C GLY H 69 -6.49 -5.16 40.02
N THR H 70 -7.36 -5.15 41.03
CA THR H 70 -8.28 -4.04 41.27
C THR H 70 -7.69 -3.02 42.25
N SER H 71 -6.51 -3.31 42.80
CA SER H 71 -5.92 -2.45 43.82
C SER H 71 -4.61 -1.87 43.33
N ALA H 72 -4.39 -0.60 43.62
CA ALA H 72 -3.11 0.06 43.41
C ALA H 72 -2.59 0.55 44.75
N SER H 73 -1.27 0.56 44.90
CA SER H 73 -0.66 0.88 46.18
C SER H 73 0.61 1.70 45.97
N LEU H 74 0.96 2.46 47.00
CA LEU H 74 2.20 3.22 47.03
C LEU H 74 2.95 2.94 48.33
N ALA H 75 4.27 2.86 48.23
CA ALA H 75 5.12 2.58 49.37
C ALA H 75 6.15 3.69 49.53
N ILE H 76 6.32 4.16 50.76
CA ILE H 76 7.26 5.24 51.07
C ILE H 76 8.22 4.71 52.13
N SER H 77 9.50 5.04 52.01
CA SER H 77 10.52 4.60 52.94
C SER H 77 11.34 5.80 53.41
N GLY H 78 11.78 5.77 54.66
CA GLY H 78 12.50 6.89 55.22
C GLY H 78 11.69 8.17 55.28
N LEU H 79 10.45 8.09 55.76
CA LEU H 79 9.53 9.22 55.75
C LEU H 79 9.87 10.14 56.91
N GLN H 80 10.23 11.39 56.59
CA GLN H 80 10.47 12.39 57.62
C GLN H 80 9.31 13.38 57.67
N SER H 81 9.50 14.44 58.47
CA SER H 81 8.42 15.38 58.74
C SER H 81 8.08 16.21 57.51
N GLU H 82 9.07 16.53 56.68
CA GLU H 82 8.85 17.40 55.53
C GLU H 82 7.92 16.74 54.51
N ASP H 83 7.71 15.44 54.65
CA ASP H 83 6.81 14.71 53.77
C ASP H 83 5.35 14.80 54.20
N GLU H 84 5.03 15.67 55.17
CA GLU H 84 3.64 15.90 55.54
C GLU H 84 2.87 16.40 54.32
N ALA H 85 1.96 15.57 53.83
CA ALA H 85 1.23 15.89 52.62
C ALA H 85 -0.01 15.01 52.54
N ASP H 86 -0.97 15.44 51.73
CA ASP H 86 -2.10 14.61 51.39
C ASP H 86 -1.83 13.89 50.08
N TYR H 87 -2.01 12.58 50.08
CA TYR H 87 -1.67 11.74 48.94
C TYR H 87 -2.92 11.35 48.18
N TYR H 88 -2.90 11.52 46.86
CA TYR H 88 -4.05 11.29 46.01
C TYR H 88 -3.69 10.24 44.97
N CYS H 89 -4.60 9.28 44.76
CA CYS H 89 -4.52 8.35 43.65
C CYS H 89 -5.64 8.68 42.68
N ALA H 90 -5.29 8.88 41.40
CA ALA H 90 -6.26 9.20 40.38
C ALA H 90 -6.09 8.26 39.20
N THR H 91 -7.20 7.67 38.77
CA THR H 91 -7.19 6.74 37.64
C THR H 91 -8.23 7.21 36.61
N TRP H 92 -7.96 6.88 35.36
CA TRP H 92 -8.86 7.25 34.27
C TRP H 92 -9.95 6.21 34.17
N ASP H 93 -11.20 6.63 34.38
CA ASP H 93 -12.32 5.75 34.11
C ASP H 93 -12.66 5.79 32.63
N ASP H 94 -12.72 4.61 32.02
CA ASP H 94 -12.96 4.52 30.58
C ASP H 94 -14.43 4.28 30.25
N SER H 95 -15.20 3.73 31.19
CA SER H 95 -16.63 3.58 30.98
C SER H 95 -17.33 4.94 31.00
N LEU H 96 -17.04 5.75 32.00
CA LEU H 96 -17.68 7.06 32.13
C LEU H 96 -16.92 8.16 31.40
N LYS H 97 -15.80 7.83 30.75
CA LYS H 97 -15.02 8.76 29.95
C LYS H 97 -14.61 9.98 30.77
N ASP H 98 -14.03 9.71 31.94
CA ASP H 98 -13.61 10.77 32.85
C ASP H 98 -12.59 10.18 33.82
N VAL H 99 -11.69 11.03 34.32
CA VAL H 99 -10.71 10.54 35.28
C VAL H 99 -11.38 10.49 36.64
N LEU H 100 -10.95 9.56 37.49
CA LEU H 100 -11.61 9.30 38.77
C LEU H 100 -10.62 9.62 39.88
N PHE H 101 -10.74 10.83 40.45
CA PHE H 101 -9.88 11.24 41.54
C PHE H 101 -10.46 10.72 42.86
N GLY H 102 -9.58 10.44 43.82
CA GLY H 102 -9.97 9.88 45.10
C GLY H 102 -10.28 10.97 46.12
N GLY H 103 -10.87 10.53 47.24
CA GLY H 103 -11.21 11.46 48.30
C GLY H 103 -9.98 12.09 48.95
N GLY H 104 -8.98 11.29 49.25
CA GLY H 104 -7.75 11.83 49.80
C GLY H 104 -7.33 11.15 51.09
N THR H 105 -6.03 11.12 51.32
CA THR H 105 -5.43 10.56 52.54
C THR H 105 -4.79 11.67 53.33
N LYS H 106 -5.09 11.74 54.63
CA LYS H 106 -4.42 12.67 55.53
C LYS H 106 -3.25 11.93 56.17
N LEU H 107 -2.17 11.81 55.39
CA LEU H 107 -0.96 11.13 55.86
C LEU H 107 -0.21 12.08 56.79
N THR H 108 -0.32 11.84 58.10
CA THR H 108 0.40 12.60 59.10
C THR H 108 1.58 11.77 59.59
N VAL H 109 2.75 12.38 59.62
CA VAL H 109 3.98 11.69 60.04
C VAL H 109 4.48 12.33 61.33
N LEU H 110 4.72 11.50 62.34
CA LEU H 110 5.15 11.99 63.64
C LEU H 110 6.62 12.37 63.63
C1 NAG I . 25.57 -13.53 19.07
C2 NAG I . 25.14 -12.70 20.26
C3 NAG I . 26.35 -12.28 21.07
C4 NAG I . 27.22 -13.47 21.41
C5 NAG I . 27.51 -14.32 20.17
C6 NAG I . 28.19 -15.63 20.49
C7 NAG I . 24.82 -10.57 19.05
C8 NAG I . 23.85 -9.46 18.74
N2 NAG I . 24.36 -11.54 19.84
O3 NAG I . 25.90 -11.63 22.25
O4 NAG I . 28.49 -13.03 21.91
O5 NAG I . 26.28 -14.66 19.52
O6 NAG I . 27.98 -16.58 19.47
O7 NAG I . 25.96 -10.58 18.59
C1 NAG I . 28.47 -12.93 23.34
C2 NAG I . 29.90 -13.08 23.83
C3 NAG I . 29.98 -12.90 25.34
C4 NAG I . 29.32 -11.58 25.75
C5 NAG I . 27.91 -11.49 25.17
C6 NAG I . 27.26 -10.15 25.41
C7 NAG I . 31.35 -14.52 22.46
C8 NAG I . 31.78 -13.27 21.76
N2 NAG I . 30.46 -14.37 23.44
O3 NAG I . 31.33 -12.92 25.76
O4 NAG I . 29.26 -11.49 27.16
O5 NAG I . 27.95 -11.67 23.75
O6 NAG I . 27.70 -9.18 24.46
O7 NAG I . 31.79 -15.62 22.15
C1 BMA I . 30.11 -10.43 27.63
C2 BMA I . 29.20 -9.38 28.34
C3 BMA I . 30.00 -8.45 29.24
C4 BMA I . 31.01 -9.23 30.08
C5 BMA I . 31.94 -9.99 29.14
C6 BMA I . 33.06 -10.70 29.86
O2 BMA I . 28.24 -10.03 29.16
O3 BMA I . 29.14 -7.71 30.10
O4 BMA I . 31.78 -8.36 30.89
O5 BMA I . 31.13 -10.96 28.48
O6 BMA I . 33.51 -9.87 30.91
C1 NAG J . 60.69 1.61 -31.06
C2 NAG J . 61.79 0.56 -30.91
C3 NAG J . 62.68 0.90 -29.72
C4 NAG J . 63.22 2.32 -29.88
C5 NAG J . 62.08 3.30 -30.08
C6 NAG J . 62.55 4.71 -30.38
C7 NAG J . 61.83 -1.89 -31.15
C8 NAG J . 61.11 -3.17 -30.91
N2 NAG J . 61.21 -0.78 -30.75
O3 NAG J . 63.75 -0.03 -29.66
O4 NAG J . 63.99 2.68 -28.74
O5 NAG J . 61.28 2.90 -31.21
O6 NAG J . 63.40 4.74 -31.52
O7 NAG J . 62.94 -1.86 -31.69
C1 NAG J . 65.35 2.93 -29.17
C2 NAG J . 65.96 3.95 -28.23
C3 NAG J . 67.41 4.23 -28.63
C4 NAG J . 68.19 2.92 -28.72
C5 NAG J . 67.46 1.93 -29.63
C6 NAG J . 68.12 0.57 -29.67
C7 NAG J . 64.43 5.57 -27.21
C8 NAG J . 64.39 4.66 -26.03
N2 NAG J . 65.19 5.19 -28.24
O3 NAG J . 68.00 5.09 -27.68
O4 NAG J . 69.49 3.17 -29.24
O5 NAG J . 66.13 1.73 -29.15
O6 NAG J . 69.30 0.59 -30.47
O7 NAG J . 63.77 6.62 -27.24
C1 NAG K . 14.47 10.90 17.85
C2 NAG K . 15.85 11.13 18.49
C3 NAG K . 16.00 12.56 19.03
C4 NAG K . 14.89 12.92 20.02
C5 NAG K . 13.68 12.03 19.81
C6 NAG K . 12.39 12.65 20.31
C7 NAG K . 16.90 9.08 19.35
C8 NAG K . 17.50 8.93 17.98
N2 NAG K . 16.12 10.15 19.53
O3 NAG K . 15.99 13.47 17.94
O4 NAG K . 15.35 12.84 21.36
O5 NAG K . 13.52 11.82 18.41
O6 NAG K . 12.58 13.29 21.56
O7 NAG K . 17.11 8.26 20.24
C1 NAG K . 15.71 14.19 21.75
C2 NAG K . 15.67 14.30 23.28
C3 NAG K . 16.06 15.71 23.70
C4 NAG K . 17.42 16.09 23.10
C5 NAG K . 17.40 15.88 21.59
C6 NAG K . 18.76 16.11 20.96
C7 NAG K . 14.06 12.80 24.39
C8 NAG K . 12.66 12.63 24.86
N2 NAG K . 14.35 13.97 23.79
O3 NAG K . 16.12 15.78 25.12
O4 NAG K . 17.71 17.45 23.39
O5 NAG K . 17.03 14.53 21.28
O6 NAG K . 19.81 15.74 21.84
O7 NAG K . 14.91 11.93 24.53
C1 NAG L . -35.81 -14.87 46.26
C2 NAG L . -36.88 -13.96 46.87
C3 NAG L . -36.31 -13.14 48.02
C4 NAG L . -35.65 -14.07 49.05
C5 NAG L . -34.62 -14.94 48.33
C6 NAG L . -33.96 -15.96 49.25
C7 NAG L . -36.78 -12.22 45.12
C8 NAG L . -37.58 -11.42 44.13
N2 NAG L . -37.47 -13.08 45.87
O3 NAG L . -37.35 -12.40 48.64
O4 NAG L . -35.03 -13.33 50.08
O5 NAG L . -35.26 -15.69 47.29
O6 NAG L . -34.83 -16.35 50.31
O7 NAG L . -35.57 -12.08 45.22
C1 NAG L . -35.88 -13.46 51.26
C2 NAG L . -35.00 -13.79 52.46
C3 NAG L . -35.86 -13.95 53.70
C4 NAG L . -36.72 -12.69 53.91
C5 NAG L . -37.48 -12.35 52.63
C6 NAG L . -38.22 -11.03 52.73
C7 NAG L . -32.92 -15.10 52.48
C8 NAG L . -32.27 -13.87 53.04
N2 NAG L . -34.23 -15.01 52.23
O3 NAG L . -35.01 -14.19 54.82
O4 NAG L . -37.68 -12.92 54.94
O5 NAG L . -36.59 -12.24 51.52
O6 NAG L . -38.00 -10.24 51.58
O7 NAG L . -32.28 -16.13 52.28
C1 BMA L . -37.15 -12.71 56.27
C2 BMA L . -36.48 -11.32 56.37
C3 BMA L . -35.95 -11.12 57.78
C4 BMA L . -37.04 -11.41 58.84
C5 BMA L . -37.68 -12.79 58.59
C6 BMA L . -38.84 -13.08 59.53
O2 BMA L . -37.43 -10.29 56.14
O3 BMA L . -35.43 -9.81 57.96
O4 BMA L . -36.47 -11.38 60.14
O5 BMA L . -38.18 -12.82 57.24
O6 BMA L . -39.97 -12.38 59.07
C1 NAG M . -25.42 12.79 36.17
C2 NAG M . -26.34 13.81 36.86
C3 NAG M . -25.58 14.54 37.96
C4 NAG M . -24.93 13.55 38.91
C5 NAG M . -24.06 12.59 38.12
C6 NAG M . -23.44 11.50 38.97
C7 NAG M . -28.18 14.83 35.58
C8 NAG M . -29.08 13.87 36.30
N2 NAG M . -26.88 14.75 35.89
O3 NAG M . -26.49 15.38 38.66
O4 NAG M . -24.08 14.24 39.84
O5 NAG M . -24.86 11.92 37.14
O6 NAG M . -22.96 10.43 38.18
O7 NAG M . -28.60 15.64 34.77
C1 NAG M . -24.76 14.57 41.06
C2 NAG M . -23.95 14.05 42.25
C3 NAG M . -24.60 14.47 43.55
C4 NAG M . -24.77 15.98 43.59
C5 NAG M . -25.57 16.43 42.38
C6 NAG M . -25.69 17.93 42.27
C7 NAG M . -22.59 12.00 42.26
C8 NAG M . -21.40 12.90 42.41
N2 NAG M . -23.79 12.61 42.18
O3 NAG M . -23.80 14.04 44.64
O4 NAG M . -25.43 16.39 44.78
O5 NAG M . -24.93 15.99 41.16
O6 NAG M . -24.89 18.44 41.20
O7 NAG M . -22.49 10.78 42.21
C1 BMA M . -24.44 16.99 45.67
C2 BMA M . -25.12 18.15 46.45
C3 BMA M . -24.25 18.61 47.62
C4 BMA M . -23.68 17.42 48.42
C5 BMA M . -22.94 16.50 47.46
C6 BMA M . -22.28 15.32 48.17
O2 BMA M . -26.37 17.74 46.99
O3 BMA M . -24.97 19.47 48.50
O4 BMA M . -22.79 17.87 49.43
O5 BMA M . -23.90 15.99 46.54
O6 BMA M . -21.50 15.84 49.24
C1 NAG N . 18.30 31.79 -5.56
C2 NAG N . 19.79 31.45 -5.51
C3 NAG N . 20.41 32.01 -4.23
C4 NAG N . 20.17 33.50 -4.17
C5 NAG N . 18.68 33.77 -4.22
C6 NAG N . 18.34 35.25 -4.23
C7 NAG N . 19.56 29.10 -4.77
C8 NAG N . 19.93 27.68 -5.08
N2 NAG N . 20.03 30.02 -5.63
O3 NAG N . 21.81 31.71 -4.22
O4 NAG N . 20.75 34.07 -3.00
O5 NAG N . 18.12 33.22 -5.42
O6 NAG N . 19.37 36.01 -4.86
O7 NAG N . 18.89 29.40 -3.80
C1 NAG N . 21.94 34.78 -3.45
C2 NAG N . 22.10 36.06 -2.65
C3 NAG N . 23.37 36.78 -3.07
C4 NAG N . 24.58 35.85 -3.02
C5 NAG N . 24.29 34.56 -3.77
C6 NAG N . 25.38 33.53 -3.62
C7 NAG N . 20.02 37.12 -1.87
C8 NAG N . 20.24 36.38 -0.57
N2 NAG N . 20.94 36.92 -2.81
O3 NAG N . 23.58 37.90 -2.21
O4 NAG N . 25.69 36.51 -3.62
O5 NAG N . 23.09 33.96 -3.26
O6 NAG N . 25.64 32.88 -4.87
O7 NAG N . 19.05 37.85 -2.03
C1 BMA N . 26.85 36.50 -2.77
C2 BMA N . 28.00 37.18 -3.55
C3 BMA N . 29.24 37.27 -2.66
C4 BMA N . 28.90 37.89 -1.29
C5 BMA N . 27.75 37.11 -0.64
C6 BMA N . 27.32 37.69 0.70
O2 BMA N . 27.66 38.50 -3.91
O3 BMA N . 30.27 38.02 -3.28
O4 BMA N . 30.03 37.83 -0.45
O5 BMA N . 26.61 37.17 -1.53
O6 BMA N . 26.51 36.72 1.35
#